data_5YIM
#
_entry.id   5YIM
#
_cell.length_a   139.650
_cell.length_b   295.430
_cell.length_c   194.610
_cell.angle_alpha   90.00
_cell.angle_beta   90.00
_cell.angle_gamma   90.00
#
_symmetry.space_group_name_H-M   'C 2 2 21'
#
_entity_poly.entity_id   1
_entity_poly.type   'polypeptide(L)'
_entity_poly.pdbx_seq_one_letter_code
;MGFSLYTDDTVKAAAQYAYDNYLGKPYTGSVESAPANFGGRMVYRQHHGLSHTLRTMAYAELIVEEARKAKLRGETLGKF
KDGRTIADVTPQELKKIMIAQAFFVAGRDDEASDAKNYQKYHEQSRDAFLKYVKDNESTLIPDVFKDQEDVNFYARVIED
KSHDWESTPAHVLINQGHMVDLVRVKQPPESFLQRYFSSMQRWIGSQATEAVFGIQRQFFHATYEVVAGFDSDNKEPHLV
VSGLGRYVIGEDGQPIREAPKKGQKEGDLKVFPQTYKLKENERLMRVDEFLKLPEIQNTFPGSGKHLQGGMPGMNEMDYW
NRLNSLNRARCENDVDFCLKQLQTAHDKAKIEPIKQAFQSSKGKERRQPNVDEIAAARIIQQILANPDCIHDDHVLINGQ
KLEQQFFRDLLAKCEMAVVGSLLNDTDIGNIDTLMRHEKDTEFHSTNPEAVPVKIGEYWINDQRINNSSGNITQKKHDLI
FLMQNDAWYFSRVNAIAQNRDKGSTFKEVLITTLMTPLTSKALVDTSQAKPPTRLFRGLNLSEEFTKGLIDQANAMIANT
TERLFTDHSPEAFKQIKLNDLSKMSGRTNASTTTEIKLVKETWDSNVIFEMLDPDGLLHSKQVGRHGEGTESEFSVYLPE
DVALVPVKVTLDGKTQKGENRYVFTFVAVKSPDFTPRHESGYAVEPFLRMQAAKLAEVKSSIEKAQRAPDLETIFNLQNE
VEAVQYSHLSTGYKNFLKNTVGPVLENSLSGLMESDTDTLSKALAAFPSDTQWSAFNFEEARQAKRQMDAIKQMVGNKVV
LDALTQCQDALEKQNIAGALDALKKIPSEKEMGTIRRELREQIQSARQELESLQRAVVTPVVTDEKKVRERYDALIENTS
KKITELETGKLPNLDAVKKGISNLSNLKQEVTVLRNEKIRMHVGTDKVDFSDVEKLEQQIQVIDTKLADAYLLEVTKQIS
;
_entity_poly.pdbx_strand_id   A,C
#
# COMPACT_ATOMS: atom_id res chain seq x y z
N MET A 1 -26.55 -13.67 -27.51
CA MET A 1 -27.64 -14.62 -27.73
C MET A 1 -27.53 -15.82 -26.80
N GLY A 2 -28.44 -16.78 -26.98
CA GLY A 2 -28.50 -17.94 -26.11
C GLY A 2 -29.10 -17.59 -24.76
N PHE A 3 -28.62 -18.22 -23.70
CA PHE A 3 -29.09 -17.87 -22.36
C PHE A 3 -28.00 -17.16 -21.57
N SER A 4 -28.38 -16.06 -20.92
CA SER A 4 -27.45 -15.33 -20.09
C SER A 4 -28.17 -14.59 -18.98
N LEU A 5 -27.40 -13.91 -18.15
CA LEU A 5 -27.95 -13.18 -17.02
C LEU A 5 -28.56 -11.89 -17.51
N TYR A 6 -27.83 -11.24 -18.42
CA TYR A 6 -28.18 -9.92 -18.90
C TYR A 6 -29.29 -9.95 -19.95
N THR A 7 -29.33 -11.01 -20.75
CA THR A 7 -30.33 -11.11 -21.79
C THR A 7 -31.70 -11.54 -21.26
N ASP A 8 -31.70 -12.49 -20.32
CA ASP A 8 -32.96 -13.05 -19.80
C ASP A 8 -33.74 -12.08 -18.92
N ASP A 9 -35.06 -12.03 -19.16
CA ASP A 9 -35.93 -11.09 -18.47
C ASP A 9 -36.54 -11.64 -17.18
N THR A 10 -36.71 -12.96 -17.10
CA THR A 10 -37.32 -13.57 -15.93
C THR A 10 -36.39 -13.40 -14.73
N VAL A 11 -35.11 -13.68 -14.95
CA VAL A 11 -34.09 -13.53 -13.92
C VAL A 11 -34.02 -12.08 -13.46
N LYS A 12 -34.00 -11.16 -14.42
CA LYS A 12 -33.95 -9.74 -14.10
C LYS A 12 -35.16 -9.30 -13.30
N ALA A 13 -36.33 -9.82 -13.66
CA ALA A 13 -37.55 -9.51 -12.95
C ALA A 13 -37.46 -10.01 -11.51
N ALA A 14 -36.89 -11.20 -11.35
CA ALA A 14 -36.69 -11.77 -10.02
C ALA A 14 -35.77 -10.88 -9.19
N ALA A 15 -34.72 -10.35 -9.81
CA ALA A 15 -33.78 -9.47 -9.14
C ALA A 15 -34.45 -8.16 -8.74
N GLN A 16 -35.28 -7.64 -9.64
CA GLN A 16 -36.00 -6.40 -9.38
C GLN A 16 -36.99 -6.58 -8.24
N TYR A 17 -37.63 -7.76 -8.20
CA TYR A 17 -38.56 -8.09 -7.13
C TYR A 17 -37.82 -8.16 -5.79
N ALA A 18 -36.69 -8.87 -5.81
CA ALA A 18 -35.87 -9.05 -4.63
C ALA A 18 -35.42 -7.71 -4.09
N TYR A 19 -35.06 -6.79 -4.98
CA TYR A 19 -34.63 -5.47 -4.55
C TYR A 19 -35.82 -4.70 -3.98
N ASP A 20 -36.88 -4.60 -4.79
CA ASP A 20 -38.04 -3.78 -4.46
C ASP A 20 -38.69 -4.18 -3.14
N ASN A 21 -38.64 -5.46 -2.81
CA ASN A 21 -39.32 -5.94 -1.61
C ASN A 21 -38.47 -6.17 -0.36
N TYR A 22 -37.17 -6.41 -0.54
CA TYR A 22 -36.30 -6.68 0.61
C TYR A 22 -34.98 -5.92 0.54
N LEU A 23 -34.21 -6.18 -0.52
CA LEU A 23 -32.88 -5.61 -0.65
C LEU A 23 -32.91 -4.07 -0.68
N GLY A 24 -33.96 -3.51 -1.26
CA GLY A 24 -34.13 -2.07 -1.27
C GLY A 24 -34.63 -1.55 0.05
N LYS A 25 -35.43 -2.37 0.74
CA LYS A 25 -35.94 -2.04 2.06
C LYS A 25 -34.82 -2.04 3.09
N PRO A 26 -34.88 -1.10 4.04
CA PRO A 26 -33.82 -0.94 5.06
C PRO A 26 -33.74 -2.09 6.04
N TYR A 27 -32.54 -2.35 6.55
CA TYR A 27 -32.34 -3.36 7.58
C TYR A 27 -33.16 -3.01 8.81
N THR A 28 -34.08 -3.89 9.16
CA THR A 28 -35.02 -3.64 10.26
C THR A 28 -34.47 -4.09 11.60
N GLY A 29 -33.44 -4.92 11.57
CA GLY A 29 -32.83 -5.42 12.79
C GLY A 29 -31.99 -4.36 13.48
N SER A 30 -31.40 -4.74 14.61
CA SER A 30 -30.66 -3.78 15.42
C SER A 30 -29.16 -3.99 15.29
N VAL A 31 -28.75 -5.08 14.65
CA VAL A 31 -27.33 -5.36 14.42
C VAL A 31 -26.72 -4.21 13.62
N GLU A 32 -25.43 -3.96 13.83
CA GLU A 32 -24.76 -2.80 13.25
C GLU A 32 -25.01 -2.71 11.75
N SER A 33 -26.12 -2.06 11.42
CA SER A 33 -26.51 -1.84 10.03
C SER A 33 -27.20 -0.50 9.87
N ALA A 34 -26.55 0.42 9.17
CA ALA A 34 -27.11 1.74 8.96
C ALA A 34 -27.15 2.06 7.46
N PRO A 35 -27.96 3.05 7.07
CA PRO A 35 -27.94 3.55 5.69
C PRO A 35 -26.65 4.30 5.37
N ALA A 36 -25.94 3.86 4.32
CA ALA A 36 -24.77 4.58 3.86
C ALA A 36 -25.16 5.57 2.78
N ASN A 37 -24.74 6.83 2.95
CA ASN A 37 -25.08 7.84 1.96
C ASN A 37 -23.96 8.09 0.95
N PHE A 38 -24.27 7.86 -0.32
CA PHE A 38 -23.31 7.99 -1.40
C PHE A 38 -23.73 9.08 -2.37
N GLY A 39 -23.02 10.21 -2.33
CA GLY A 39 -23.30 11.35 -3.17
C GLY A 39 -24.78 11.70 -3.22
N GLY A 40 -25.43 11.70 -2.05
CA GLY A 40 -26.83 12.05 -1.97
C GLY A 40 -27.79 10.87 -2.06
N ARG A 41 -27.44 9.89 -2.88
CA ARG A 41 -28.25 8.69 -2.99
C ARG A 41 -27.87 7.65 -1.93
N MET A 42 -28.87 7.13 -1.23
CA MET A 42 -28.65 6.23 -0.09
C MET A 42 -28.75 4.76 -0.42
N VAL A 43 -27.81 3.97 0.08
CA VAL A 43 -27.93 2.52 0.03
C VAL A 43 -27.98 1.92 1.44
N TYR A 44 -29.03 1.18 1.74
CA TYR A 44 -29.28 0.68 3.09
C TYR A 44 -28.41 -0.52 3.46
N ARG A 45 -28.17 -1.37 2.48
CA ARG A 45 -27.41 -2.59 2.68
C ARG A 45 -26.25 -2.68 1.70
N GLN A 46 -25.06 -2.33 2.17
CA GLN A 46 -23.89 -2.27 1.30
C GLN A 46 -23.15 -3.61 1.20
N HIS A 47 -23.12 -4.37 2.28
CA HIS A 47 -22.38 -5.63 2.29
C HIS A 47 -23.21 -6.78 1.69
N HIS A 48 -24.52 -6.75 1.90
CA HIS A 48 -25.42 -7.76 1.35
C HIS A 48 -26.58 -7.15 0.55
N GLY A 49 -26.26 -6.14 -0.27
CA GLY A 49 -27.24 -5.46 -1.09
C GLY A 49 -27.55 -6.07 -2.44
N LEU A 50 -27.96 -5.20 -3.37
CA LEU A 50 -28.31 -5.60 -4.72
C LEU A 50 -27.07 -5.86 -5.57
N SER A 51 -26.06 -5.00 -5.40
CA SER A 51 -24.80 -5.20 -6.10
C SER A 51 -24.21 -6.55 -5.72
N HIS A 52 -24.32 -6.89 -4.43
CA HIS A 52 -23.82 -8.17 -3.94
C HIS A 52 -24.48 -9.38 -4.60
N THR A 53 -25.80 -9.49 -4.45
CA THR A 53 -26.55 -10.60 -5.01
C THR A 53 -26.37 -10.70 -6.53
N LEU A 54 -26.44 -9.57 -7.21
CA LEU A 54 -26.20 -9.52 -8.64
C LEU A 54 -24.80 -10.05 -8.98
N ARG A 55 -23.82 -9.65 -8.17
CA ARG A 55 -22.46 -10.14 -8.32
C ARG A 55 -22.38 -11.65 -8.14
N THR A 56 -23.20 -12.19 -7.25
CA THR A 56 -23.19 -13.63 -7.01
C THR A 56 -23.74 -14.36 -8.22
N MET A 57 -24.80 -13.82 -8.81
CA MET A 57 -25.39 -14.43 -10.00
C MET A 57 -24.39 -14.40 -11.15
N ALA A 58 -23.70 -13.26 -11.26
CA ALA A 58 -22.63 -13.10 -12.25
C ALA A 58 -21.54 -14.13 -12.02
N TYR A 59 -21.17 -14.31 -10.76
CA TYR A 59 -20.17 -15.29 -10.37
C TYR A 59 -20.60 -16.67 -10.83
N ALA A 60 -21.89 -16.96 -10.69
CA ALA A 60 -22.43 -18.26 -11.05
C ALA A 60 -22.29 -18.52 -12.55
N GLU A 61 -22.79 -17.60 -13.37
CA GLU A 61 -22.68 -17.79 -14.82
C GLU A 61 -21.21 -17.91 -15.21
N LEU A 62 -20.37 -17.06 -14.61
CA LEU A 62 -18.94 -17.04 -14.88
C LEU A 62 -18.28 -18.38 -14.60
N ILE A 63 -18.60 -18.92 -13.42
CA ILE A 63 -18.11 -20.22 -12.99
C ILE A 63 -18.51 -21.30 -13.97
N VAL A 64 -19.79 -21.32 -14.35
CA VAL A 64 -20.26 -22.33 -15.29
C VAL A 64 -19.47 -22.25 -16.59
N GLU A 65 -19.33 -21.04 -17.12
CA GLU A 65 -18.63 -20.81 -18.38
C GLU A 65 -17.18 -21.28 -18.34
N GLU A 66 -16.47 -20.91 -17.26
CA GLU A 66 -15.07 -21.30 -17.14
C GLU A 66 -14.90 -22.79 -16.88
N ALA A 67 -15.93 -23.39 -16.29
CA ALA A 67 -15.95 -24.83 -16.10
C ALA A 67 -16.04 -25.51 -17.45
N ARG A 68 -16.93 -25.01 -18.29
CA ARG A 68 -17.09 -25.54 -19.63
C ARG A 68 -15.77 -25.41 -20.39
N LYS A 69 -15.13 -24.25 -20.26
CA LYS A 69 -13.83 -24.01 -20.89
C LYS A 69 -12.80 -25.01 -20.43
N ALA A 70 -12.83 -25.32 -19.13
CA ALA A 70 -11.89 -26.28 -18.58
C ALA A 70 -12.14 -27.67 -19.14
N LYS A 71 -13.40 -28.04 -19.29
CA LYS A 71 -13.73 -29.34 -19.85
C LYS A 71 -13.23 -29.41 -21.28
N LEU A 72 -13.35 -28.29 -21.99
CA LEU A 72 -12.90 -28.18 -23.37
C LEU A 72 -11.39 -28.36 -23.53
N ARG A 73 -10.61 -27.79 -22.62
CA ARG A 73 -9.16 -27.97 -22.64
C ARG A 73 -8.77 -29.41 -22.31
N GLY A 74 -9.75 -30.20 -21.87
CA GLY A 74 -9.53 -31.60 -21.57
C GLY A 74 -9.05 -31.86 -20.15
N GLU A 75 -9.59 -31.09 -19.21
CA GLU A 75 -9.17 -31.16 -17.83
C GLU A 75 -10.10 -32.08 -17.06
N THR A 76 -9.53 -32.98 -16.28
CA THR A 76 -10.30 -33.86 -15.40
C THR A 76 -10.97 -33.01 -14.33
N LEU A 77 -12.28 -33.11 -14.26
CA LEU A 77 -13.10 -32.15 -13.52
C LEU A 77 -13.78 -32.76 -12.31
N GLY A 78 -14.05 -31.94 -11.31
CA GLY A 78 -14.72 -32.40 -10.10
C GLY A 78 -16.15 -32.85 -10.38
N LYS A 79 -16.44 -34.11 -10.08
CA LYS A 79 -17.77 -34.66 -10.37
C LYS A 79 -18.57 -34.79 -9.08
N PHE A 80 -19.88 -34.89 -9.21
CA PHE A 80 -20.75 -35.02 -8.05
C PHE A 80 -21.10 -36.48 -7.81
N LYS A 81 -22.15 -36.74 -7.05
CA LYS A 81 -22.53 -38.13 -6.79
C LYS A 81 -22.92 -38.78 -8.11
N ASP A 82 -23.66 -38.04 -8.92
CA ASP A 82 -23.92 -38.42 -10.30
C ASP A 82 -22.68 -38.10 -11.14
N GLY A 83 -22.63 -38.63 -12.36
CA GLY A 83 -21.48 -38.41 -13.23
C GLY A 83 -21.26 -36.97 -13.63
N ARG A 84 -22.25 -36.12 -13.34
CA ARG A 84 -22.23 -34.72 -13.73
C ARG A 84 -21.17 -33.89 -13.03
N THR A 85 -20.72 -32.82 -13.71
CA THR A 85 -19.79 -31.86 -13.14
C THR A 85 -20.42 -30.47 -13.29
N ILE A 86 -19.70 -29.44 -12.86
CA ILE A 86 -20.19 -28.08 -12.99
C ILE A 86 -20.34 -27.70 -14.46
N ALA A 87 -19.49 -28.25 -15.30
CA ALA A 87 -19.52 -27.95 -16.73
C ALA A 87 -20.76 -28.54 -17.40
N ASP A 88 -21.46 -29.43 -16.70
CA ASP A 88 -22.64 -30.09 -17.22
C ASP A 88 -23.94 -29.40 -16.85
N VAL A 89 -23.83 -28.17 -16.33
CA VAL A 89 -25.02 -27.45 -15.91
C VAL A 89 -25.89 -27.04 -17.10
N THR A 90 -27.18 -27.30 -16.97
CA THR A 90 -28.17 -26.95 -17.97
C THR A 90 -28.51 -25.47 -17.87
N PRO A 91 -28.67 -24.79 -19.01
CA PRO A 91 -29.09 -23.38 -19.04
C PRO A 91 -30.34 -23.13 -18.20
N GLN A 92 -31.29 -24.06 -18.31
CA GLN A 92 -32.52 -23.99 -17.53
C GLN A 92 -32.21 -24.13 -16.05
N GLU A 93 -31.35 -25.09 -15.75
CA GLU A 93 -30.87 -25.27 -14.39
C GLU A 93 -30.23 -24.00 -13.89
N LEU A 94 -29.42 -23.37 -14.73
CA LEU A 94 -28.73 -22.15 -14.35
C LEU A 94 -29.73 -21.04 -14.06
N LYS A 95 -30.79 -20.97 -14.86
CA LYS A 95 -31.84 -19.99 -14.63
C LYS A 95 -32.46 -20.23 -13.26
N LYS A 96 -32.68 -21.50 -12.94
CA LYS A 96 -33.19 -21.84 -11.62
C LYS A 96 -32.23 -21.36 -10.52
N ILE A 97 -30.95 -21.67 -10.70
CA ILE A 97 -29.95 -21.37 -9.68
C ILE A 97 -29.87 -19.87 -9.44
N MET A 98 -29.93 -19.09 -10.50
CA MET A 98 -29.80 -17.65 -10.40
C MET A 98 -31.06 -17.03 -9.80
N ILE A 99 -32.23 -17.51 -10.23
CA ILE A 99 -33.48 -16.98 -9.70
C ILE A 99 -33.59 -17.28 -8.21
N ALA A 100 -33.08 -18.44 -7.80
CA ALA A 100 -33.01 -18.76 -6.38
C ALA A 100 -31.98 -17.88 -5.67
N GLN A 101 -30.88 -17.61 -6.38
CA GLN A 101 -29.75 -16.87 -5.85
C GLN A 101 -30.13 -15.43 -5.54
N ALA A 102 -31.11 -14.92 -6.27
CA ALA A 102 -31.60 -13.57 -6.06
C ALA A 102 -32.07 -13.35 -4.62
N PHE A 103 -32.69 -14.39 -4.05
CA PHE A 103 -33.30 -14.27 -2.73
C PHE A 103 -32.44 -14.81 -1.60
N PHE A 104 -31.20 -15.16 -1.90
CA PHE A 104 -30.33 -15.83 -0.94
C PHE A 104 -30.15 -15.04 0.35
N VAL A 105 -30.00 -13.72 0.22
CA VAL A 105 -29.77 -12.88 1.39
C VAL A 105 -30.92 -11.91 1.62
N ALA A 106 -32.08 -12.21 1.03
CA ALA A 106 -33.26 -11.36 1.19
C ALA A 106 -33.77 -11.40 2.62
N GLY A 107 -33.43 -12.48 3.32
CA GLY A 107 -33.90 -12.70 4.67
C GLY A 107 -33.36 -11.75 5.70
N ARG A 108 -32.09 -11.38 5.59
CA ARG A 108 -31.43 -10.57 6.60
C ARG A 108 -32.15 -9.26 6.87
N ASP A 109 -32.59 -9.07 8.11
CA ASP A 109 -33.19 -7.81 8.52
C ASP A 109 -32.15 -6.95 9.23
N ASP A 110 -30.95 -7.51 9.36
CA ASP A 110 -29.81 -6.82 9.94
C ASP A 110 -28.54 -7.48 9.44
N GLU A 111 -27.39 -6.84 9.67
CA GLU A 111 -26.13 -7.48 9.31
C GLU A 111 -25.87 -8.61 10.29
N ALA A 112 -25.94 -9.84 9.80
CA ALA A 112 -25.73 -10.99 10.65
C ALA A 112 -24.29 -11.13 11.10
N SER A 113 -24.11 -11.36 12.40
CA SER A 113 -22.81 -11.60 12.98
C SER A 113 -22.53 -13.10 12.95
N ASP A 114 -21.62 -13.53 13.80
CA ASP A 114 -21.34 -14.96 13.99
C ASP A 114 -22.49 -15.60 14.76
N ALA A 115 -23.47 -14.78 15.11
CA ALA A 115 -24.69 -15.23 15.78
C ALA A 115 -25.49 -16.14 14.86
N LYS A 116 -26.24 -17.04 15.48
CA LYS A 116 -26.84 -18.19 14.82
C LYS A 116 -28.28 -17.94 14.36
N ASN A 117 -28.78 -16.76 14.70
CA ASN A 117 -30.01 -16.24 14.09
C ASN A 117 -29.93 -16.19 12.57
N TYR A 118 -28.72 -16.32 12.02
CA TYR A 118 -28.53 -16.26 10.59
C TYR A 118 -29.39 -17.35 9.97
N GLN A 119 -29.48 -18.49 10.65
CA GLN A 119 -30.28 -19.58 10.12
C GLN A 119 -31.70 -19.09 9.87
N LYS A 120 -32.27 -18.45 10.89
CA LYS A 120 -33.59 -17.86 10.78
C LYS A 120 -33.69 -16.92 9.58
N TYR A 121 -32.67 -16.09 9.40
CA TYR A 121 -32.64 -15.17 8.26
C TYR A 121 -32.81 -15.93 6.96
N HIS A 122 -32.07 -17.03 6.82
CA HIS A 122 -32.12 -17.78 5.59
C HIS A 122 -33.53 -18.36 5.41
N GLU A 123 -34.14 -18.79 6.51
CA GLU A 123 -35.49 -19.29 6.44
C GLU A 123 -36.39 -18.18 5.94
N GLN A 124 -36.20 -16.98 6.49
CA GLN A 124 -36.97 -15.82 6.08
C GLN A 124 -36.79 -15.60 4.59
N SER A 125 -35.55 -15.75 4.12
CA SER A 125 -35.27 -15.53 2.71
C SER A 125 -35.99 -16.58 1.89
N ARG A 126 -35.98 -17.82 2.38
CA ARG A 126 -36.72 -18.89 1.71
C ARG A 126 -38.15 -18.48 1.52
N ASP A 127 -38.73 -17.91 2.58
CA ASP A 127 -40.14 -17.54 2.54
C ASP A 127 -40.33 -16.58 1.39
N ALA A 128 -39.42 -15.61 1.27
CA ALA A 128 -39.51 -14.63 0.21
C ALA A 128 -39.53 -15.32 -1.14
N PHE A 129 -38.62 -16.29 -1.30
CA PHE A 129 -38.53 -17.04 -2.55
C PHE A 129 -39.87 -17.69 -2.87
N LEU A 130 -40.48 -18.30 -1.87
CA LEU A 130 -41.74 -18.99 -2.08
C LEU A 130 -42.82 -17.98 -2.44
N LYS A 131 -42.76 -16.81 -1.81
CA LYS A 131 -43.77 -15.80 -2.07
C LYS A 131 -43.58 -15.26 -3.48
N TYR A 132 -42.36 -15.35 -4.00
CA TYR A 132 -42.12 -14.88 -5.36
C TYR A 132 -42.43 -15.98 -6.37
N VAL A 133 -42.82 -17.14 -5.90
CA VAL A 133 -43.20 -18.19 -6.84
C VAL A 133 -44.72 -18.22 -6.89
N LYS A 134 -45.33 -17.89 -5.76
CA LYS A 134 -46.78 -17.83 -5.66
C LYS A 134 -47.32 -16.52 -6.24
N ASP A 135 -46.43 -15.56 -6.47
CA ASP A 135 -46.82 -14.26 -7.03
C ASP A 135 -47.36 -14.45 -8.45
N ASN A 136 -46.73 -15.37 -9.17
CA ASN A 136 -47.05 -15.64 -10.56
C ASN A 136 -46.70 -17.07 -10.90
N GLU A 137 -47.40 -18.01 -10.27
CA GLU A 137 -47.22 -19.42 -10.56
C GLU A 137 -47.48 -19.69 -12.03
N SER A 138 -48.44 -18.94 -12.58
CA SER A 138 -48.88 -19.11 -13.96
C SER A 138 -47.74 -19.09 -14.97
N THR A 139 -46.89 -18.08 -14.87
CA THR A 139 -45.84 -17.86 -15.86
C THR A 139 -44.49 -18.42 -15.43
N LEU A 140 -44.42 -18.91 -14.20
CA LEU A 140 -43.14 -19.30 -13.62
C LEU A 140 -43.04 -20.79 -13.33
N ILE A 141 -44.11 -21.38 -12.82
CA ILE A 141 -44.07 -22.77 -12.35
C ILE A 141 -44.02 -23.82 -13.48
N PRO A 142 -44.96 -23.75 -14.45
CA PRO A 142 -44.82 -24.80 -15.47
C PRO A 142 -43.64 -24.55 -16.40
N ASP A 143 -43.24 -23.29 -16.53
CA ASP A 143 -42.23 -22.89 -17.51
C ASP A 143 -40.81 -23.02 -16.96
N VAL A 144 -40.49 -22.17 -15.98
CA VAL A 144 -39.14 -22.13 -15.41
C VAL A 144 -38.82 -23.39 -14.61
N PHE A 145 -39.67 -23.71 -13.65
CA PHE A 145 -39.51 -24.93 -12.87
C PHE A 145 -40.41 -26.04 -13.42
N LYS A 146 -40.57 -27.11 -12.65
CA LYS A 146 -41.45 -28.20 -13.03
C LYS A 146 -42.63 -28.31 -12.08
N ASP A 147 -42.33 -28.53 -10.81
CA ASP A 147 -43.34 -28.71 -9.77
C ASP A 147 -42.96 -27.93 -8.53
N GLN A 148 -43.87 -27.82 -7.58
CA GLN A 148 -43.57 -27.08 -6.36
C GLN A 148 -42.59 -27.86 -5.50
N GLU A 149 -42.39 -29.13 -5.85
CA GLU A 149 -41.35 -29.94 -5.23
C GLU A 149 -39.98 -29.34 -5.56
N ASP A 150 -39.76 -29.07 -6.84
CA ASP A 150 -38.57 -28.39 -7.32
C ASP A 150 -38.36 -27.05 -6.60
N VAL A 151 -39.46 -26.35 -6.40
CA VAL A 151 -39.45 -25.01 -5.84
C VAL A 151 -39.10 -25.10 -4.35
N ASN A 152 -39.50 -26.19 -3.73
CA ASN A 152 -39.14 -26.42 -2.34
C ASN A 152 -37.73 -26.99 -2.25
N PHE A 153 -37.21 -27.48 -3.37
CA PHE A 153 -35.82 -27.91 -3.38
C PHE A 153 -34.94 -26.69 -3.31
N TYR A 154 -35.21 -25.73 -4.19
CA TYR A 154 -34.37 -24.54 -4.19
C TYR A 154 -34.61 -23.78 -2.91
N ALA A 155 -35.85 -23.84 -2.42
CA ALA A 155 -36.21 -23.18 -1.18
C ALA A 155 -35.36 -23.74 -0.05
N ARG A 156 -35.19 -25.07 -0.06
CA ARG A 156 -34.39 -25.75 0.95
C ARG A 156 -32.91 -25.43 0.79
N VAL A 157 -32.45 -25.23 -0.44
CA VAL A 157 -31.07 -24.83 -0.69
C VAL A 157 -30.82 -23.45 -0.09
N ILE A 158 -31.85 -22.60 -0.18
CA ILE A 158 -31.77 -21.26 0.37
C ILE A 158 -31.89 -21.33 1.91
N GLU A 159 -32.55 -22.36 2.41
CA GLU A 159 -32.63 -22.59 3.86
C GLU A 159 -31.26 -22.74 4.48
N ASP A 160 -30.44 -23.58 3.84
CA ASP A 160 -29.15 -23.99 4.37
C ASP A 160 -29.28 -24.45 5.82
N LYS A 161 -30.14 -25.42 6.05
CA LYS A 161 -30.32 -25.99 7.39
C LYS A 161 -29.05 -26.74 7.78
N SER A 162 -28.26 -27.07 6.76
CA SER A 162 -26.96 -27.72 6.89
C SER A 162 -26.10 -27.27 5.73
N HIS A 163 -24.78 -27.24 5.91
CA HIS A 163 -23.89 -26.87 4.82
C HIS A 163 -23.81 -28.02 3.82
N ASP A 164 -24.73 -28.00 2.85
CA ASP A 164 -24.87 -29.07 1.87
C ASP A 164 -24.15 -28.81 0.57
N TRP A 165 -23.77 -29.89 -0.11
CA TRP A 165 -23.16 -29.82 -1.44
C TRP A 165 -23.55 -31.05 -2.24
N GLU A 166 -22.64 -31.48 -3.12
CA GLU A 166 -22.84 -32.65 -4.00
C GLU A 166 -23.99 -32.45 -4.99
N SER A 167 -24.84 -31.45 -4.74
CA SER A 167 -25.84 -31.04 -5.71
C SER A 167 -25.19 -30.10 -6.72
N THR A 168 -24.97 -30.61 -7.93
CA THR A 168 -24.31 -29.87 -8.98
C THR A 168 -24.91 -28.49 -9.22
N PRO A 169 -26.24 -28.42 -9.42
CA PRO A 169 -26.74 -27.09 -9.79
C PRO A 169 -26.62 -26.07 -8.65
N ALA A 170 -27.51 -26.18 -7.67
CA ALA A 170 -27.65 -25.14 -6.67
C ALA A 170 -26.56 -25.00 -5.62
N HIS A 171 -26.28 -26.09 -4.90
CA HIS A 171 -25.45 -26.01 -3.70
C HIS A 171 -24.08 -25.37 -3.88
N VAL A 172 -23.28 -25.90 -4.79
CA VAL A 172 -21.94 -25.38 -5.01
C VAL A 172 -21.97 -23.92 -5.48
N LEU A 173 -22.74 -23.66 -6.52
CA LEU A 173 -22.79 -22.35 -7.13
C LEU A 173 -23.32 -21.28 -6.19
N ILE A 174 -24.36 -21.60 -5.44
CA ILE A 174 -24.96 -20.63 -4.53
C ILE A 174 -24.07 -20.38 -3.32
N ASN A 175 -23.61 -21.47 -2.69
CA ASN A 175 -22.83 -21.37 -1.46
C ASN A 175 -21.47 -20.73 -1.71
N GLN A 176 -20.76 -21.27 -2.69
CA GLN A 176 -19.44 -20.76 -3.03
C GLN A 176 -19.54 -19.39 -3.67
N GLY A 177 -20.49 -19.24 -4.58
CA GLY A 177 -20.74 -17.98 -5.23
C GLY A 177 -21.00 -16.89 -4.21
N HIS A 178 -21.66 -17.25 -3.12
CA HIS A 178 -21.88 -16.30 -2.05
C HIS A 178 -20.61 -16.00 -1.28
N MET A 179 -19.96 -17.05 -0.77
CA MET A 179 -18.82 -16.84 0.11
C MET A 179 -17.63 -16.16 -0.58
N VAL A 180 -17.56 -16.28 -1.91
CA VAL A 180 -16.48 -15.68 -2.69
C VAL A 180 -16.56 -14.16 -2.67
N ASP A 181 -17.78 -13.64 -2.76
CA ASP A 181 -17.97 -12.20 -2.84
C ASP A 181 -17.50 -11.46 -1.58
N LEU A 182 -17.08 -12.21 -0.57
CA LEU A 182 -16.61 -11.61 0.67
C LEU A 182 -15.08 -11.49 0.73
N VAL A 183 -14.42 -11.68 -0.41
CA VAL A 183 -12.97 -11.48 -0.49
C VAL A 183 -12.59 -10.02 -0.26
N ARG A 184 -13.45 -9.10 -0.70
CA ARG A 184 -13.17 -7.68 -0.62
C ARG A 184 -12.96 -7.16 0.81
N VAL A 185 -13.51 -7.87 1.80
CA VAL A 185 -13.43 -7.35 3.17
C VAL A 185 -12.70 -8.21 4.19
N LYS A 186 -12.60 -9.52 3.95
CA LYS A 186 -12.03 -10.41 4.95
C LYS A 186 -10.53 -10.15 5.14
N GLN A 187 -10.10 -10.12 6.41
CA GLN A 187 -8.94 -9.34 6.83
C GLN A 187 -7.56 -9.79 6.32
N PRO A 188 -7.17 -11.07 6.52
CA PRO A 188 -5.89 -11.40 5.87
C PRO A 188 -6.15 -12.01 4.49
N PRO A 189 -6.05 -11.18 3.43
CA PRO A 189 -6.60 -11.56 2.12
C PRO A 189 -5.90 -12.75 1.48
N GLU A 190 -4.63 -12.98 1.79
CA GLU A 190 -3.88 -14.06 1.15
C GLU A 190 -4.44 -15.42 1.53
N SER A 191 -4.68 -15.61 2.82
CA SER A 191 -5.18 -16.89 3.29
C SER A 191 -6.59 -17.19 2.76
N PHE A 192 -7.42 -16.15 2.72
CA PHE A 192 -8.78 -16.31 2.24
C PHE A 192 -8.82 -16.58 0.74
N LEU A 193 -8.02 -15.84 -0.01
CA LEU A 193 -7.92 -16.08 -1.45
C LEU A 193 -7.42 -17.48 -1.75
N GLN A 194 -6.42 -17.94 -0.99
CA GLN A 194 -5.94 -19.30 -1.19
C GLN A 194 -7.00 -20.34 -0.86
N ARG A 195 -7.73 -20.11 0.22
CA ARG A 195 -8.72 -21.09 0.64
C ARG A 195 -9.77 -21.21 -0.44
N TYR A 196 -10.38 -20.08 -0.80
CA TYR A 196 -11.45 -20.08 -1.79
C TYR A 196 -10.95 -20.60 -3.14
N PHE A 197 -9.70 -20.27 -3.47
CA PHE A 197 -9.09 -20.77 -4.70
C PHE A 197 -9.00 -22.29 -4.70
N SER A 198 -8.57 -22.87 -3.58
CA SER A 198 -8.46 -24.32 -3.50
C SER A 198 -9.82 -24.97 -3.61
N SER A 199 -10.75 -24.39 -2.84
CA SER A 199 -12.12 -24.88 -2.78
C SER A 199 -12.75 -24.95 -4.15
N MET A 200 -12.71 -23.86 -4.90
CA MET A 200 -13.30 -23.84 -6.22
C MET A 200 -12.45 -24.62 -7.24
N GLN A 201 -11.15 -24.69 -7.00
CA GLN A 201 -10.22 -25.42 -7.88
C GLN A 201 -10.60 -26.89 -7.91
N ARG A 202 -11.06 -27.40 -6.77
CA ARG A 202 -11.48 -28.79 -6.74
C ARG A 202 -12.62 -29.06 -7.72
N TRP A 203 -13.43 -28.04 -7.98
CA TRP A 203 -14.53 -28.20 -8.92
C TRP A 203 -14.13 -27.88 -10.36
N ILE A 204 -13.28 -26.88 -10.55
CA ILE A 204 -13.05 -26.36 -11.90
C ILE A 204 -11.60 -26.47 -12.38
N GLY A 205 -10.65 -26.59 -11.46
CA GLY A 205 -9.26 -26.62 -11.87
C GLY A 205 -8.58 -25.29 -11.60
N SER A 206 -7.25 -25.30 -11.62
CA SER A 206 -6.49 -24.09 -11.29
C SER A 206 -6.69 -22.93 -12.25
N GLN A 207 -6.50 -23.18 -13.55
CA GLN A 207 -6.59 -22.12 -14.55
C GLN A 207 -7.94 -21.42 -14.55
N ALA A 208 -9.01 -22.20 -14.63
CA ALA A 208 -10.34 -21.64 -14.76
C ALA A 208 -10.77 -20.86 -13.51
N THR A 209 -10.35 -21.33 -12.35
CA THR A 209 -10.64 -20.61 -11.12
C THR A 209 -9.83 -19.31 -11.07
N GLU A 210 -8.57 -19.38 -11.52
CA GLU A 210 -7.76 -18.18 -11.65
C GLU A 210 -8.49 -17.15 -12.48
N ALA A 211 -9.10 -17.63 -13.58
CA ALA A 211 -9.88 -16.77 -14.46
C ALA A 211 -11.09 -16.20 -13.74
N VAL A 212 -11.75 -17.03 -12.94
CA VAL A 212 -12.97 -16.59 -12.26
C VAL A 212 -12.68 -15.49 -11.24
N PHE A 213 -11.56 -15.62 -10.52
CA PHE A 213 -11.17 -14.57 -9.58
C PHE A 213 -10.72 -13.32 -10.33
N GLY A 214 -9.97 -13.54 -11.42
CA GLY A 214 -9.51 -12.44 -12.25
C GLY A 214 -10.64 -11.56 -12.76
N ILE A 215 -11.72 -12.21 -13.19
CA ILE A 215 -12.87 -11.49 -13.70
C ILE A 215 -13.69 -10.94 -12.53
N GLN A 216 -13.59 -11.61 -11.38
CA GLN A 216 -14.22 -11.12 -10.17
C GLN A 216 -13.70 -9.74 -9.79
N ARG A 217 -12.38 -9.56 -9.93
CA ARG A 217 -11.77 -8.27 -9.66
C ARG A 217 -12.40 -7.18 -10.52
N GLN A 218 -12.58 -7.49 -11.80
CA GLN A 218 -13.13 -6.54 -12.74
C GLN A 218 -14.58 -6.25 -12.42
N PHE A 219 -15.29 -7.26 -11.92
CA PHE A 219 -16.66 -7.09 -11.46
C PHE A 219 -16.70 -6.12 -10.29
N PHE A 220 -15.77 -6.28 -9.37
CA PHE A 220 -15.64 -5.38 -8.22
C PHE A 220 -15.42 -3.95 -8.66
N HIS A 221 -14.46 -3.76 -9.57
CA HIS A 221 -14.20 -2.45 -10.14
C HIS A 221 -15.45 -1.86 -10.78
N ALA A 222 -16.18 -2.71 -11.50
CA ALA A 222 -17.36 -2.28 -12.24
C ALA A 222 -18.47 -1.86 -11.29
N THR A 223 -18.61 -2.59 -10.20
CA THR A 223 -19.64 -2.28 -9.22
C THR A 223 -19.11 -1.29 -8.19
N TYR A 224 -17.92 -0.77 -8.47
CA TYR A 224 -17.29 0.28 -7.65
C TYR A 224 -17.11 -0.15 -6.20
N GLU A 225 -16.56 -1.34 -6.02
CA GLU A 225 -16.24 -1.87 -4.71
C GLU A 225 -14.74 -2.16 -4.61
N VAL A 226 -14.24 -2.16 -3.38
CA VAL A 226 -12.82 -2.28 -3.10
C VAL A 226 -12.21 -3.58 -3.60
N VAL A 227 -11.06 -3.45 -4.27
CA VAL A 227 -10.30 -4.62 -4.71
C VAL A 227 -9.07 -4.81 -3.84
N ALA A 228 -9.04 -5.90 -3.09
CA ALA A 228 -7.97 -6.13 -2.12
C ALA A 228 -6.69 -6.58 -2.79
N GLY A 229 -5.55 -6.27 -2.16
CA GLY A 229 -4.26 -6.70 -2.65
C GLY A 229 -3.91 -8.14 -2.30
N PHE A 230 -2.69 -8.55 -2.66
CA PHE A 230 -2.22 -9.88 -2.32
C PHE A 230 -0.69 -9.85 -2.21
N ASP A 231 -0.16 -10.00 -1.00
CA ASP A 231 1.29 -9.97 -0.82
C ASP A 231 1.82 -11.32 -0.33
N SER A 232 2.63 -11.98 -1.16
CA SER A 232 3.21 -13.27 -0.81
C SER A 232 4.17 -13.17 0.36
N ASP A 233 4.72 -11.98 0.57
CA ASP A 233 5.70 -11.76 1.64
C ASP A 233 5.01 -11.22 2.87
N ASN A 234 3.70 -11.43 2.97
CA ASN A 234 2.94 -10.92 4.11
C ASN A 234 3.43 -11.52 5.42
N LYS A 235 3.53 -10.68 6.45
CA LYS A 235 4.05 -11.12 7.74
C LYS A 235 2.96 -11.21 8.78
N GLU A 236 1.73 -10.86 8.40
CA GLU A 236 0.59 -10.99 9.29
C GLU A 236 0.42 -12.43 9.74
N PRO A 237 -0.15 -12.62 10.93
CA PRO A 237 -0.42 -13.99 11.39
C PRO A 237 -1.43 -14.68 10.48
N HIS A 238 -1.03 -15.78 9.85
CA HIS A 238 -1.94 -16.52 8.99
C HIS A 238 -3.14 -17.03 9.78
N LEU A 239 -4.32 -16.92 9.18
CA LEU A 239 -5.54 -17.37 9.83
C LEU A 239 -6.18 -18.51 9.07
N VAL A 240 -6.36 -19.66 9.71
CA VAL A 240 -7.12 -20.75 9.13
C VAL A 240 -8.60 -20.38 9.15
N VAL A 241 -9.22 -20.21 7.99
CA VAL A 241 -10.59 -19.70 7.96
C VAL A 241 -11.57 -20.82 8.28
N SER A 242 -11.22 -22.05 7.92
CA SER A 242 -12.00 -23.21 8.31
C SER A 242 -11.89 -23.35 9.83
N GLY A 243 -12.66 -22.53 10.55
CA GLY A 243 -12.53 -22.37 11.98
C GLY A 243 -11.98 -21.01 12.36
N LEU A 244 -11.67 -20.84 13.64
CA LEU A 244 -11.10 -19.59 14.12
C LEU A 244 -9.63 -19.78 14.49
N GLY A 245 -9.04 -20.86 14.00
CA GLY A 245 -7.71 -21.25 14.42
C GLY A 245 -6.54 -20.75 13.59
N ARG A 246 -5.34 -20.96 14.12
CA ARG A 246 -4.11 -20.56 13.46
C ARG A 246 -3.09 -21.69 13.61
N TYR A 247 -2.19 -21.82 12.64
CA TYR A 247 -1.09 -22.76 12.81
C TYR A 247 -0.09 -22.16 13.78
N VAL A 248 0.48 -23.01 14.63
CA VAL A 248 1.46 -22.55 15.61
C VAL A 248 2.84 -23.13 15.31
N ILE A 249 3.80 -22.24 15.02
CA ILE A 249 5.16 -22.68 14.79
C ILE A 249 5.92 -22.78 16.12
N GLY A 250 6.06 -24.01 16.61
CA GLY A 250 6.78 -24.24 17.85
C GLY A 250 8.26 -24.02 17.60
N GLU A 251 9.09 -24.27 18.61
CA GLU A 251 10.54 -24.17 18.40
C GLU A 251 10.98 -25.17 17.33
N ASP A 252 11.73 -24.64 16.35
CA ASP A 252 12.36 -25.42 15.26
C ASP A 252 11.41 -25.82 14.13
N GLY A 253 10.11 -25.82 14.38
CA GLY A 253 9.17 -26.19 13.34
C GLY A 253 7.71 -25.87 13.64
N GLN A 254 6.84 -26.25 12.72
CA GLN A 254 5.40 -26.01 12.87
C GLN A 254 4.73 -27.23 13.46
N PRO A 255 3.96 -27.01 14.53
CA PRO A 255 3.32 -28.12 15.25
C PRO A 255 2.23 -28.77 14.40
N ILE A 256 2.44 -30.04 14.07
CA ILE A 256 1.52 -30.79 13.23
C ILE A 256 0.77 -31.84 14.06
N ARG A 257 -0.25 -32.45 13.47
CA ARG A 257 -1.09 -33.43 14.17
C ARG A 257 -0.37 -34.76 14.32
N GLU A 258 -1.05 -35.71 14.95
CA GLU A 258 -0.50 -37.06 15.11
C GLU A 258 -0.24 -37.70 13.76
N ALA A 259 0.90 -38.38 13.63
CA ALA A 259 1.30 -38.99 12.38
C ALA A 259 0.24 -39.96 11.84
N PRO A 260 0.10 -41.11 12.50
CA PRO A 260 -0.81 -42.17 12.07
C PRO A 260 -0.52 -42.58 10.62
N LYS A 261 0.59 -43.29 10.44
CA LYS A 261 1.03 -43.72 9.12
C LYS A 261 0.05 -44.70 8.50
N GLY A 267 5.13 -39.58 10.05
CA GLY A 267 4.99 -39.98 8.66
C GLY A 267 4.14 -38.99 7.88
N ASP A 268 4.69 -37.81 7.63
CA ASP A 268 4.02 -36.74 6.90
C ASP A 268 2.67 -36.38 7.53
N LEU A 269 2.71 -35.95 8.79
CA LEU A 269 1.50 -35.59 9.52
C LEU A 269 1.02 -34.20 9.13
N LYS A 270 -0.30 -34.05 8.98
CA LYS A 270 -0.90 -32.77 8.58
C LYS A 270 -0.67 -31.72 9.66
N VAL A 271 -0.50 -30.47 9.23
CA VAL A 271 -0.28 -29.37 10.17
C VAL A 271 -1.48 -29.18 11.09
N PHE A 272 -1.21 -29.16 12.40
CA PHE A 272 -2.27 -29.01 13.39
C PHE A 272 -2.46 -27.56 13.77
N PRO A 273 -3.72 -27.15 13.91
CA PRO A 273 -4.03 -25.78 14.28
C PRO A 273 -5.12 -25.74 15.33
N GLN A 274 -4.96 -24.84 16.30
CA GLN A 274 -5.95 -24.64 17.34
C GLN A 274 -6.43 -23.20 17.35
N THR A 275 -7.48 -22.91 18.10
CA THR A 275 -7.97 -21.54 18.20
C THR A 275 -7.04 -20.73 19.10
N TYR A 276 -7.50 -19.56 19.53
CA TYR A 276 -6.70 -18.68 20.38
C TYR A 276 -6.23 -19.40 21.67
N LYS A 277 -5.05 -20.00 21.60
CA LYS A 277 -4.48 -20.74 22.73
C LYS A 277 -3.35 -19.97 23.38
N LEU A 278 -2.63 -20.63 24.29
CA LEU A 278 -1.54 -20.01 25.01
C LEU A 278 -0.21 -20.23 24.30
N LYS A 279 0.66 -19.22 24.36
CA LYS A 279 1.96 -19.30 23.72
C LYS A 279 2.99 -19.87 24.69
N GLU A 280 3.80 -20.80 24.20
CA GLU A 280 4.83 -21.42 25.02
C GLU A 280 6.20 -21.34 24.33
N ASN A 281 6.83 -20.18 24.42
CA ASN A 281 8.09 -19.91 23.74
C ASN A 281 7.99 -20.21 22.25
N GLU A 282 6.88 -19.78 21.65
CA GLU A 282 6.61 -20.01 20.24
C GLU A 282 5.59 -19.01 19.71
N ARG A 283 5.60 -18.79 18.40
CA ARG A 283 4.72 -17.80 17.79
C ARG A 283 3.77 -18.43 16.76
N LEU A 284 2.75 -17.68 16.37
CA LEU A 284 1.82 -18.12 15.35
C LEU A 284 2.47 -18.01 13.96
N MET A 285 2.08 -18.92 13.07
CA MET A 285 2.64 -18.99 11.71
C MET A 285 2.24 -17.78 10.85
N ARG A 286 3.23 -17.18 10.19
CA ARG A 286 2.94 -16.02 9.34
C ARG A 286 2.34 -16.45 8.01
N VAL A 287 1.74 -15.50 7.32
CA VAL A 287 1.13 -15.75 6.02
C VAL A 287 2.15 -16.22 4.98
N ASP A 288 3.26 -15.49 4.85
CA ASP A 288 4.29 -15.85 3.89
C ASP A 288 4.83 -17.24 4.20
N GLU A 289 4.96 -17.54 5.48
CA GLU A 289 5.46 -18.85 5.92
C GLU A 289 4.52 -19.95 5.46
N PHE A 290 3.22 -19.67 5.59
CA PHE A 290 2.22 -20.63 5.16
C PHE A 290 2.32 -20.84 3.65
N LEU A 291 2.43 -19.74 2.91
CA LEU A 291 2.49 -19.80 1.46
C LEU A 291 3.77 -20.45 0.94
N LYS A 292 4.79 -20.53 1.80
CA LYS A 292 6.08 -21.10 1.41
C LYS A 292 6.12 -22.62 1.55
N LEU A 293 5.13 -23.19 2.22
CA LEU A 293 5.04 -24.65 2.37
C LEU A 293 4.89 -25.32 1.02
N PRO A 294 5.73 -26.34 0.74
CA PRO A 294 5.80 -27.03 -0.55
C PRO A 294 4.44 -27.47 -1.08
N GLU A 295 3.59 -27.99 -0.21
CA GLU A 295 2.25 -28.40 -0.62
C GLU A 295 1.48 -27.19 -1.15
N ILE A 296 1.60 -26.07 -0.46
CA ILE A 296 0.98 -24.83 -0.90
C ILE A 296 1.59 -24.37 -2.21
N GLN A 297 2.92 -24.35 -2.27
CA GLN A 297 3.65 -23.90 -3.44
C GLN A 297 3.30 -24.70 -4.69
N ASN A 298 2.91 -25.95 -4.50
CA ASN A 298 2.51 -26.81 -5.60
C ASN A 298 1.04 -26.61 -5.94
N THR A 299 0.24 -26.43 -4.90
CA THR A 299 -1.21 -26.26 -5.08
C THR A 299 -1.62 -24.86 -5.52
N PHE A 300 -0.89 -23.86 -5.05
CA PHE A 300 -1.30 -22.47 -5.22
C PHE A 300 -0.37 -21.70 -6.14
N PRO A 301 -0.94 -21.08 -7.18
CA PRO A 301 -0.16 -20.26 -8.11
C PRO A 301 0.14 -18.87 -7.55
N GLY A 302 -0.23 -18.66 -6.28
CA GLY A 302 -0.06 -17.36 -5.64
C GLY A 302 1.24 -17.24 -4.87
N SER A 303 2.21 -18.06 -5.23
CA SER A 303 3.57 -17.92 -4.69
C SER A 303 4.20 -16.62 -5.17
N GLY A 304 3.67 -16.08 -6.27
CA GLY A 304 4.16 -14.84 -6.83
C GLY A 304 3.72 -13.66 -6.01
N LYS A 305 4.68 -12.81 -5.66
CA LYS A 305 4.46 -11.65 -4.78
C LYS A 305 3.52 -10.62 -5.41
N HIS A 306 3.11 -10.87 -6.66
CA HIS A 306 2.40 -9.88 -7.46
C HIS A 306 1.03 -9.56 -6.87
N LEU A 307 0.17 -8.99 -7.71
CA LEU A 307 -1.21 -8.61 -7.34
C LEU A 307 -1.22 -7.43 -6.38
N GLN A 308 -1.60 -6.26 -6.89
CA GLN A 308 -1.62 -5.03 -6.12
C GLN A 308 -3.05 -4.53 -5.96
N GLY A 309 -3.41 -4.18 -4.73
CA GLY A 309 -4.77 -3.75 -4.44
C GLY A 309 -5.12 -2.44 -5.10
N GLY A 310 -6.41 -2.14 -5.13
CA GLY A 310 -6.89 -0.90 -5.70
C GLY A 310 -6.86 -0.96 -7.22
N MET A 311 -7.04 0.20 -7.84
CA MET A 311 -7.05 0.30 -9.30
C MET A 311 -5.69 0.74 -9.82
N PRO A 312 -5.25 0.15 -10.95
CA PRO A 312 -3.98 0.59 -11.56
C PRO A 312 -4.06 2.05 -11.99
N GLY A 313 -3.33 2.91 -11.29
CA GLY A 313 -3.42 4.35 -11.49
C GLY A 313 -4.18 4.96 -10.33
N MET A 314 -4.38 6.28 -10.38
CA MET A 314 -5.02 7.06 -9.30
C MET A 314 -4.75 6.50 -7.90
N ASN A 315 -3.48 6.21 -7.62
CA ASN A 315 -3.04 5.69 -6.33
C ASN A 315 -3.46 6.56 -5.14
N GLU A 316 -3.86 7.79 -5.44
CA GLU A 316 -4.29 8.74 -4.42
C GLU A 316 -5.59 8.30 -3.75
N MET A 317 -6.21 9.23 -3.04
CA MET A 317 -7.48 8.96 -2.37
C MET A 317 -8.64 9.06 -3.35
N ASP A 318 -8.30 9.16 -4.63
CA ASP A 318 -9.29 9.15 -5.69
C ASP A 318 -10.04 7.82 -5.73
N TYR A 319 -9.37 6.75 -5.32
CA TYR A 319 -10.00 5.46 -5.25
C TYR A 319 -11.11 5.42 -4.21
N TRP A 320 -10.82 5.92 -3.02
CA TRP A 320 -11.80 5.93 -1.93
C TRP A 320 -12.95 6.92 -2.16
N ASN A 321 -12.69 8.01 -2.87
CA ASN A 321 -13.77 8.92 -3.26
C ASN A 321 -14.60 8.31 -4.38
N ARG A 322 -13.94 7.54 -5.23
CA ARG A 322 -14.62 6.80 -6.27
C ARG A 322 -15.59 5.81 -5.67
N LEU A 323 -15.16 5.12 -4.61
CA LEU A 323 -16.01 4.15 -3.93
C LEU A 323 -17.09 4.83 -3.10
N ASN A 324 -16.89 6.13 -2.85
CA ASN A 324 -17.85 6.91 -2.06
C ASN A 324 -18.71 7.79 -2.97
N SER A 325 -18.68 7.49 -4.27
CA SER A 325 -19.30 8.33 -5.28
C SER A 325 -20.73 7.94 -5.66
N LEU A 326 -21.16 8.41 -6.83
CA LEU A 326 -22.48 8.10 -7.38
C LEU A 326 -22.66 6.64 -7.70
N ASN A 327 -21.76 6.17 -8.57
CA ASN A 327 -21.89 4.88 -9.22
C ASN A 327 -22.05 3.72 -8.25
N ARG A 328 -21.56 3.88 -7.03
CA ARG A 328 -21.80 2.88 -6.00
C ARG A 328 -23.29 2.82 -5.69
N ALA A 329 -23.90 3.99 -5.50
CA ALA A 329 -25.34 4.07 -5.25
C ALA A 329 -26.13 3.64 -6.48
N ARG A 330 -25.65 4.01 -7.66
CA ARG A 330 -26.31 3.62 -8.91
C ARG A 330 -26.30 2.11 -9.10
N CYS A 331 -25.19 1.47 -8.75
CA CYS A 331 -25.06 0.02 -8.85
C CYS A 331 -25.91 -0.66 -7.80
N GLU A 332 -26.05 -0.02 -6.64
CA GLU A 332 -26.80 -0.64 -5.56
C GLU A 332 -28.33 -0.43 -5.66
N ASN A 333 -28.78 0.57 -6.41
CA ASN A 333 -30.20 0.88 -6.51
C ASN A 333 -30.87 0.66 -7.87
N ASP A 334 -30.08 0.69 -8.95
CA ASP A 334 -30.62 0.48 -10.29
C ASP A 334 -30.17 -0.85 -10.88
N VAL A 335 -31.10 -1.80 -11.00
CA VAL A 335 -30.77 -3.16 -11.45
C VAL A 335 -30.18 -3.20 -12.86
N ASP A 336 -30.84 -2.51 -13.79
CA ASP A 336 -30.41 -2.54 -15.19
C ASP A 336 -29.03 -1.92 -15.35
N PHE A 337 -28.75 -0.89 -14.56
CA PHE A 337 -27.46 -0.22 -14.62
C PHE A 337 -26.35 -1.13 -14.10
N CYS A 338 -26.59 -1.75 -12.95
CA CYS A 338 -25.61 -2.66 -12.34
C CYS A 338 -25.32 -3.83 -13.27
N LEU A 339 -26.38 -4.35 -13.87
CA LEU A 339 -26.27 -5.44 -14.85
C LEU A 339 -25.48 -5.00 -16.08
N LYS A 340 -25.67 -3.73 -16.47
CA LYS A 340 -24.91 -3.16 -17.57
C LYS A 340 -23.41 -3.13 -17.24
N GLN A 341 -23.10 -2.73 -16.02
CA GLN A 341 -21.73 -2.70 -15.54
C GLN A 341 -21.09 -4.08 -15.54
N LEU A 342 -21.80 -5.04 -14.97
CA LEU A 342 -21.33 -6.41 -14.91
C LEU A 342 -21.10 -6.96 -16.31
N GLN A 343 -22.03 -6.71 -17.23
CA GLN A 343 -21.91 -7.28 -18.57
C GLN A 343 -20.80 -6.64 -19.39
N THR A 344 -20.63 -5.31 -19.25
CA THR A 344 -19.56 -4.64 -19.98
C THR A 344 -18.20 -5.12 -19.48
N ALA A 345 -18.08 -5.24 -18.16
CA ALA A 345 -16.86 -5.79 -17.58
C ALA A 345 -16.61 -7.24 -18.05
N HIS A 346 -17.69 -8.01 -18.15
CA HIS A 346 -17.60 -9.41 -18.54
C HIS A 346 -17.12 -9.57 -19.97
N ASP A 347 -17.75 -8.84 -20.90
CA ASP A 347 -17.36 -8.89 -22.31
C ASP A 347 -15.94 -8.37 -22.51
N LYS A 348 -15.60 -7.29 -21.81
CA LYS A 348 -14.24 -6.79 -21.80
C LYS A 348 -13.30 -7.92 -21.38
N ALA A 349 -13.73 -8.72 -20.41
CA ALA A 349 -12.94 -9.84 -19.94
C ALA A 349 -12.87 -10.94 -21.00
N LYS A 350 -13.86 -10.96 -21.89
CA LYS A 350 -13.85 -11.94 -22.98
C LYS A 350 -12.86 -11.54 -24.06
N ILE A 351 -12.61 -10.24 -24.18
CA ILE A 351 -11.72 -9.73 -25.24
C ILE A 351 -10.26 -9.54 -24.82
N GLU A 352 -10.03 -8.99 -23.62
CA GLU A 352 -8.70 -8.57 -23.18
C GLU A 352 -7.57 -9.59 -23.35
N PRO A 353 -7.77 -10.87 -22.96
CA PRO A 353 -6.64 -11.80 -23.10
C PRO A 353 -6.21 -12.04 -24.56
N ILE A 354 -7.17 -12.00 -25.47
CA ILE A 354 -6.87 -12.14 -26.89
C ILE A 354 -5.92 -11.04 -27.34
N LYS A 355 -6.20 -9.82 -26.91
CA LYS A 355 -5.38 -8.69 -27.28
C LYS A 355 -4.05 -8.72 -26.53
N GLN A 356 -4.02 -9.38 -25.39
CA GLN A 356 -2.79 -9.48 -24.61
C GLN A 356 -1.87 -10.52 -25.23
N ALA A 357 -2.45 -11.39 -26.05
CA ALA A 357 -1.69 -12.44 -26.71
C ALA A 357 -0.78 -11.91 -27.84
N PHE A 358 -1.26 -10.93 -28.60
CA PHE A 358 -0.53 -10.44 -29.77
C PHE A 358 0.00 -9.03 -29.62
N GLN A 359 0.87 -8.66 -30.55
CA GLN A 359 1.40 -7.31 -30.68
C GLN A 359 0.26 -6.30 -30.85
N SER A 360 0.49 -5.05 -30.43
CA SER A 360 -0.58 -4.07 -30.44
C SER A 360 -0.63 -3.38 -31.79
N SER A 361 -1.81 -2.90 -32.18
CA SER A 361 -1.97 -2.14 -33.40
C SER A 361 -1.41 -0.74 -33.27
N LYS A 362 -0.28 -0.48 -33.92
CA LYS A 362 0.32 0.85 -33.90
C LYS A 362 -0.41 1.72 -34.89
N GLY A 363 -1.64 2.09 -34.57
CA GLY A 363 -2.48 2.85 -35.47
C GLY A 363 -2.59 2.14 -36.80
N LYS A 364 -2.14 2.82 -37.86
CA LYS A 364 -2.09 2.28 -39.22
C LYS A 364 -3.32 1.47 -39.59
N GLU A 365 -4.49 2.10 -39.51
CA GLU A 365 -5.76 1.41 -39.70
C GLU A 365 -5.81 0.54 -40.95
N ARG A 366 -5.53 1.11 -42.11
CA ARG A 366 -5.37 0.27 -43.28
C ARG A 366 -4.03 0.50 -43.97
N ARG A 367 -3.47 -0.59 -44.48
CA ARG A 367 -2.12 -0.61 -45.02
C ARG A 367 -1.94 0.26 -46.28
N GLN A 368 -0.69 0.62 -46.56
CA GLN A 368 -0.32 1.33 -47.79
C GLN A 368 0.15 0.32 -48.84
N PRO A 369 -0.21 0.57 -50.11
CA PRO A 369 0.07 -0.39 -51.19
C PRO A 369 1.53 -0.80 -51.30
N ASN A 370 1.78 -2.08 -51.54
CA ASN A 370 3.12 -2.55 -51.84
C ASN A 370 3.32 -2.63 -53.35
N VAL A 371 4.51 -3.05 -53.76
CA VAL A 371 4.88 -3.10 -55.17
C VAL A 371 3.94 -3.91 -56.04
N ASP A 372 3.61 -5.10 -55.56
CA ASP A 372 2.79 -6.03 -56.32
C ASP A 372 1.38 -5.52 -56.48
N GLU A 373 0.86 -4.85 -55.46
CA GLU A 373 -0.49 -4.28 -55.54
C GLU A 373 -0.51 -3.09 -56.50
N ILE A 374 0.59 -2.35 -56.58
CA ILE A 374 0.71 -1.27 -57.56
C ILE A 374 0.66 -1.82 -58.97
N ALA A 375 1.56 -2.76 -59.24
CA ALA A 375 1.63 -3.39 -60.55
C ALA A 375 0.30 -4.00 -60.95
N ALA A 376 -0.34 -4.67 -59.99
CA ALA A 376 -1.62 -5.31 -60.22
C ALA A 376 -2.69 -4.28 -60.57
N ALA A 377 -2.73 -3.20 -59.80
CA ALA A 377 -3.69 -2.15 -60.05
C ALA A 377 -3.50 -1.59 -61.45
N ARG A 378 -2.25 -1.47 -61.87
CA ARG A 378 -1.98 -0.92 -63.18
C ARG A 378 -2.41 -1.89 -64.29
N ILE A 379 -2.13 -3.18 -64.10
CA ILE A 379 -2.55 -4.20 -65.07
C ILE A 379 -4.06 -4.22 -65.22
N ILE A 380 -4.76 -4.21 -64.08
CA ILE A 380 -6.21 -4.15 -64.05
C ILE A 380 -6.72 -2.91 -64.77
N GLN A 381 -6.05 -1.79 -64.54
CA GLN A 381 -6.41 -0.54 -65.19
C GLN A 381 -6.30 -0.66 -66.70
N GLN A 382 -5.29 -1.40 -67.16
CA GLN A 382 -5.10 -1.59 -68.59
C GLN A 382 -6.17 -2.51 -69.15
N ILE A 383 -6.47 -3.61 -68.45
CA ILE A 383 -7.50 -4.53 -68.89
C ILE A 383 -8.85 -3.85 -68.98
N LEU A 384 -9.14 -2.94 -68.04
CA LEU A 384 -10.36 -2.16 -68.13
C LEU A 384 -10.33 -1.18 -69.30
N ALA A 385 -9.22 -0.47 -69.43
CA ALA A 385 -9.07 0.52 -70.49
C ALA A 385 -9.10 -0.13 -71.87
N ASN A 386 -8.39 -1.23 -72.02
CA ASN A 386 -8.28 -1.94 -73.29
C ASN A 386 -8.79 -3.38 -73.20
N PRO A 387 -10.11 -3.56 -73.31
CA PRO A 387 -10.76 -4.88 -73.17
C PRO A 387 -10.37 -5.85 -74.28
N ASP A 388 -9.62 -5.35 -75.24
CA ASP A 388 -9.08 -6.16 -76.33
C ASP A 388 -8.01 -7.12 -75.83
N CYS A 389 -7.44 -6.81 -74.67
CA CYS A 389 -6.41 -7.65 -74.05
C CYS A 389 -6.93 -9.04 -73.74
N ILE A 390 -8.24 -9.13 -73.50
CA ILE A 390 -8.86 -10.38 -73.09
C ILE A 390 -9.06 -11.34 -74.25
N HIS A 391 -8.74 -12.61 -74.01
CA HIS A 391 -9.00 -13.67 -74.97
C HIS A 391 -9.83 -14.75 -74.31
N ASP A 392 -10.22 -15.77 -75.07
CA ASP A 392 -11.09 -16.82 -74.55
C ASP A 392 -10.40 -17.63 -73.44
N ASP A 393 -9.07 -17.65 -73.46
CA ASP A 393 -8.31 -18.43 -72.49
C ASP A 393 -7.54 -17.55 -71.52
N HIS A 394 -6.92 -16.51 -72.04
CA HIS A 394 -5.98 -15.69 -71.29
C HIS A 394 -6.12 -14.20 -71.58
N VAL A 395 -5.34 -13.38 -70.88
CA VAL A 395 -5.23 -11.97 -71.20
C VAL A 395 -3.80 -11.59 -71.61
N LEU A 396 -3.63 -11.28 -72.89
CA LEU A 396 -2.34 -10.86 -73.43
C LEU A 396 -2.15 -9.36 -73.20
N ILE A 397 -0.95 -8.97 -72.78
CA ILE A 397 -0.68 -7.57 -72.46
C ILE A 397 0.81 -7.25 -72.60
N ASN A 398 1.13 -6.36 -73.55
CA ASN A 398 2.50 -6.04 -73.92
C ASN A 398 3.37 -7.29 -74.08
N GLY A 399 2.88 -8.24 -74.87
CA GLY A 399 3.59 -9.48 -75.12
C GLY A 399 3.68 -10.43 -73.93
N GLN A 400 2.79 -10.25 -72.96
CA GLN A 400 2.79 -11.13 -71.80
C GLN A 400 1.46 -11.87 -71.65
N LYS A 401 1.55 -13.19 -71.64
CA LYS A 401 0.36 -14.05 -71.50
C LYS A 401 -0.03 -14.16 -70.02
N LEU A 402 -1.27 -13.80 -69.71
CA LEU A 402 -1.73 -13.88 -68.33
C LEU A 402 -2.86 -14.90 -68.20
N GLU A 403 -2.55 -16.04 -67.60
CA GLU A 403 -3.52 -17.11 -67.43
C GLU A 403 -4.40 -16.89 -66.21
N GLN A 404 -5.34 -17.81 -65.99
CA GLN A 404 -6.29 -17.72 -64.88
C GLN A 404 -5.61 -17.75 -63.52
N GLN A 405 -4.55 -18.54 -63.41
CA GLN A 405 -3.84 -18.70 -62.14
C GLN A 405 -3.24 -17.37 -61.67
N PHE A 406 -2.92 -16.49 -62.61
CA PHE A 406 -2.36 -15.17 -62.29
C PHE A 406 -3.37 -14.31 -61.56
N PHE A 407 -4.59 -14.30 -62.07
CA PHE A 407 -5.66 -13.51 -61.49
C PHE A 407 -6.13 -14.14 -60.18
N ARG A 408 -6.08 -15.46 -60.11
CA ARG A 408 -6.36 -16.11 -58.83
C ARG A 408 -5.32 -15.69 -57.81
N ASP A 409 -4.04 -15.72 -58.19
CA ASP A 409 -2.97 -15.27 -57.32
C ASP A 409 -3.17 -13.82 -56.93
N LEU A 410 -3.76 -13.04 -57.82
CA LEU A 410 -4.04 -11.65 -57.48
C LEU A 410 -5.07 -11.61 -56.36
N LEU A 411 -6.13 -12.40 -56.51
CA LEU A 411 -7.19 -12.46 -55.51
C LEU A 411 -6.65 -12.92 -54.15
N ALA A 412 -5.68 -13.83 -54.17
CA ALA A 412 -5.14 -14.40 -52.95
C ALA A 412 -4.14 -13.47 -52.25
N LYS A 413 -3.09 -13.08 -52.97
CA LYS A 413 -1.99 -12.31 -52.41
C LYS A 413 -2.34 -10.84 -52.16
N CYS A 414 -2.89 -10.17 -53.17
CA CYS A 414 -3.20 -8.75 -53.08
C CYS A 414 -4.33 -8.47 -52.11
N GLU A 415 -4.26 -7.35 -51.42
CA GLU A 415 -5.36 -6.91 -50.59
C GLU A 415 -6.15 -5.97 -51.48
N MET A 416 -7.25 -6.47 -52.05
CA MET A 416 -7.95 -5.75 -53.12
C MET A 416 -8.62 -4.45 -52.70
N ALA A 417 -8.66 -4.18 -51.40
CA ALA A 417 -9.21 -2.93 -50.91
C ALA A 417 -8.22 -1.80 -51.15
N VAL A 418 -6.95 -2.07 -50.90
CA VAL A 418 -5.89 -1.13 -51.20
C VAL A 418 -5.78 -0.92 -52.71
N VAL A 419 -5.77 -2.02 -53.45
CA VAL A 419 -5.79 -1.97 -54.91
C VAL A 419 -6.94 -1.09 -55.34
N GLY A 420 -8.07 -1.23 -54.65
CA GLY A 420 -9.21 -0.38 -54.90
C GLY A 420 -8.90 1.08 -54.63
N SER A 421 -8.10 1.34 -53.61
CA SER A 421 -7.73 2.71 -53.29
C SER A 421 -6.90 3.30 -54.42
N LEU A 422 -6.19 2.43 -55.13
CA LEU A 422 -5.38 2.88 -56.26
C LEU A 422 -6.21 3.31 -57.48
N LEU A 423 -7.35 2.67 -57.70
CA LEU A 423 -8.16 2.88 -58.89
C LEU A 423 -8.83 4.25 -58.92
N ASN A 424 -9.30 4.67 -60.10
CA ASN A 424 -9.94 5.99 -60.27
C ASN A 424 -11.28 5.92 -60.99
N ASP A 425 -11.97 7.06 -61.07
CA ASP A 425 -13.32 7.09 -61.65
C ASP A 425 -13.34 6.68 -63.11
N THR A 426 -12.22 6.89 -63.81
CA THR A 426 -12.10 6.55 -65.22
C THR A 426 -12.25 5.04 -65.43
N ASP A 427 -11.75 4.27 -64.46
CA ASP A 427 -11.82 2.82 -64.49
C ASP A 427 -13.28 2.37 -64.29
N ILE A 428 -13.92 2.97 -63.28
CA ILE A 428 -15.33 2.72 -63.01
C ILE A 428 -16.14 3.05 -64.25
N GLY A 429 -15.65 4.01 -65.02
CA GLY A 429 -16.27 4.33 -66.29
C GLY A 429 -15.99 3.24 -67.31
N ASN A 430 -14.79 2.70 -67.30
CA ASN A 430 -14.41 1.68 -68.28
C ASN A 430 -15.05 0.33 -68.00
N ILE A 431 -15.76 0.22 -66.88
CA ILE A 431 -16.60 -0.95 -66.66
C ILE A 431 -17.56 -1.11 -67.86
N ASP A 432 -18.02 0.02 -68.37
CA ASP A 432 -18.83 0.05 -69.59
C ASP A 432 -18.15 -0.61 -70.78
N THR A 433 -16.91 -0.21 -71.08
CA THR A 433 -16.21 -0.78 -72.22
C THR A 433 -15.97 -2.27 -71.99
N LEU A 434 -15.69 -2.64 -70.75
CA LEU A 434 -15.48 -4.04 -70.40
C LEU A 434 -16.71 -4.89 -70.68
N MET A 435 -17.85 -4.44 -70.17
CA MET A 435 -19.10 -5.17 -70.34
C MET A 435 -19.60 -5.08 -71.77
N ARG A 436 -19.14 -4.06 -72.49
CA ARG A 436 -19.41 -3.94 -73.92
C ARG A 436 -18.72 -5.07 -74.64
N HIS A 437 -17.44 -5.24 -74.34
CA HIS A 437 -16.63 -6.30 -74.92
C HIS A 437 -17.16 -7.68 -74.58
N GLU A 438 -17.82 -7.81 -73.44
CA GLU A 438 -18.26 -9.12 -72.98
C GLU A 438 -19.77 -9.31 -73.10
N LYS A 439 -20.16 -10.45 -73.64
CA LYS A 439 -21.56 -10.88 -73.62
C LYS A 439 -21.55 -12.38 -73.39
N ASP A 440 -20.75 -12.80 -72.41
CA ASP A 440 -20.59 -14.21 -72.08
C ASP A 440 -21.39 -14.56 -70.84
N THR A 441 -21.86 -15.80 -70.77
CA THR A 441 -22.68 -16.22 -69.64
C THR A 441 -21.88 -16.32 -68.36
N GLU A 442 -22.50 -15.98 -67.24
CA GLU A 442 -21.90 -16.19 -65.92
C GLU A 442 -22.81 -17.07 -65.08
N PHE A 443 -22.22 -18.13 -64.53
CA PHE A 443 -22.98 -19.21 -63.93
C PHE A 443 -23.19 -19.02 -62.43
N HIS A 444 -24.38 -19.39 -61.95
CA HIS A 444 -24.68 -19.39 -60.51
C HIS A 444 -23.83 -20.47 -59.83
N SER A 445 -24.11 -20.78 -58.57
CA SER A 445 -23.46 -21.92 -57.91
C SER A 445 -24.31 -23.20 -57.99
N GLU A 449 -26.92 -24.92 -60.61
CA GLU A 449 -27.28 -25.54 -61.89
C GLU A 449 -28.30 -24.69 -62.67
N ALA A 450 -28.77 -23.60 -62.05
CA ALA A 450 -29.77 -22.72 -62.67
C ALA A 450 -29.24 -22.01 -63.91
N VAL A 451 -30.11 -21.21 -64.53
CA VAL A 451 -29.79 -20.52 -65.78
C VAL A 451 -28.74 -19.43 -65.56
N PRO A 452 -27.74 -19.37 -66.46
CA PRO A 452 -26.74 -18.31 -66.41
C PRO A 452 -27.26 -16.98 -66.93
N VAL A 453 -26.49 -15.92 -66.72
CA VAL A 453 -26.88 -14.59 -67.17
C VAL A 453 -25.77 -14.03 -68.06
N LYS A 454 -26.13 -13.40 -69.17
CA LYS A 454 -25.14 -12.71 -69.99
C LYS A 454 -24.80 -11.38 -69.34
N ILE A 455 -23.69 -11.35 -68.60
CA ILE A 455 -23.34 -10.19 -67.79
C ILE A 455 -23.33 -8.89 -68.58
N GLY A 456 -22.68 -8.92 -69.74
CA GLY A 456 -22.56 -7.75 -70.58
C GLY A 456 -23.88 -7.07 -70.83
N GLU A 457 -24.82 -7.80 -71.42
CA GLU A 457 -26.15 -7.27 -71.68
C GLU A 457 -26.80 -6.75 -70.40
N TYR A 458 -26.48 -7.40 -69.29
CA TYR A 458 -27.12 -7.11 -68.02
C TYR A 458 -26.68 -5.72 -67.56
N TRP A 459 -25.38 -5.50 -67.54
CA TRP A 459 -24.80 -4.23 -67.14
C TRP A 459 -25.13 -3.11 -68.12
N ILE A 460 -24.97 -3.39 -69.41
CA ILE A 460 -25.28 -2.43 -70.46
C ILE A 460 -26.72 -1.97 -70.37
N ASN A 461 -27.63 -2.93 -70.26
CA ASN A 461 -29.04 -2.63 -70.12
C ASN A 461 -29.30 -1.77 -68.91
N ASP A 462 -28.75 -2.19 -67.76
CA ASP A 462 -28.93 -1.44 -66.52
C ASP A 462 -28.50 0.00 -66.69
N GLN A 463 -27.34 0.18 -67.29
CA GLN A 463 -26.80 1.52 -67.48
C GLN A 463 -27.56 2.37 -68.48
N ARG A 464 -28.04 1.78 -69.57
CA ARG A 464 -28.74 2.60 -70.55
C ARG A 464 -30.17 2.91 -70.18
N ILE A 465 -30.82 2.01 -69.43
CA ILE A 465 -32.19 2.28 -69.04
C ILE A 465 -32.28 3.08 -67.74
N ASN A 466 -31.33 2.85 -66.84
CA ASN A 466 -31.35 3.55 -65.55
C ASN A 466 -30.18 4.49 -65.28
N ASN A 467 -29.44 4.85 -66.32
CA ASN A 467 -28.32 5.77 -66.17
C ASN A 467 -27.96 6.39 -67.51
N SER A 468 -28.96 7.03 -68.13
CA SER A 468 -28.78 7.68 -69.41
C SER A 468 -27.70 8.76 -69.33
N SER A 469 -27.64 9.42 -68.18
CA SER A 469 -26.67 10.48 -67.95
C SER A 469 -25.24 9.94 -68.00
N GLY A 470 -25.08 8.67 -67.64
CA GLY A 470 -23.77 8.04 -67.61
C GLY A 470 -22.92 8.50 -66.44
N ASN A 471 -23.59 8.95 -65.38
CA ASN A 471 -22.91 9.45 -64.18
C ASN A 471 -22.10 8.37 -63.46
N ILE A 472 -20.87 8.69 -63.07
CA ILE A 472 -19.94 7.69 -62.56
C ILE A 472 -20.28 7.21 -61.15
N THR A 473 -20.74 8.13 -60.30
CA THR A 473 -21.11 7.74 -58.94
C THR A 473 -22.30 6.79 -59.03
N GLN A 474 -23.17 7.04 -60.00
CA GLN A 474 -24.30 6.17 -60.27
C GLN A 474 -23.80 4.80 -60.71
N LYS A 475 -22.74 4.78 -61.50
CA LYS A 475 -22.10 3.54 -61.91
C LYS A 475 -21.66 2.77 -60.67
N LYS A 476 -21.19 3.51 -59.67
CA LYS A 476 -20.74 2.86 -58.45
C LYS A 476 -21.89 2.26 -57.66
N HIS A 477 -22.97 3.00 -57.54
CA HIS A 477 -24.14 2.48 -56.84
C HIS A 477 -24.73 1.26 -57.55
N ASP A 478 -24.69 1.28 -58.88
CA ASP A 478 -25.19 0.17 -59.70
C ASP A 478 -24.34 -1.07 -59.54
N LEU A 479 -23.03 -0.86 -59.47
CA LEU A 479 -22.10 -1.97 -59.30
C LEU A 479 -22.31 -2.62 -57.93
N ILE A 480 -22.39 -1.79 -56.89
CA ILE A 480 -22.68 -2.28 -55.56
C ILE A 480 -24.04 -2.99 -55.49
N PHE A 481 -25.04 -2.43 -56.17
CA PHE A 481 -26.35 -3.07 -56.27
C PHE A 481 -26.27 -4.44 -56.92
N LEU A 482 -25.37 -4.59 -57.88
CA LEU A 482 -25.16 -5.91 -58.47
C LEU A 482 -24.53 -6.83 -57.44
N MET A 483 -23.64 -6.29 -56.61
CA MET A 483 -23.04 -7.07 -55.53
C MET A 483 -24.04 -7.55 -54.49
N GLN A 484 -25.02 -6.71 -54.18
CA GLN A 484 -25.98 -7.00 -53.12
C GLN A 484 -26.96 -8.12 -53.47
N ASN A 485 -27.78 -7.91 -54.48
CA ASN A 485 -28.88 -8.84 -54.73
C ASN A 485 -28.93 -9.39 -56.15
N ASP A 486 -27.84 -10.00 -56.59
CA ASP A 486 -27.86 -10.79 -57.82
C ASP A 486 -27.08 -12.08 -57.61
N ALA A 487 -27.77 -13.08 -57.06
CA ALA A 487 -27.16 -14.32 -56.55
C ALA A 487 -26.20 -14.98 -57.52
N TRP A 488 -26.63 -15.09 -58.78
CA TRP A 488 -25.83 -15.71 -59.81
C TRP A 488 -24.46 -15.06 -59.93
N TYR A 489 -24.41 -13.76 -59.66
CA TYR A 489 -23.17 -13.02 -59.75
C TYR A 489 -22.33 -13.21 -58.48
N PHE A 490 -22.87 -12.79 -57.35
CA PHE A 490 -22.07 -12.71 -56.13
C PHE A 490 -21.73 -14.09 -55.53
N SER A 491 -22.46 -15.12 -55.90
CA SER A 491 -22.07 -16.47 -55.50
C SER A 491 -20.74 -16.85 -56.15
N ARG A 492 -20.68 -16.68 -57.48
CA ARG A 492 -19.45 -16.92 -58.22
C ARG A 492 -18.33 -16.02 -57.74
N VAL A 493 -18.65 -14.74 -57.56
CA VAL A 493 -17.64 -13.78 -57.13
C VAL A 493 -17.04 -14.17 -55.79
N ASN A 494 -17.89 -14.32 -54.78
CA ASN A 494 -17.44 -14.68 -53.45
C ASN A 494 -16.67 -16.01 -53.46
N ALA A 495 -17.16 -16.99 -54.20
CA ALA A 495 -16.51 -18.29 -54.24
C ALA A 495 -15.11 -18.21 -54.86
N ILE A 496 -15.02 -17.63 -56.05
CA ILE A 496 -13.76 -17.50 -56.79
C ILE A 496 -12.75 -16.69 -56.00
N ALA A 497 -13.24 -15.63 -55.34
CA ALA A 497 -12.40 -14.78 -54.52
C ALA A 497 -11.84 -15.56 -53.34
N GLN A 498 -12.69 -16.35 -52.69
CA GLN A 498 -12.28 -17.11 -51.51
C GLN A 498 -11.68 -18.47 -51.87
N ASN A 499 -11.54 -18.74 -53.16
CA ASN A 499 -10.95 -19.97 -53.67
C ASN A 499 -11.67 -21.20 -53.12
N ARG A 500 -12.99 -21.19 -53.28
CA ARG A 500 -13.84 -22.31 -52.92
C ARG A 500 -14.86 -22.59 -54.03
N ASP A 501 -14.57 -22.06 -55.21
CA ASP A 501 -15.46 -22.17 -56.36
C ASP A 501 -15.34 -23.52 -57.05
N LYS A 502 -16.42 -23.95 -57.70
CA LYS A 502 -16.41 -25.17 -58.49
C LYS A 502 -15.77 -24.91 -59.86
N GLY A 503 -16.12 -25.73 -60.84
CA GLY A 503 -15.65 -25.53 -62.21
C GLY A 503 -16.20 -24.26 -62.81
N SER A 504 -15.32 -23.27 -62.98
CA SER A 504 -15.71 -21.96 -63.47
C SER A 504 -14.81 -21.49 -64.60
N THR A 505 -15.39 -20.86 -65.61
CA THR A 505 -14.62 -20.42 -66.76
C THR A 505 -13.61 -19.35 -66.37
N PHE A 506 -12.53 -19.27 -67.15
CA PHE A 506 -11.48 -18.29 -66.93
C PHE A 506 -12.03 -16.89 -66.85
N LYS A 507 -13.00 -16.59 -67.73
CA LYS A 507 -13.53 -15.24 -67.80
C LYS A 507 -14.31 -14.85 -66.55
N GLU A 508 -14.92 -15.82 -65.89
CA GLU A 508 -15.60 -15.55 -64.62
C GLU A 508 -14.56 -15.11 -63.57
N VAL A 509 -13.46 -15.85 -63.53
CA VAL A 509 -12.33 -15.51 -62.66
C VAL A 509 -11.79 -14.11 -62.96
N LEU A 510 -11.55 -13.83 -64.24
CA LEU A 510 -11.04 -12.53 -64.65
C LEU A 510 -11.96 -11.42 -64.18
N ILE A 511 -13.25 -11.59 -64.47
CA ILE A 511 -14.24 -10.59 -64.10
C ILE A 511 -14.27 -10.38 -62.58
N THR A 512 -14.27 -11.45 -61.80
CA THR A 512 -14.29 -11.27 -60.34
C THR A 512 -13.05 -10.51 -59.89
N THR A 513 -11.90 -10.87 -60.45
CA THR A 513 -10.62 -10.24 -60.10
C THR A 513 -10.62 -8.73 -60.40
N LEU A 514 -11.22 -8.35 -61.53
CA LEU A 514 -11.33 -6.93 -61.85
C LEU A 514 -12.32 -6.23 -60.93
N MET A 515 -13.43 -6.90 -60.65
CA MET A 515 -14.58 -6.26 -60.02
C MET A 515 -14.46 -6.11 -58.51
N THR A 516 -13.72 -6.98 -57.85
CA THR A 516 -13.61 -6.90 -56.39
C THR A 516 -12.95 -5.58 -55.90
N PRO A 517 -11.87 -5.11 -56.56
CA PRO A 517 -11.43 -3.78 -56.10
C PRO A 517 -12.37 -2.65 -56.51
N LEU A 518 -12.94 -2.76 -57.70
CA LEU A 518 -13.91 -1.77 -58.18
C LEU A 518 -15.14 -1.71 -57.28
N THR A 519 -15.63 -2.87 -56.86
CA THR A 519 -16.72 -2.91 -55.90
C THR A 519 -16.23 -2.42 -54.54
N SER A 520 -14.95 -2.61 -54.26
CA SER A 520 -14.39 -2.14 -52.99
C SER A 520 -14.26 -0.62 -53.00
N LYS A 521 -14.49 -0.02 -54.16
CA LYS A 521 -14.73 1.42 -54.22
C LYS A 521 -16.18 1.72 -53.82
N ALA A 522 -16.72 0.89 -52.92
CA ALA A 522 -17.95 1.18 -52.22
C ALA A 522 -17.58 2.17 -51.13
N LEU A 523 -16.28 2.39 -51.01
CA LEU A 523 -15.71 3.32 -50.05
C LEU A 523 -16.03 4.75 -50.44
N VAL A 524 -16.11 4.99 -51.76
CA VAL A 524 -16.28 6.34 -52.25
C VAL A 524 -17.69 6.82 -51.87
N ASP A 525 -18.67 5.95 -52.04
CA ASP A 525 -20.06 6.31 -51.72
C ASP A 525 -20.36 6.01 -50.26
N THR A 526 -20.93 6.99 -49.57
CA THR A 526 -21.22 6.93 -48.13
C THR A 526 -20.02 6.44 -47.32
N SER A 527 -18.97 7.27 -47.29
CA SER A 527 -17.77 6.93 -46.53
C SER A 527 -18.01 7.19 -45.06
N GLN A 528 -18.96 8.08 -44.78
CA GLN A 528 -19.24 8.47 -43.41
C GLN A 528 -20.26 7.56 -42.74
N ALA A 529 -20.46 6.38 -43.32
CA ALA A 529 -21.20 5.33 -42.63
C ALA A 529 -20.35 4.71 -41.54
N LYS A 530 -20.56 5.14 -40.30
CA LYS A 530 -19.75 4.70 -39.18
C LYS A 530 -19.85 3.20 -38.99
N PRO A 531 -18.71 2.49 -38.90
CA PRO A 531 -18.78 1.04 -38.71
C PRO A 531 -19.49 0.68 -37.40
N PRO A 532 -20.55 -0.13 -37.52
CA PRO A 532 -21.59 -0.39 -36.51
C PRO A 532 -21.28 -1.28 -35.30
N THR A 533 -20.02 -1.68 -35.09
CA THR A 533 -19.64 -2.49 -33.92
C THR A 533 -20.32 -3.88 -33.82
N ARG A 534 -21.46 -4.04 -34.49
CA ARG A 534 -22.14 -5.32 -34.49
C ARG A 534 -22.65 -5.64 -35.89
N LEU A 535 -22.24 -6.78 -36.44
CA LEU A 535 -22.63 -7.14 -37.80
C LEU A 535 -22.86 -8.64 -37.95
N PHE A 536 -23.97 -9.03 -38.55
CA PHE A 536 -24.28 -10.45 -38.67
C PHE A 536 -24.21 -10.90 -40.12
N ARG A 537 -23.78 -12.13 -40.35
CA ARG A 537 -23.96 -12.72 -41.67
C ARG A 537 -24.34 -14.19 -41.49
N GLY A 538 -25.11 -14.72 -42.43
CA GLY A 538 -25.61 -16.08 -42.33
C GLY A 538 -24.98 -17.02 -43.33
N LEU A 539 -24.77 -18.25 -42.90
CA LEU A 539 -24.10 -19.26 -43.71
C LEU A 539 -24.79 -20.62 -43.57
N ASN A 540 -24.99 -21.30 -44.70
CA ASN A 540 -25.49 -22.67 -44.69
C ASN A 540 -24.39 -23.68 -45.00
N LEU A 541 -24.07 -24.52 -44.03
CA LEU A 541 -22.98 -25.49 -44.17
C LEU A 541 -23.40 -26.89 -43.76
N SER A 542 -22.67 -27.89 -44.26
CA SER A 542 -22.88 -29.27 -43.86
C SER A 542 -22.63 -29.45 -42.37
N GLU A 543 -23.29 -30.42 -41.76
CA GLU A 543 -23.17 -30.64 -40.33
C GLU A 543 -21.75 -31.08 -39.98
N GLU A 544 -21.06 -31.70 -40.93
CA GLU A 544 -19.70 -32.13 -40.71
C GLU A 544 -18.77 -30.92 -40.65
N PHE A 545 -18.90 -30.06 -41.64
CA PHE A 545 -18.12 -28.82 -41.69
C PHE A 545 -18.46 -27.96 -40.49
N THR A 546 -19.75 -27.89 -40.17
CA THR A 546 -20.21 -27.12 -39.03
C THR A 546 -19.58 -27.64 -37.73
N LYS A 547 -19.55 -28.95 -37.58
CA LYS A 547 -18.91 -29.55 -36.40
C LYS A 547 -17.43 -29.19 -36.37
N GLY A 548 -16.78 -29.21 -37.53
CA GLY A 548 -15.39 -28.82 -37.61
C GLY A 548 -15.15 -27.39 -37.15
N LEU A 549 -15.98 -26.48 -37.66
CA LEU A 549 -15.94 -25.09 -37.23
C LEU A 549 -16.08 -24.97 -35.73
N ILE A 550 -17.07 -25.67 -35.19
CA ILE A 550 -17.32 -25.66 -33.76
C ILE A 550 -16.08 -26.09 -32.99
N ASP A 551 -15.46 -27.18 -33.44
CA ASP A 551 -14.27 -27.69 -32.78
C ASP A 551 -13.12 -26.69 -32.80
N GLN A 552 -12.90 -26.03 -33.93
CA GLN A 552 -11.79 -25.06 -34.01
C GLN A 552 -12.06 -23.81 -33.18
N ALA A 553 -13.26 -23.26 -33.34
CA ALA A 553 -13.69 -22.11 -32.58
C ALA A 553 -13.51 -22.39 -31.09
N ASN A 554 -13.99 -23.54 -30.66
CA ASN A 554 -13.84 -23.99 -29.28
C ASN A 554 -12.38 -24.15 -28.87
N ALA A 555 -11.56 -24.63 -29.80
CA ALA A 555 -10.12 -24.80 -29.54
C ALA A 555 -9.49 -23.46 -29.19
N MET A 556 -9.91 -22.41 -29.90
CA MET A 556 -9.42 -21.08 -29.58
C MET A 556 -10.03 -20.55 -28.28
N ILE A 557 -11.33 -20.71 -28.12
CA ILE A 557 -12.08 -20.17 -26.99
C ILE A 557 -11.60 -20.72 -25.65
N ALA A 558 -11.37 -22.03 -25.61
CA ALA A 558 -10.97 -22.71 -24.39
C ALA A 558 -9.63 -22.24 -23.86
N ASN A 559 -8.80 -21.72 -24.74
CA ASN A 559 -7.47 -21.29 -24.30
C ASN A 559 -7.30 -19.77 -24.18
N THR A 560 -8.40 -19.05 -24.09
CA THR A 560 -8.34 -17.63 -23.74
C THR A 560 -9.01 -17.42 -22.39
N THR A 561 -8.20 -17.26 -21.34
CA THR A 561 -8.74 -17.07 -20.00
C THR A 561 -8.03 -15.92 -19.31
N GLU A 562 -8.78 -15.18 -18.49
CA GLU A 562 -8.26 -13.97 -17.86
C GLU A 562 -7.10 -14.24 -16.91
N ARG A 563 -6.18 -13.30 -16.88
CA ARG A 563 -4.92 -13.43 -16.18
C ARG A 563 -5.07 -13.10 -14.71
N LEU A 564 -4.49 -13.93 -13.84
CA LEU A 564 -4.62 -13.74 -12.40
C LEU A 564 -3.21 -13.80 -11.85
N PHE A 565 -2.73 -15.02 -11.65
CA PHE A 565 -1.35 -15.25 -11.24
C PHE A 565 -0.56 -15.73 -12.46
N THR A 566 -1.04 -16.79 -13.10
CA THR A 566 -0.35 -17.43 -14.21
C THR A 566 -0.71 -16.74 -15.52
N ASP A 567 0.10 -16.96 -16.56
CA ASP A 567 -0.02 -16.21 -17.81
C ASP A 567 -1.06 -16.77 -18.79
N HIS A 568 -0.73 -17.90 -19.43
CA HIS A 568 -1.58 -18.57 -20.43
C HIS A 568 -1.72 -17.81 -21.75
N SER A 569 -0.97 -16.74 -21.94
CA SER A 569 -0.98 -16.02 -23.22
C SER A 569 -0.33 -16.78 -24.39
N PRO A 570 0.78 -17.52 -24.14
CA PRO A 570 1.36 -18.25 -25.28
C PRO A 570 0.47 -19.35 -25.83
N GLU A 571 -0.29 -20.02 -24.96
CA GLU A 571 -1.20 -21.07 -25.42
C GLU A 571 -2.30 -20.46 -26.29
N ALA A 572 -2.81 -19.31 -25.87
CA ALA A 572 -3.82 -18.60 -26.65
C ALA A 572 -3.26 -18.20 -28.02
N PHE A 573 -2.07 -17.59 -28.00
CA PHE A 573 -1.39 -17.20 -29.23
C PHE A 573 -1.28 -18.41 -30.16
N LYS A 574 -0.78 -19.51 -29.63
CA LYS A 574 -0.58 -20.74 -30.40
C LYS A 574 -1.86 -21.28 -31.02
N GLN A 575 -2.88 -21.51 -30.20
CA GLN A 575 -4.14 -22.07 -30.66
C GLN A 575 -4.85 -21.17 -31.68
N ILE A 576 -4.78 -19.86 -31.47
CA ILE A 576 -5.36 -18.94 -32.43
C ILE A 576 -4.58 -18.96 -33.74
N LYS A 577 -3.25 -18.98 -33.65
CA LYS A 577 -2.40 -19.02 -34.85
C LYS A 577 -2.64 -20.28 -35.65
N LEU A 578 -2.85 -21.38 -34.93
CA LEU A 578 -3.08 -22.69 -35.55
C LEU A 578 -4.43 -22.79 -36.23
N ASN A 579 -5.48 -22.38 -35.52
CA ASN A 579 -6.84 -22.56 -35.99
C ASN A 579 -7.33 -21.43 -36.91
N ASP A 580 -8.50 -21.66 -37.53
CA ASP A 580 -8.94 -21.00 -38.77
C ASP A 580 -8.59 -19.52 -38.95
N LEU A 581 -8.61 -18.76 -37.86
CA LEU A 581 -8.41 -17.30 -37.90
C LEU A 581 -9.48 -16.60 -38.75
N SER A 582 -10.50 -17.38 -39.15
CA SER A 582 -11.60 -16.90 -39.99
C SER A 582 -11.16 -16.28 -41.31
N LYS A 583 -10.55 -17.10 -42.17
CA LYS A 583 -10.32 -16.72 -43.55
C LYS A 583 -11.63 -16.78 -44.32
N MET A 584 -12.59 -17.52 -43.79
CA MET A 584 -13.91 -17.66 -44.39
C MET A 584 -14.72 -16.38 -44.52
N SER A 585 -14.19 -15.27 -44.01
CA SER A 585 -14.91 -14.01 -44.11
C SER A 585 -14.02 -12.94 -44.73
N GLY A 586 -12.91 -13.36 -45.32
CA GLY A 586 -11.98 -12.44 -45.93
C GLY A 586 -11.73 -12.67 -47.40
N ARG A 587 -10.90 -11.81 -47.98
CA ARG A 587 -10.48 -11.88 -49.38
C ARG A 587 -11.61 -11.64 -50.38
N THR A 588 -12.74 -11.12 -49.91
CA THR A 588 -13.84 -10.76 -50.79
C THR A 588 -14.72 -9.71 -50.13
N ASN A 589 -15.68 -9.18 -50.88
CA ASN A 589 -16.63 -8.23 -50.33
C ASN A 589 -17.80 -8.92 -49.67
N ALA A 590 -17.65 -9.26 -48.39
CA ALA A 590 -18.68 -10.00 -47.66
C ALA A 590 -19.85 -9.10 -47.29
N SER A 591 -21.06 -9.55 -47.58
CA SER A 591 -22.26 -8.80 -47.22
C SER A 591 -22.68 -9.13 -45.80
N THR A 592 -22.98 -8.11 -45.02
CA THR A 592 -23.34 -8.27 -43.62
C THR A 592 -24.57 -7.43 -43.28
N THR A 593 -25.23 -7.78 -42.19
CA THR A 593 -26.42 -7.06 -41.75
C THR A 593 -26.41 -6.88 -40.24
N THR A 594 -27.05 -5.83 -39.77
CA THR A 594 -27.17 -5.63 -38.33
C THR A 594 -28.51 -6.14 -37.75
N GLU A 595 -29.55 -6.15 -38.58
CA GLU A 595 -30.90 -6.50 -38.13
C GLU A 595 -31.15 -7.99 -37.85
N ILE A 596 -30.17 -8.83 -38.16
CA ILE A 596 -30.34 -10.29 -38.14
C ILE A 596 -31.48 -10.70 -39.09
N LYS A 597 -31.51 -10.04 -40.24
CA LYS A 597 -32.29 -10.47 -41.40
C LYS A 597 -31.31 -10.67 -42.55
N LEU A 598 -31.27 -11.88 -43.09
CA LEU A 598 -30.19 -12.25 -43.99
C LEU A 598 -30.42 -11.76 -45.40
N VAL A 599 -29.32 -11.54 -46.12
CA VAL A 599 -29.36 -11.01 -47.47
C VAL A 599 -30.16 -11.96 -48.36
N LYS A 600 -30.02 -13.25 -48.07
CA LYS A 600 -30.80 -14.27 -48.76
C LYS A 600 -30.83 -15.58 -47.96
N GLU A 601 -31.99 -16.24 -47.99
CA GLU A 601 -32.16 -17.58 -47.43
C GLU A 601 -31.88 -17.67 -45.93
N THR A 602 -32.66 -16.93 -45.14
CA THR A 602 -32.57 -16.96 -43.68
C THR A 602 -32.91 -18.35 -43.16
N TRP A 603 -33.87 -18.97 -43.83
CA TRP A 603 -34.41 -20.28 -43.48
C TRP A 603 -33.42 -21.44 -43.63
N ASP A 604 -32.30 -21.19 -44.29
CA ASP A 604 -31.35 -22.27 -44.57
C ASP A 604 -30.03 -22.18 -43.79
N SER A 605 -29.72 -21.01 -43.24
CA SER A 605 -28.41 -20.82 -42.61
C SER A 605 -28.34 -21.49 -41.24
N ASN A 606 -27.52 -22.54 -41.15
CA ASN A 606 -27.31 -23.26 -39.90
C ASN A 606 -26.12 -22.73 -39.09
N VAL A 607 -25.30 -21.89 -39.68
CA VAL A 607 -24.24 -21.21 -38.92
C VAL A 607 -24.31 -19.71 -39.13
N ILE A 608 -24.31 -18.98 -38.04
CA ILE A 608 -24.43 -17.53 -38.13
C ILE A 608 -23.23 -16.85 -37.48
N PHE A 609 -22.65 -15.89 -38.19
CA PHE A 609 -21.53 -15.15 -37.68
C PHE A 609 -21.98 -13.80 -37.12
N GLU A 610 -21.81 -13.65 -35.82
CA GLU A 610 -21.96 -12.36 -35.15
C GLU A 610 -20.57 -11.77 -35.01
N MET A 611 -20.38 -10.59 -35.57
CA MET A 611 -19.08 -9.94 -35.60
C MET A 611 -19.08 -8.67 -34.79
N LEU A 612 -18.07 -8.53 -33.94
CA LEU A 612 -17.93 -7.38 -33.05
C LEU A 612 -16.63 -6.61 -33.28
N ASP A 613 -16.74 -5.35 -33.73
CA ASP A 613 -15.57 -4.51 -33.86
C ASP A 613 -15.78 -3.20 -33.09
N PRO A 614 -15.59 -3.25 -31.77
CA PRO A 614 -15.72 -2.06 -30.93
C PRO A 614 -14.59 -1.08 -31.19
N ASP A 615 -13.47 -1.59 -31.68
CA ASP A 615 -12.32 -0.76 -32.00
C ASP A 615 -12.43 -0.18 -33.42
N GLY A 616 -13.50 -0.54 -34.13
CA GLY A 616 -13.75 -0.05 -35.47
C GLY A 616 -12.72 -0.49 -36.50
N LEU A 617 -12.07 -1.61 -36.22
CA LEU A 617 -11.00 -2.12 -37.08
C LEU A 617 -11.50 -2.54 -38.45
N LEU A 618 -12.69 -3.15 -38.50
CA LEU A 618 -13.35 -3.49 -39.75
C LEU A 618 -13.77 -2.24 -40.51
N HIS A 619 -13.09 -1.95 -41.61
CA HIS A 619 -13.47 -0.80 -42.42
C HIS A 619 -14.67 -1.15 -43.28
N SER A 620 -15.86 -1.10 -42.69
CA SER A 620 -17.07 -1.50 -43.38
C SER A 620 -17.92 -0.30 -43.76
N LYS A 621 -18.49 -0.36 -44.96
CA LYS A 621 -19.32 0.70 -45.49
C LYS A 621 -20.69 0.13 -45.80
N GLN A 622 -21.72 0.96 -45.80
CA GLN A 622 -23.06 0.45 -46.03
C GLN A 622 -23.39 0.33 -47.50
N VAL A 623 -24.04 -0.78 -47.84
CA VAL A 623 -24.64 -0.98 -49.15
C VAL A 623 -26.02 -0.35 -49.15
N GLY A 624 -26.21 0.67 -49.97
CA GLY A 624 -27.48 1.39 -49.96
C GLY A 624 -27.51 2.36 -48.79
N ARG A 625 -28.35 3.39 -48.89
CA ARG A 625 -28.31 4.51 -47.97
C ARG A 625 -29.55 4.61 -47.08
N HIS A 626 -29.63 5.70 -46.32
CA HIS A 626 -30.77 5.93 -45.45
C HIS A 626 -32.01 6.28 -46.28
N GLY A 627 -31.77 6.74 -47.51
CA GLY A 627 -32.82 6.90 -48.49
C GLY A 627 -32.99 5.58 -49.22
N GLU A 628 -33.95 5.51 -50.13
CA GLU A 628 -34.28 4.27 -50.84
C GLU A 628 -34.58 3.17 -49.81
N GLY A 629 -35.38 3.51 -48.81
CA GLY A 629 -35.71 2.59 -47.75
C GLY A 629 -34.70 2.59 -46.62
N THR A 630 -35.03 1.91 -45.54
CA THR A 630 -34.11 1.78 -44.40
C THR A 630 -33.10 0.68 -44.66
N GLU A 631 -31.85 1.05 -44.84
CA GLU A 631 -30.82 0.06 -45.15
C GLU A 631 -29.98 -0.32 -43.95
N SER A 632 -29.93 -1.61 -43.68
CA SER A 632 -29.14 -2.17 -42.60
C SER A 632 -28.15 -3.18 -43.15
N GLU A 633 -27.48 -2.81 -44.23
CA GLU A 633 -26.51 -3.72 -44.85
C GLU A 633 -25.16 -3.06 -44.97
N PHE A 634 -24.11 -3.89 -44.96
CA PHE A 634 -22.75 -3.40 -45.00
C PHE A 634 -21.88 -4.36 -45.79
N SER A 635 -20.78 -3.88 -46.35
CA SER A 635 -19.87 -4.77 -47.02
C SER A 635 -18.51 -4.69 -46.35
N VAL A 636 -17.84 -5.82 -46.24
CA VAL A 636 -16.58 -5.88 -45.52
C VAL A 636 -15.53 -6.64 -46.30
N TYR A 637 -14.39 -6.00 -46.53
CA TYR A 637 -13.21 -6.68 -47.00
C TYR A 637 -12.23 -6.64 -45.85
N LEU A 638 -12.20 -7.69 -45.01
CA LEU A 638 -11.41 -7.58 -43.79
C LEU A 638 -9.94 -7.48 -44.15
N PRO A 639 -9.28 -6.42 -43.65
CA PRO A 639 -7.85 -6.20 -43.89
C PRO A 639 -7.01 -7.30 -43.24
N GLU A 640 -5.85 -7.55 -43.79
CA GLU A 640 -5.00 -8.66 -43.38
C GLU A 640 -4.50 -8.55 -41.94
N ASP A 641 -4.48 -7.35 -41.39
CA ASP A 641 -4.06 -7.16 -40.01
C ASP A 641 -5.15 -7.65 -39.07
N VAL A 642 -6.40 -7.43 -39.46
CA VAL A 642 -7.53 -7.80 -38.62
C VAL A 642 -7.86 -9.29 -38.68
N ALA A 643 -8.04 -9.90 -37.51
CA ALA A 643 -8.42 -11.29 -37.43
C ALA A 643 -9.73 -11.38 -36.69
N LEU A 644 -10.51 -12.42 -36.99
CA LEU A 644 -11.75 -12.65 -36.27
C LEU A 644 -11.59 -13.81 -35.29
N VAL A 645 -11.48 -13.45 -34.02
CA VAL A 645 -11.28 -14.45 -32.98
C VAL A 645 -12.61 -14.76 -32.30
N PRO A 646 -12.95 -16.05 -32.22
CA PRO A 646 -14.17 -16.49 -31.55
C PRO A 646 -14.13 -16.22 -30.05
N VAL A 647 -15.25 -15.76 -29.52
CA VAL A 647 -15.38 -15.58 -28.09
C VAL A 647 -16.39 -16.57 -27.52
N LYS A 648 -17.53 -16.71 -28.20
CA LYS A 648 -18.54 -17.69 -27.80
C LYS A 648 -19.18 -18.35 -29.00
N VAL A 649 -19.64 -19.59 -28.80
CA VAL A 649 -20.41 -20.31 -29.81
C VAL A 649 -21.66 -20.83 -29.12
N THR A 650 -22.82 -20.32 -29.47
CA THR A 650 -24.03 -20.73 -28.76
C THR A 650 -25.04 -21.35 -29.70
N LEU A 651 -25.95 -22.14 -29.12
CA LEU A 651 -26.94 -22.89 -29.87
C LEU A 651 -28.09 -22.01 -30.36
N ASP A 652 -28.80 -21.40 -29.42
CA ASP A 652 -29.97 -20.58 -29.69
C ASP A 652 -31.05 -21.44 -30.35
N GLY A 653 -32.09 -20.82 -30.90
CA GLY A 653 -33.13 -21.57 -31.59
C GLY A 653 -32.65 -22.38 -32.77
N LYS A 654 -33.53 -23.22 -33.29
CA LYS A 654 -33.26 -24.05 -34.45
C LYS A 654 -33.95 -23.47 -35.68
N THR A 655 -33.44 -23.77 -36.88
CA THR A 655 -34.12 -23.32 -38.08
C THR A 655 -35.24 -24.27 -38.45
N GLN A 656 -35.99 -23.91 -39.48
CA GLN A 656 -37.14 -24.67 -39.89
C GLN A 656 -36.83 -25.86 -40.79
N LYS A 657 -35.70 -25.82 -41.48
CA LYS A 657 -35.38 -26.84 -42.48
C LYS A 657 -34.87 -28.12 -41.83
N GLY A 658 -34.73 -28.09 -40.51
CA GLY A 658 -34.30 -29.26 -39.76
C GLY A 658 -32.85 -29.25 -39.33
N GLU A 659 -32.08 -28.30 -39.85
CA GLU A 659 -30.68 -28.18 -39.45
C GLU A 659 -30.61 -27.46 -38.09
N ASN A 660 -29.84 -28.00 -37.15
CA ASN A 660 -29.57 -27.29 -35.90
C ASN A 660 -28.65 -26.10 -36.15
N ARG A 661 -29.08 -24.91 -35.76
CA ARG A 661 -28.30 -23.71 -36.06
C ARG A 661 -27.38 -23.27 -34.91
N TYR A 662 -26.26 -22.66 -35.27
CA TYR A 662 -25.26 -22.19 -34.31
C TYR A 662 -24.83 -20.76 -34.60
N VAL A 663 -24.55 -19.97 -33.55
CA VAL A 663 -24.01 -18.65 -33.77
C VAL A 663 -22.62 -18.51 -33.14
N PHE A 664 -21.68 -18.09 -33.96
CA PHE A 664 -20.30 -17.85 -33.54
C PHE A 664 -20.11 -16.34 -33.40
N THR A 665 -19.74 -15.88 -32.21
CA THR A 665 -19.43 -14.46 -32.06
C THR A 665 -17.93 -14.26 -32.15
N PHE A 666 -17.52 -13.39 -33.06
CA PHE A 666 -16.11 -13.06 -33.21
C PHE A 666 -15.89 -11.63 -32.76
N VAL A 667 -14.68 -11.32 -32.32
CA VAL A 667 -14.33 -9.94 -32.02
C VAL A 667 -13.10 -9.52 -32.85
N ALA A 668 -13.23 -8.40 -33.55
CA ALA A 668 -12.16 -7.91 -34.40
C ALA A 668 -10.93 -7.53 -33.59
N VAL A 669 -9.80 -8.14 -33.92
CA VAL A 669 -8.55 -7.86 -33.24
C VAL A 669 -7.47 -7.60 -34.27
N LYS A 670 -6.90 -6.40 -34.25
CA LYS A 670 -5.88 -6.01 -35.20
C LYS A 670 -4.48 -6.11 -34.61
N SER A 671 -3.59 -6.80 -35.33
CA SER A 671 -2.21 -6.97 -34.90
C SER A 671 -1.35 -7.43 -36.07
N PRO A 672 -0.11 -6.93 -36.14
CA PRO A 672 0.83 -7.31 -37.20
C PRO A 672 1.16 -8.80 -37.16
N ASP A 673 0.84 -9.46 -36.06
CA ASP A 673 1.03 -10.88 -35.94
C ASP A 673 0.15 -11.62 -36.96
N PHE A 674 -0.84 -10.90 -37.49
CA PHE A 674 -1.77 -11.46 -38.45
C PHE A 674 -1.43 -11.12 -39.91
N THR A 675 -0.56 -10.14 -40.11
CA THR A 675 -0.13 -9.76 -41.47
C THR A 675 0.71 -10.87 -42.08
N PRO A 676 0.32 -11.33 -43.27
CA PRO A 676 0.93 -12.49 -43.93
C PRO A 676 2.14 -12.18 -44.79
N ARG A 677 3.14 -13.04 -44.73
CA ARG A 677 4.30 -12.90 -45.59
C ARG A 677 3.95 -13.44 -46.97
N HIS A 678 4.29 -12.68 -48.00
CA HIS A 678 4.03 -13.08 -49.38
C HIS A 678 5.26 -12.93 -50.25
N GLU A 679 5.47 -13.90 -51.13
CA GLU A 679 6.59 -13.84 -52.07
C GLU A 679 6.37 -12.65 -53.00
N SER A 680 7.33 -11.75 -53.02
CA SER A 680 7.21 -10.55 -53.84
C SER A 680 7.45 -10.88 -55.30
N GLY A 681 6.71 -10.20 -56.18
CA GLY A 681 6.93 -10.36 -57.61
C GLY A 681 6.00 -11.31 -58.32
N TYR A 682 4.79 -11.47 -57.80
CA TYR A 682 3.80 -12.29 -58.49
C TYR A 682 3.09 -11.45 -59.54
N ALA A 683 3.01 -10.15 -59.28
CA ALA A 683 2.36 -9.24 -60.20
C ALA A 683 3.36 -8.29 -60.83
N VAL A 684 4.40 -7.91 -60.08
CA VAL A 684 5.31 -6.90 -60.57
C VAL A 684 6.31 -7.45 -61.59
N GLU A 685 6.68 -8.72 -61.47
CA GLU A 685 7.62 -9.31 -62.42
C GLU A 685 7.05 -9.34 -63.85
N PRO A 686 5.84 -9.90 -64.05
CA PRO A 686 5.33 -9.86 -65.43
C PRO A 686 5.05 -8.44 -65.92
N PHE A 687 4.78 -7.54 -64.98
CA PHE A 687 4.56 -6.13 -65.29
C PHE A 687 5.85 -5.53 -65.87
N LEU A 688 6.95 -5.82 -65.20
CA LEU A 688 8.27 -5.42 -65.66
C LEU A 688 8.58 -6.04 -67.00
N ARG A 689 8.15 -7.29 -67.21
CA ARG A 689 8.30 -7.93 -68.51
C ARG A 689 7.59 -7.11 -69.56
N MET A 690 6.39 -6.64 -69.24
CA MET A 690 5.60 -5.83 -70.16
C MET A 690 6.36 -4.56 -70.56
N GLN A 691 6.93 -3.90 -69.55
CA GLN A 691 7.71 -2.70 -69.80
C GLN A 691 8.92 -3.00 -70.68
N ALA A 692 9.63 -4.06 -70.32
CA ALA A 692 10.82 -4.49 -71.04
C ALA A 692 10.50 -4.77 -72.50
N ALA A 693 9.31 -5.32 -72.74
CA ALA A 693 8.84 -5.58 -74.08
C ALA A 693 8.60 -4.28 -74.84
N LYS A 694 7.94 -3.32 -74.19
CA LYS A 694 7.74 -2.00 -74.79
C LYS A 694 9.06 -1.40 -75.28
N LEU A 695 10.01 -1.30 -74.36
CA LEU A 695 11.28 -0.67 -74.70
C LEU A 695 12.10 -1.49 -75.69
N ALA A 696 11.97 -2.81 -75.64
CA ALA A 696 12.64 -3.66 -76.62
C ALA A 696 12.12 -3.36 -78.02
N GLU A 697 10.81 -3.18 -78.13
CA GLU A 697 10.22 -2.84 -79.42
C GLU A 697 10.68 -1.46 -79.90
N VAL A 698 10.68 -0.49 -78.99
CA VAL A 698 11.13 0.86 -79.35
C VAL A 698 12.58 0.86 -79.84
N LYS A 699 13.44 0.18 -79.10
CA LYS A 699 14.86 0.05 -79.43
C LYS A 699 15.06 -0.66 -80.77
N SER A 700 14.27 -1.70 -81.01
CA SER A 700 14.31 -2.40 -82.29
C SER A 700 13.94 -1.45 -83.44
N SER A 701 12.94 -0.62 -83.21
CA SER A 701 12.50 0.31 -84.24
C SER A 701 13.58 1.35 -84.54
N ILE A 702 14.15 1.92 -83.50
CA ILE A 702 15.21 2.92 -83.68
C ILE A 702 16.47 2.33 -84.32
N GLU A 703 16.90 1.17 -83.82
CA GLU A 703 18.10 0.52 -84.33
C GLU A 703 17.95 0.06 -85.78
N LYS A 704 16.76 -0.37 -86.17
CA LYS A 704 16.54 -0.69 -87.58
C LYS A 704 16.51 0.59 -88.41
N ALA A 705 15.93 1.65 -87.85
CA ALA A 705 15.89 2.94 -88.53
C ALA A 705 17.28 3.58 -88.63
N GLN A 706 18.12 3.32 -87.63
CA GLN A 706 19.46 3.90 -87.53
C GLN A 706 20.37 3.63 -88.71
N ARG A 707 21.11 4.66 -89.12
CA ARG A 707 22.18 4.54 -90.11
C ARG A 707 23.51 4.49 -89.37
N ALA A 708 24.49 3.83 -89.98
CA ALA A 708 25.83 3.70 -89.40
C ALA A 708 26.43 5.07 -89.09
N PRO A 709 26.95 5.24 -87.86
CA PRO A 709 27.48 6.52 -87.39
C PRO A 709 28.72 6.97 -88.16
N ASP A 710 28.52 7.88 -89.12
CA ASP A 710 29.63 8.41 -89.89
C ASP A 710 30.29 9.57 -89.13
N LEU A 711 31.38 9.26 -88.44
CA LEU A 711 32.06 10.23 -87.59
C LEU A 711 32.71 11.36 -88.37
N GLU A 712 32.93 11.14 -89.66
CA GLU A 712 33.58 12.13 -90.51
C GLU A 712 32.94 13.50 -90.38
N THR A 713 31.61 13.55 -90.48
CA THR A 713 30.91 14.82 -90.48
C THR A 713 31.11 15.61 -89.18
N ILE A 714 31.56 14.94 -88.12
CA ILE A 714 31.95 15.68 -86.93
C ILE A 714 33.31 16.30 -87.17
N PHE A 715 34.28 15.44 -87.49
CA PHE A 715 35.66 15.85 -87.73
C PHE A 715 35.73 16.99 -88.74
N ASN A 716 35.13 16.76 -89.90
CA ASN A 716 35.07 17.78 -90.94
C ASN A 716 34.56 19.10 -90.39
N LEU A 717 33.45 19.05 -89.65
CA LEU A 717 32.87 20.28 -89.11
C LEU A 717 33.88 20.93 -88.18
N GLN A 718 34.53 20.13 -87.35
CA GLN A 718 35.55 20.61 -86.46
C GLN A 718 36.58 21.41 -87.25
N ASN A 719 37.05 20.84 -88.35
CA ASN A 719 38.05 21.52 -89.16
C ASN A 719 37.56 22.91 -89.55
N GLU A 720 36.30 22.97 -89.99
CA GLU A 720 35.72 24.23 -90.40
C GLU A 720 35.67 25.24 -89.27
N VAL A 721 35.36 24.81 -88.05
CA VAL A 721 35.28 25.78 -86.96
C VAL A 721 36.66 26.37 -86.72
N GLU A 722 37.71 25.57 -86.97
CA GLU A 722 39.06 26.05 -86.73
C GLU A 722 39.58 26.79 -87.94
N ALA A 723 38.85 26.70 -89.06
CA ALA A 723 39.29 27.33 -90.29
C ALA A 723 38.66 28.69 -90.48
N VAL A 724 37.42 28.84 -90.04
CA VAL A 724 36.66 30.06 -90.28
C VAL A 724 37.28 31.28 -89.61
N GLN A 725 38.10 31.05 -88.58
CA GLN A 725 38.71 32.16 -87.87
C GLN A 725 39.69 32.88 -88.79
N TYR A 726 40.20 32.14 -89.78
CA TYR A 726 41.22 32.65 -90.68
C TYR A 726 40.67 33.02 -92.06
N SER A 727 39.35 33.06 -92.19
CA SER A 727 38.73 33.37 -93.48
C SER A 727 38.37 34.84 -93.63
N HIS A 728 38.34 35.55 -92.50
CA HIS A 728 38.09 37.00 -92.49
C HIS A 728 36.76 37.39 -93.12
N LEU A 729 35.84 36.44 -93.25
CA LEU A 729 34.57 36.73 -93.90
C LEU A 729 33.59 37.46 -92.98
N SER A 730 32.96 36.71 -92.07
CA SER A 730 31.99 37.29 -91.14
C SER A 730 32.37 37.05 -89.68
N THR A 731 32.60 38.12 -88.93
CA THR A 731 33.05 38.00 -87.54
C THR A 731 32.00 37.32 -86.67
N GLY A 732 30.72 37.55 -86.98
CA GLY A 732 29.64 37.00 -86.17
C GLY A 732 29.60 35.50 -86.36
N TYR A 733 29.84 35.08 -87.59
CA TYR A 733 29.82 33.66 -87.94
C TYR A 733 30.97 32.99 -87.21
N LYS A 734 32.14 33.63 -87.27
CA LYS A 734 33.34 33.12 -86.61
C LYS A 734 33.06 32.90 -85.14
N ASN A 735 32.54 33.95 -84.51
CA ASN A 735 32.23 33.94 -83.10
C ASN A 735 31.27 32.81 -82.77
N PHE A 736 30.25 32.65 -83.60
CA PHE A 736 29.21 31.66 -83.34
C PHE A 736 29.70 30.23 -83.53
N LEU A 737 30.63 30.04 -84.47
CA LEU A 737 31.23 28.72 -84.67
C LEU A 737 32.24 28.32 -83.60
N LYS A 738 33.14 29.25 -83.24
CA LYS A 738 34.17 28.94 -82.26
C LYS A 738 33.67 28.98 -80.81
N ASN A 739 32.73 29.86 -80.52
CA ASN A 739 32.24 29.98 -79.15
C ASN A 739 30.97 29.22 -78.82
N THR A 740 30.17 28.87 -79.83
CA THR A 740 28.95 28.13 -79.55
C THR A 740 28.92 26.70 -80.10
N VAL A 741 29.22 26.55 -81.39
CA VAL A 741 29.16 25.23 -82.02
C VAL A 741 30.34 24.34 -81.66
N GLY A 742 31.53 24.95 -81.62
CA GLY A 742 32.75 24.25 -81.27
C GLY A 742 32.69 23.43 -79.99
N PRO A 743 32.41 24.09 -78.86
CA PRO A 743 32.24 23.37 -77.59
C PRO A 743 31.17 22.28 -77.63
N VAL A 744 30.11 22.49 -78.39
CA VAL A 744 29.08 21.47 -78.55
C VAL A 744 29.65 20.25 -79.25
N LEU A 745 30.46 20.49 -80.29
CA LEU A 745 31.12 19.38 -80.97
C LEU A 745 32.09 18.64 -80.07
N GLU A 746 32.92 19.39 -79.35
CA GLU A 746 33.89 18.77 -78.45
C GLU A 746 33.22 17.90 -77.39
N ASN A 747 32.20 18.44 -76.74
CA ASN A 747 31.55 17.73 -75.64
C ASN A 747 30.65 16.60 -76.12
N SER A 748 29.99 16.79 -77.27
CA SER A 748 29.16 15.73 -77.84
C SER A 748 30.01 14.61 -78.40
N LEU A 749 31.19 14.93 -78.92
CA LEU A 749 32.08 13.89 -79.43
C LEU A 749 32.73 13.11 -78.30
N SER A 750 33.28 13.84 -77.33
CA SER A 750 33.89 13.20 -76.16
C SER A 750 32.87 12.39 -75.40
N GLY A 751 31.62 12.85 -75.41
CA GLY A 751 30.53 12.13 -74.79
C GLY A 751 30.16 10.89 -75.59
N LEU A 752 30.07 11.06 -76.90
CA LEU A 752 29.69 9.97 -77.80
C LEU A 752 30.70 8.81 -77.79
N MET A 753 31.98 9.12 -77.70
CA MET A 753 32.98 8.06 -77.68
C MET A 753 32.88 7.26 -76.39
N GLU A 754 32.87 7.96 -75.26
CA GLU A 754 32.80 7.30 -73.96
C GLU A 754 31.39 6.76 -73.75
N SER A 755 31.18 6.04 -72.65
CA SER A 755 29.89 5.41 -72.39
C SER A 755 28.80 6.47 -72.17
N ASP A 756 27.59 6.03 -71.82
CA ASP A 756 26.50 6.97 -71.63
C ASP A 756 26.82 7.89 -70.46
N THR A 757 26.41 9.14 -70.58
CA THR A 757 26.71 10.16 -69.58
C THR A 757 25.67 11.26 -69.55
N ASP A 758 25.87 12.20 -68.63
CA ASP A 758 25.12 13.44 -68.59
C ASP A 758 25.77 14.47 -69.51
N THR A 759 27.07 14.28 -69.77
CA THR A 759 27.83 15.23 -70.58
C THR A 759 27.32 15.33 -72.01
N LEU A 760 27.06 14.18 -72.64
CA LEU A 760 26.62 14.20 -74.03
C LEU A 760 25.14 14.56 -74.13
N SER A 761 24.36 14.23 -73.11
CA SER A 761 22.94 14.60 -73.09
C SER A 761 22.79 16.12 -72.90
N LYS A 762 23.61 16.70 -72.03
CA LYS A 762 23.57 18.15 -71.82
C LYS A 762 24.29 18.86 -72.96
N ALA A 763 25.10 18.11 -73.70
CA ALA A 763 25.71 18.62 -74.92
C ALA A 763 24.62 18.68 -75.99
N LEU A 764 23.72 17.71 -75.92
CA LEU A 764 22.54 17.68 -76.78
C LEU A 764 21.57 18.79 -76.40
N ALA A 765 21.57 19.17 -75.12
CA ALA A 765 20.75 20.28 -74.67
C ALA A 765 21.35 21.62 -75.05
N ALA A 766 22.68 21.69 -75.12
CA ALA A 766 23.39 22.92 -75.48
C ALA A 766 23.35 23.21 -76.98
N PHE A 767 22.81 22.26 -77.75
CA PHE A 767 22.77 22.37 -79.21
C PHE A 767 22.13 23.67 -79.69
N PRO A 768 22.70 24.26 -80.75
CA PRO A 768 22.16 25.46 -81.38
C PRO A 768 20.89 25.15 -82.15
N SER A 769 19.81 25.85 -81.83
CA SER A 769 18.51 25.56 -82.42
C SER A 769 18.32 26.22 -83.78
N ASP A 770 17.23 25.86 -84.44
CA ASP A 770 16.93 26.40 -85.76
C ASP A 770 16.43 27.84 -85.67
N THR A 771 15.95 28.20 -84.48
CA THR A 771 15.48 29.57 -84.22
C THR A 771 16.60 30.56 -84.46
N GLN A 772 17.81 30.19 -84.03
CA GLN A 772 19.00 30.98 -84.33
C GLN A 772 19.47 30.67 -85.74
N TRP A 773 20.77 30.78 -85.96
CA TRP A 773 21.41 30.31 -87.19
C TRP A 773 20.92 30.95 -88.50
N SER A 774 19.61 31.15 -88.61
CA SER A 774 19.01 31.69 -89.83
C SER A 774 19.57 33.05 -90.21
N ALA A 775 20.11 33.77 -89.23
CA ALA A 775 20.63 35.11 -89.47
C ALA A 775 22.01 35.08 -90.12
N PHE A 776 22.55 33.89 -90.33
CA PHE A 776 23.89 33.75 -90.89
C PHE A 776 23.88 33.47 -92.38
N ASN A 777 25.07 33.17 -92.91
CA ASN A 777 25.25 32.87 -94.33
C ASN A 777 24.38 31.70 -94.78
N PHE A 778 23.85 31.80 -96.00
CA PHE A 778 22.99 30.74 -96.53
C PHE A 778 23.70 29.97 -97.64
N GLU A 779 24.80 30.53 -98.13
CA GLU A 779 25.54 29.92 -99.23
C GLU A 779 26.39 28.73 -98.76
N GLU A 780 27.30 28.97 -97.84
CA GLU A 780 28.20 27.91 -97.40
C GLU A 780 28.00 27.48 -95.95
N ALA A 781 27.30 28.27 -95.16
CA ALA A 781 27.01 27.86 -93.79
C ALA A 781 25.80 26.93 -93.80
N ARG A 782 25.19 26.79 -94.97
CA ARG A 782 24.09 25.87 -95.18
C ARG A 782 24.53 24.45 -94.87
N GLN A 783 25.64 24.06 -95.48
CA GLN A 783 26.21 22.73 -95.29
C GLN A 783 26.70 22.54 -93.86
N ALA A 784 27.04 23.64 -93.20
CA ALA A 784 27.40 23.61 -91.79
C ALA A 784 26.18 23.20 -90.98
N LYS A 785 25.06 23.83 -91.30
CA LYS A 785 23.77 23.52 -90.68
C LYS A 785 23.49 22.04 -90.89
N ARG A 786 23.65 21.60 -92.15
CA ARG A 786 23.42 20.21 -92.53
C ARG A 786 24.19 19.25 -91.63
N GLN A 787 25.51 19.40 -91.64
CA GLN A 787 26.40 18.57 -90.84
C GLN A 787 25.98 18.56 -89.37
N MET A 788 25.73 19.74 -88.83
CA MET A 788 25.39 19.86 -87.42
C MET A 788 24.09 19.11 -87.10
N ASP A 789 23.11 19.19 -87.99
CA ASP A 789 21.84 18.48 -87.77
C ASP A 789 22.05 16.97 -87.87
N ALA A 790 22.99 16.57 -88.73
CA ALA A 790 23.36 15.16 -88.85
C ALA A 790 23.93 14.67 -87.52
N ILE A 791 24.67 15.55 -86.85
CA ILE A 791 25.22 15.20 -85.56
C ILE A 791 24.14 15.28 -84.48
N LYS A 792 23.13 16.12 -84.70
CA LYS A 792 21.99 16.16 -83.80
C LYS A 792 21.41 14.77 -83.75
N GLN A 793 21.13 14.24 -84.93
CA GLN A 793 20.55 12.92 -85.05
C GLN A 793 21.47 11.83 -84.50
N MET A 794 22.77 11.95 -84.77
CA MET A 794 23.74 11.00 -84.23
C MET A 794 23.69 10.92 -82.70
N VAL A 795 23.80 12.08 -82.06
CA VAL A 795 23.77 12.14 -80.60
C VAL A 795 22.44 11.71 -79.99
N GLY A 796 21.34 12.22 -80.51
CA GLY A 796 20.02 11.82 -80.04
C GLY A 796 19.83 10.32 -80.09
N ASN A 797 20.20 9.73 -81.22
CA ASN A 797 20.10 8.30 -81.39
C ASN A 797 20.97 7.57 -80.37
N LYS A 798 22.25 7.96 -80.29
CA LYS A 798 23.17 7.30 -79.38
C LYS A 798 22.66 7.31 -77.94
N VAL A 799 22.37 8.50 -77.43
CA VAL A 799 21.83 8.67 -76.07
C VAL A 799 20.63 7.80 -75.80
N VAL A 800 19.60 7.97 -76.65
CA VAL A 800 18.38 7.18 -76.50
C VAL A 800 18.68 5.68 -76.46
N LEU A 801 19.39 5.20 -77.49
CA LEU A 801 19.65 3.78 -77.65
C LEU A 801 20.42 3.14 -76.49
N ASP A 802 21.54 3.74 -76.10
CA ASP A 802 22.32 3.10 -75.04
C ASP A 802 21.61 3.27 -73.70
N ALA A 803 20.91 4.38 -73.50
CA ALA A 803 20.12 4.56 -72.29
C ALA A 803 19.14 3.39 -72.18
N LEU A 804 18.45 3.15 -73.29
CA LEU A 804 17.53 2.01 -73.41
C LEU A 804 18.17 0.69 -73.05
N THR A 805 19.35 0.42 -73.63
CA THR A 805 20.06 -0.84 -73.36
C THR A 805 20.35 -1.00 -71.86
N GLN A 806 20.92 0.05 -71.27
CA GLN A 806 21.21 0.09 -69.85
C GLN A 806 19.96 -0.26 -69.05
N CYS A 807 18.88 0.42 -69.40
CA CYS A 807 17.57 0.20 -68.78
C CYS A 807 17.12 -1.26 -68.87
N GLN A 808 17.19 -1.84 -70.06
CA GLN A 808 16.75 -3.21 -70.29
C GLN A 808 17.52 -4.18 -69.41
N ASP A 809 18.84 -4.05 -69.43
CA ASP A 809 19.69 -4.92 -68.62
C ASP A 809 19.36 -4.72 -67.14
N ALA A 810 19.04 -3.49 -66.76
CA ALA A 810 18.62 -3.20 -65.39
C ALA A 810 17.34 -3.95 -65.04
N LEU A 811 16.40 -3.98 -65.98
CA LEU A 811 15.12 -4.64 -65.77
C LEU A 811 15.26 -6.15 -65.72
N GLU A 812 16.32 -6.68 -66.32
CA GLU A 812 16.53 -8.12 -66.34
C GLU A 812 16.60 -8.69 -64.91
N LYS A 813 17.20 -7.93 -64.00
CA LYS A 813 17.12 -8.26 -62.58
C LYS A 813 15.80 -7.78 -61.97
N GLY A 818 15.63 -2.84 -60.37
CA GLY A 818 14.23 -2.43 -60.32
C GLY A 818 14.05 -0.95 -60.08
N ALA A 819 14.77 -0.42 -59.10
CA ALA A 819 14.77 1.02 -58.83
C ALA A 819 15.86 1.69 -59.65
N LEU A 820 16.96 0.97 -59.83
CA LEU A 820 18.13 1.47 -60.54
C LEU A 820 17.78 1.85 -61.98
N ASP A 821 16.70 1.22 -62.47
CA ASP A 821 16.20 1.43 -63.81
C ASP A 821 15.57 2.79 -64.11
N ALA A 822 14.67 3.24 -63.23
CA ALA A 822 13.92 4.47 -63.42
C ALA A 822 14.78 5.72 -63.60
N LEU A 823 15.90 5.78 -62.88
CA LEU A 823 16.80 6.93 -62.93
C LEU A 823 17.47 7.08 -64.31
N LYS A 824 17.73 5.96 -64.97
CA LYS A 824 18.46 5.96 -66.23
C LYS A 824 17.75 6.73 -67.35
N LYS A 825 16.43 6.77 -67.30
CA LYS A 825 15.63 7.43 -68.32
C LYS A 825 15.57 8.95 -68.23
N ILE A 826 15.95 9.50 -67.09
CA ILE A 826 15.76 10.94 -66.82
C ILE A 826 16.43 11.92 -67.81
N PRO A 827 17.66 11.63 -68.27
CA PRO A 827 18.26 12.66 -69.13
C PRO A 827 17.65 12.77 -70.53
N SER A 828 17.32 11.65 -71.14
CA SER A 828 16.91 11.60 -72.55
C SER A 828 15.57 12.25 -72.90
N GLU A 829 14.81 12.67 -71.90
CA GLU A 829 13.39 13.02 -72.11
C GLU A 829 13.06 14.07 -73.18
N LYS A 830 13.65 15.25 -73.10
CA LYS A 830 13.17 16.40 -73.87
C LYS A 830 13.45 16.41 -75.38
N GLU A 831 14.68 16.06 -75.77
CA GLU A 831 15.12 16.22 -77.16
C GLU A 831 15.19 14.97 -78.03
N MET A 832 15.06 15.19 -79.34
CA MET A 832 15.16 14.17 -80.37
C MET A 832 14.24 12.96 -80.22
N GLY A 833 14.40 12.03 -81.16
CA GLY A 833 13.55 10.85 -81.21
C GLY A 833 12.35 11.16 -82.06
N THR A 834 11.91 10.20 -82.85
CA THR A 834 10.70 10.38 -83.64
C THR A 834 9.50 10.52 -82.70
N ILE A 835 8.51 11.29 -83.12
CA ILE A 835 7.33 11.53 -82.30
C ILE A 835 6.60 10.22 -82.00
N ARG A 836 5.87 10.20 -80.89
CA ARG A 836 5.04 9.07 -80.43
C ARG A 836 5.82 7.88 -79.85
N ARG A 837 6.94 7.50 -80.44
CA ARG A 837 7.78 6.46 -79.84
C ARG A 837 8.33 6.98 -78.51
N GLU A 838 8.73 8.25 -78.52
CA GLU A 838 9.17 8.93 -77.31
C GLU A 838 8.06 8.95 -76.28
N LEU A 839 6.83 9.22 -76.72
CA LEU A 839 5.67 9.24 -75.82
C LEU A 839 5.49 7.86 -75.20
N ARG A 840 5.75 6.82 -75.98
CA ARG A 840 5.68 5.45 -75.51
C ARG A 840 6.67 5.20 -74.38
N GLU A 841 7.96 5.49 -74.64
CA GLU A 841 8.98 5.24 -73.62
C GLU A 841 8.70 6.13 -72.38
N GLN A 842 8.08 7.28 -72.61
CA GLN A 842 7.65 8.17 -71.53
C GLN A 842 6.57 7.50 -70.68
N ILE A 843 5.65 6.81 -71.34
CA ILE A 843 4.60 6.07 -70.64
C ILE A 843 5.26 5.04 -69.74
N GLN A 844 6.19 4.28 -70.30
CA GLN A 844 6.87 3.26 -69.50
C GLN A 844 7.59 3.87 -68.30
N SER A 845 8.29 4.98 -68.55
CA SER A 845 8.94 5.71 -67.48
C SER A 845 7.94 6.12 -66.40
N ALA A 846 6.73 6.46 -66.83
CA ALA A 846 5.66 6.83 -65.89
C ALA A 846 5.28 5.66 -65.00
N ARG A 847 5.10 4.47 -65.58
CA ARG A 847 4.79 3.28 -64.77
C ARG A 847 5.92 3.01 -63.77
N GLN A 848 7.15 3.01 -64.26
CA GLN A 848 8.33 2.80 -63.42
C GLN A 848 8.32 3.76 -62.24
N GLU A 849 8.01 5.02 -62.55
CA GLU A 849 7.97 6.08 -61.56
C GLU A 849 6.90 5.77 -60.50
N LEU A 850 5.73 5.33 -60.97
CA LEU A 850 4.63 4.96 -60.09
C LEU A 850 5.07 3.93 -59.06
N GLU A 851 5.69 2.86 -59.53
CA GLU A 851 6.18 1.85 -58.59
C GLU A 851 7.24 2.40 -57.66
N SER A 852 8.26 3.02 -58.26
CA SER A 852 9.42 3.50 -57.51
C SER A 852 9.08 4.45 -56.38
N LEU A 853 8.05 5.28 -56.57
CA LEU A 853 7.72 6.26 -55.54
C LEU A 853 6.59 5.82 -54.62
N GLN A 854 5.62 5.08 -55.15
CA GLN A 854 4.47 4.72 -54.33
C GLN A 854 4.59 3.39 -53.58
N ARG A 855 5.70 2.69 -53.75
CA ARG A 855 5.92 1.44 -53.04
C ARG A 855 6.16 1.65 -51.54
N ALA A 856 5.59 0.77 -50.72
CA ALA A 856 5.88 0.78 -49.28
C ALA A 856 5.80 -0.63 -48.75
N VAL A 857 6.76 -1.01 -47.90
CA VAL A 857 6.77 -2.36 -47.35
C VAL A 857 6.57 -2.34 -45.82
N VAL A 858 5.46 -2.91 -45.36
CA VAL A 858 5.15 -2.97 -43.94
C VAL A 858 5.85 -4.13 -43.26
N THR A 859 5.92 -4.06 -41.93
CA THR A 859 6.68 -5.01 -41.14
C THR A 859 5.77 -5.71 -40.13
N PRO A 860 6.06 -6.99 -39.84
CA PRO A 860 5.23 -7.78 -38.93
C PRO A 860 5.72 -7.68 -37.49
N VAL A 861 6.77 -6.89 -37.27
CA VAL A 861 7.35 -6.74 -35.94
C VAL A 861 7.44 -5.26 -35.58
N VAL A 862 6.49 -4.79 -34.78
CA VAL A 862 6.38 -3.37 -34.50
C VAL A 862 7.14 -3.07 -33.20
N THR A 863 6.78 -2.00 -32.51
CA THR A 863 7.47 -1.55 -31.31
C THR A 863 7.59 -2.67 -30.28
N ASP A 864 6.54 -3.48 -30.16
CA ASP A 864 6.55 -4.60 -29.22
C ASP A 864 7.53 -5.70 -29.62
N GLU A 865 8.73 -5.30 -30.07
CA GLU A 865 9.79 -6.25 -30.40
C GLU A 865 10.13 -7.02 -29.15
N LYS A 866 10.12 -6.30 -28.03
CA LYS A 866 10.30 -6.88 -26.71
C LYS A 866 9.29 -7.99 -26.56
N LYS A 867 8.03 -7.67 -26.81
CA LYS A 867 6.96 -8.64 -26.69
C LYS A 867 7.19 -9.83 -27.60
N VAL A 868 7.67 -9.60 -28.81
CA VAL A 868 7.84 -10.72 -29.74
C VAL A 868 8.95 -11.67 -29.26
N ARG A 869 10.02 -11.10 -28.70
CA ARG A 869 11.14 -11.90 -28.21
C ARG A 869 10.78 -12.66 -26.95
N GLU A 870 10.27 -11.94 -25.97
CA GLU A 870 9.87 -12.52 -24.70
C GLU A 870 8.81 -13.60 -24.93
N ARG A 871 7.79 -13.25 -25.72
CA ARG A 871 6.73 -14.19 -26.01
C ARG A 871 7.29 -15.41 -26.71
N TYR A 872 8.25 -15.23 -27.60
CA TYR A 872 8.84 -16.41 -28.25
C TYR A 872 9.49 -17.30 -27.19
N ASP A 873 10.22 -16.67 -26.27
CA ASP A 873 10.87 -17.40 -25.19
C ASP A 873 9.85 -18.24 -24.43
N ALA A 874 8.78 -17.58 -23.99
CA ALA A 874 7.71 -18.24 -23.25
C ALA A 874 7.11 -19.39 -24.06
N LEU A 875 6.88 -19.14 -25.35
CA LEU A 875 6.31 -20.13 -26.25
C LEU A 875 7.15 -21.40 -26.25
N ILE A 876 8.42 -21.26 -26.64
CA ILE A 876 9.26 -22.43 -26.81
C ILE A 876 9.55 -23.09 -25.46
N GLU A 877 9.48 -22.30 -24.39
CA GLU A 877 9.63 -22.85 -23.05
C GLU A 877 8.46 -23.77 -22.77
N ASN A 878 7.25 -23.24 -22.89
CA ASN A 878 6.03 -23.99 -22.62
C ASN A 878 5.94 -25.25 -23.47
N THR A 879 6.20 -25.10 -24.77
CA THR A 879 6.20 -26.23 -25.69
C THR A 879 7.20 -27.28 -25.23
N SER A 880 8.41 -26.85 -24.87
CA SER A 880 9.42 -27.75 -24.36
C SER A 880 8.92 -28.51 -23.14
N LYS A 881 8.29 -27.77 -22.23
CA LYS A 881 7.74 -28.33 -21.00
C LYS A 881 6.74 -29.44 -21.32
N LYS A 882 5.79 -29.15 -22.21
CA LYS A 882 4.76 -30.13 -22.55
C LYS A 882 5.37 -31.35 -23.24
N ILE A 883 6.29 -31.11 -24.17
CA ILE A 883 6.88 -32.20 -24.93
C ILE A 883 7.71 -33.14 -24.05
N THR A 884 8.61 -32.56 -23.27
CA THR A 884 9.46 -33.35 -22.38
C THR A 884 8.65 -34.03 -21.29
N GLU A 885 7.59 -33.37 -20.84
CA GLU A 885 6.70 -33.99 -19.86
C GLU A 885 5.99 -35.18 -20.49
N LEU A 886 5.65 -35.05 -21.76
CA LEU A 886 4.95 -36.12 -22.47
C LEU A 886 5.87 -37.29 -22.81
N GLU A 887 7.18 -37.08 -22.75
CA GLU A 887 8.09 -38.17 -23.01
C GLU A 887 8.40 -38.95 -21.74
N THR A 888 7.59 -38.70 -20.71
CA THR A 888 7.68 -39.43 -19.44
C THR A 888 6.30 -39.92 -19.03
N GLY A 889 6.16 -41.22 -18.79
CA GLY A 889 4.88 -41.78 -18.42
C GLY A 889 4.54 -43.07 -19.13
N LEU A 894 -2.69 -47.33 -20.07
CA LEU A 894 -3.36 -48.06 -21.13
C LEU A 894 -4.49 -47.22 -21.74
N ASP A 895 -5.36 -46.70 -20.88
CA ASP A 895 -6.51 -45.92 -21.32
C ASP A 895 -6.07 -44.52 -21.75
N ALA A 896 -5.27 -43.89 -20.88
CA ALA A 896 -4.83 -42.51 -21.05
C ALA A 896 -3.94 -42.28 -22.27
N VAL A 897 -3.12 -43.26 -22.60
CA VAL A 897 -2.12 -43.12 -23.66
C VAL A 897 -2.76 -42.92 -25.04
N LYS A 898 -3.97 -43.43 -25.23
CA LYS A 898 -4.67 -43.28 -26.49
C LYS A 898 -4.90 -41.79 -26.78
N LYS A 899 -5.42 -41.07 -25.79
CA LYS A 899 -5.58 -39.63 -25.87
C LYS A 899 -4.19 -38.98 -25.92
N GLY A 900 -3.25 -39.62 -25.23
CA GLY A 900 -1.86 -39.19 -25.23
C GLY A 900 -1.29 -39.08 -26.63
N ILE A 901 -1.79 -39.91 -27.55
CA ILE A 901 -1.33 -39.86 -28.93
C ILE A 901 -1.75 -38.56 -29.61
N SER A 902 -3.00 -38.17 -29.42
CA SER A 902 -3.49 -36.90 -29.93
C SER A 902 -2.67 -35.76 -29.31
N ASN A 903 -2.42 -35.90 -28.01
CA ASN A 903 -1.57 -34.97 -27.28
C ASN A 903 -0.23 -34.80 -27.97
N LEU A 904 0.36 -35.92 -28.40
CA LEU A 904 1.58 -35.91 -29.20
C LEU A 904 1.40 -35.13 -30.49
N SER A 905 0.33 -35.46 -31.21
CA SER A 905 0.07 -34.91 -32.54
C SER A 905 -0.04 -33.38 -32.58
N ASN A 906 -0.81 -32.81 -31.66
CA ASN A 906 -0.96 -31.34 -31.63
C ASN A 906 0.38 -30.61 -31.41
N LEU A 907 1.25 -31.25 -30.63
CA LEU A 907 2.55 -30.69 -30.31
C LEU A 907 3.42 -30.50 -31.54
N LYS A 908 3.27 -31.37 -32.53
CA LYS A 908 3.98 -31.26 -33.80
C LYS A 908 3.70 -29.90 -34.42
N GLN A 909 2.42 -29.61 -34.59
CA GLN A 909 2.00 -28.34 -35.18
C GLN A 909 2.37 -27.17 -34.28
N GLU A 910 2.42 -27.39 -32.97
CA GLU A 910 2.92 -26.34 -32.09
C GLU A 910 4.37 -26.00 -32.45
N VAL A 911 5.16 -27.04 -32.67
CA VAL A 911 6.55 -26.86 -33.07
C VAL A 911 6.63 -26.13 -34.41
N THR A 912 5.78 -26.49 -35.36
CA THR A 912 5.74 -25.77 -36.64
C THR A 912 5.41 -24.29 -36.45
N VAL A 913 4.48 -24.00 -35.55
CA VAL A 913 4.13 -22.62 -35.22
C VAL A 913 5.35 -21.88 -34.71
N LEU A 914 6.06 -22.51 -33.78
CA LEU A 914 7.30 -21.95 -33.25
C LEU A 914 8.28 -21.62 -34.37
N ARG A 915 8.46 -22.57 -35.28
CA ARG A 915 9.39 -22.41 -36.40
C ARG A 915 9.02 -21.20 -37.24
N ASN A 916 7.77 -21.15 -37.68
CA ASN A 916 7.29 -20.02 -38.47
C ASN A 916 7.47 -18.72 -37.73
N GLU A 917 7.24 -18.72 -36.43
CA GLU A 917 7.39 -17.50 -35.65
C GLU A 917 8.83 -17.05 -35.66
N LYS A 918 9.74 -18.01 -35.55
CA LYS A 918 11.16 -17.69 -35.52
C LYS A 918 11.55 -17.12 -36.88
N ILE A 919 10.90 -17.65 -37.92
CA ILE A 919 11.09 -17.15 -39.27
C ILE A 919 10.67 -15.69 -39.34
N ARG A 920 9.48 -15.40 -38.83
CA ARG A 920 8.90 -14.06 -38.89
C ARG A 920 9.70 -13.04 -38.08
N MET A 921 10.39 -13.50 -37.04
CA MET A 921 11.17 -12.61 -36.18
C MET A 921 12.34 -11.95 -36.90
N HIS A 922 12.86 -12.60 -37.94
CA HIS A 922 13.98 -12.05 -38.69
C HIS A 922 13.72 -12.08 -40.19
N VAL A 923 13.05 -11.03 -40.69
CA VAL A 923 12.71 -10.94 -42.10
C VAL A 923 13.97 -10.79 -42.96
N PHE A 930 18.99 -20.72 -38.38
CA PHE A 930 19.32 -20.38 -37.00
C PHE A 930 18.37 -21.08 -36.02
N SER A 931 17.51 -21.93 -36.57
CA SER A 931 16.54 -22.69 -35.80
C SER A 931 17.11 -23.97 -35.18
N ASP A 932 18.03 -23.82 -34.23
CA ASP A 932 18.71 -24.96 -33.64
C ASP A 932 17.87 -25.69 -32.59
N VAL A 933 17.37 -24.93 -31.63
CA VAL A 933 16.60 -25.48 -30.52
C VAL A 933 15.34 -26.18 -31.00
N GLU A 934 14.64 -25.54 -31.94
CA GLU A 934 13.40 -26.11 -32.49
C GLU A 934 13.69 -27.41 -33.23
N LYS A 935 14.84 -27.45 -33.89
CA LYS A 935 15.29 -28.65 -34.57
C LYS A 935 15.49 -29.76 -33.54
N LEU A 936 16.07 -29.39 -32.41
CA LEU A 936 16.30 -30.35 -31.33
C LEU A 936 14.97 -30.89 -30.80
N GLU A 937 13.99 -30.01 -30.62
CA GLU A 937 12.67 -30.44 -30.18
C GLU A 937 12.03 -31.37 -31.19
N GLN A 938 12.29 -31.12 -32.47
CA GLN A 938 11.79 -31.98 -33.54
C GLN A 938 12.43 -33.36 -33.41
N GLN A 939 13.71 -33.38 -33.08
CA GLN A 939 14.44 -34.63 -32.86
C GLN A 939 13.83 -35.38 -31.68
N ILE A 940 13.41 -34.65 -30.65
CA ILE A 940 12.67 -35.23 -29.54
C ILE A 940 11.38 -35.86 -30.06
N GLN A 941 10.74 -35.14 -30.98
CA GLN A 941 9.45 -35.54 -31.51
C GLN A 941 9.54 -36.86 -32.26
N VAL A 942 10.65 -37.06 -32.98
CA VAL A 942 10.82 -38.32 -33.71
C VAL A 942 10.98 -39.52 -32.77
N ILE A 943 11.84 -39.39 -31.76
CA ILE A 943 12.08 -40.48 -30.84
C ILE A 943 10.82 -40.82 -30.04
N ASP A 944 10.11 -39.82 -29.52
CA ASP A 944 8.92 -40.15 -28.74
C ASP A 944 7.76 -40.54 -29.66
N THR A 945 7.88 -40.22 -30.95
CA THR A 945 6.96 -40.75 -31.96
C THR A 945 7.13 -42.26 -32.04
N LYS A 946 8.37 -42.71 -32.24
CA LYS A 946 8.64 -44.14 -32.31
C LYS A 946 8.26 -44.84 -31.01
N LEU A 947 8.61 -44.21 -29.88
CA LEU A 947 8.33 -44.77 -28.56
C LEU A 947 6.83 -44.97 -28.32
N ALA A 948 6.04 -43.94 -28.61
CA ALA A 948 4.61 -44.03 -28.42
C ALA A 948 3.95 -44.92 -29.47
N ASP A 949 4.60 -45.09 -30.61
CA ASP A 949 4.11 -45.99 -31.64
C ASP A 949 4.23 -47.43 -31.18
N ALA A 950 5.42 -47.78 -30.69
CA ALA A 950 5.66 -49.11 -30.14
C ALA A 950 4.77 -49.35 -28.92
N TYR A 951 4.57 -48.31 -28.13
CA TYR A 951 3.73 -48.41 -26.93
C TYR A 951 2.27 -48.66 -27.30
N LEU A 952 1.79 -47.95 -28.32
CA LEU A 952 0.40 -48.09 -28.77
C LEU A 952 0.18 -49.43 -29.44
N LEU A 953 1.23 -49.96 -30.08
CA LEU A 953 1.15 -51.27 -30.71
C LEU A 953 1.19 -52.39 -29.68
N GLU A 954 1.93 -52.16 -28.60
CA GLU A 954 2.11 -53.18 -27.55
C GLU A 954 0.81 -53.48 -26.81
N VAL A 955 0.10 -52.43 -26.40
CA VAL A 955 -1.16 -52.60 -25.71
C VAL A 955 -2.33 -52.51 -26.71
N GLY B 2 9.25 31.27 23.14
CA GLY B 2 8.53 32.38 22.59
C GLY B 2 7.02 32.24 22.72
N PHE B 3 6.30 32.70 21.70
CA PHE B 3 4.85 32.57 21.66
C PHE B 3 4.42 31.56 20.60
N SER B 4 3.51 30.67 20.97
CA SER B 4 2.99 29.64 20.07
C SER B 4 1.94 30.17 19.09
N LEU B 5 1.36 29.27 18.30
CA LEU B 5 0.40 29.65 17.26
C LEU B 5 -0.98 29.98 17.83
N TYR B 6 -1.45 29.17 18.76
CA TYR B 6 -2.79 29.36 19.29
C TYR B 6 -2.80 30.49 20.32
N THR B 7 -1.67 30.67 20.98
CA THR B 7 -1.54 31.70 22.01
C THR B 7 -1.43 33.09 21.40
N ASP B 8 -0.67 33.21 20.31
CA ASP B 8 -0.46 34.49 19.65
C ASP B 8 -1.74 34.93 18.93
N ASP B 9 -2.11 36.19 19.11
CA ASP B 9 -3.35 36.70 18.56
C ASP B 9 -3.21 37.35 17.18
N THR B 10 -2.03 37.93 16.91
CA THR B 10 -1.81 38.64 15.64
C THR B 10 -1.77 37.69 14.44
N VAL B 11 -1.00 36.62 14.56
CA VAL B 11 -0.88 35.62 13.50
C VAL B 11 -2.26 35.01 13.24
N LYS B 12 -2.95 34.69 14.34
CA LYS B 12 -4.30 34.14 14.27
C LYS B 12 -5.24 35.11 13.55
N ALA B 13 -5.06 36.40 13.81
CA ALA B 13 -5.86 37.43 13.16
C ALA B 13 -5.60 37.46 11.66
N ALA B 14 -4.32 37.33 11.28
CA ALA B 14 -3.95 37.29 9.87
C ALA B 14 -4.58 36.08 9.19
N ALA B 15 -4.60 34.96 9.90
CA ALA B 15 -5.20 33.74 9.37
C ALA B 15 -6.71 33.91 9.19
N GLN B 16 -7.35 34.54 10.16
CA GLN B 16 -8.80 34.77 10.10
C GLN B 16 -9.15 35.69 8.94
N TYR B 17 -8.30 36.68 8.71
CA TYR B 17 -8.45 37.57 7.57
C TYR B 17 -8.33 36.77 6.28
N ALA B 18 -7.30 35.93 6.22
CA ALA B 18 -7.03 35.11 5.05
C ALA B 18 -8.22 34.20 4.73
N TYR B 19 -8.85 33.65 5.76
CA TYR B 19 -10.02 32.80 5.54
C TYR B 19 -11.26 33.60 5.13
N ASP B 20 -11.60 34.61 5.93
CA ASP B 20 -12.82 35.36 5.72
C ASP B 20 -12.83 36.04 4.35
N ASN B 21 -11.65 36.41 3.86
CA ASN B 21 -11.55 37.08 2.56
C ASN B 21 -11.16 36.14 1.43
N TYR B 22 -10.51 35.03 1.74
CA TYR B 22 -10.08 34.09 0.71
C TYR B 22 -10.39 32.64 1.11
N VAL B 31 -11.47 23.30 -13.86
CA VAL B 31 -10.06 23.50 -13.56
C VAL B 31 -9.76 23.08 -12.11
N GLU B 32 -10.69 23.36 -11.21
CA GLU B 32 -10.57 23.01 -9.80
C GLU B 32 -11.81 22.27 -9.34
N SER B 33 -12.96 22.73 -9.84
CA SER B 33 -14.27 22.13 -9.64
C SER B 33 -14.92 22.36 -8.27
N ALA B 34 -16.04 21.67 -8.10
CA ALA B 34 -16.91 21.72 -6.94
C ALA B 34 -16.22 21.46 -5.58
N PRO B 35 -16.92 21.78 -4.48
CA PRO B 35 -16.52 21.45 -3.10
C PRO B 35 -16.55 19.96 -2.71
N ALA B 36 -17.46 19.18 -3.30
CA ALA B 36 -17.51 17.72 -3.12
C ALA B 36 -17.79 17.24 -1.69
N ASN B 37 -18.26 18.13 -0.83
CA ASN B 37 -18.55 17.73 0.55
C ASN B 37 -20.04 17.44 0.70
N PHE B 38 -20.37 16.26 1.23
CA PHE B 38 -21.78 15.81 1.25
C PHE B 38 -22.40 15.75 2.65
N GLY B 39 -21.67 15.26 3.63
CA GLY B 39 -22.21 15.14 4.99
C GLY B 39 -22.40 16.51 5.61
N GLY B 40 -21.33 17.28 5.68
CA GLY B 40 -21.39 18.62 6.20
C GLY B 40 -21.71 19.62 5.11
N ARG B 41 -21.58 20.89 5.43
CA ARG B 41 -21.80 21.93 4.43
C ARG B 41 -20.53 22.06 3.62
N MET B 42 -20.72 22.13 2.31
CA MET B 42 -19.65 22.07 1.32
C MET B 42 -18.50 23.03 1.60
N VAL B 43 -17.28 22.53 1.45
CA VAL B 43 -16.08 23.35 1.55
C VAL B 43 -15.40 23.41 0.20
N TYR B 44 -15.16 24.62 -0.27
CA TYR B 44 -14.77 24.85 -1.66
C TYR B 44 -13.33 24.45 -1.97
N ARG B 45 -12.45 24.63 -1.00
CA ARG B 45 -11.02 24.38 -1.22
C ARG B 45 -10.49 23.39 -0.19
N GLN B 46 -10.42 22.12 -0.58
CA GLN B 46 -10.03 21.07 0.36
C GLN B 46 -8.51 20.85 0.36
N HIS B 47 -7.91 20.99 -0.81
CA HIS B 47 -6.49 20.71 -0.98
C HIS B 47 -5.66 21.91 -0.54
N HIS B 48 -6.18 23.11 -0.77
CA HIS B 48 -5.47 24.32 -0.37
C HIS B 48 -6.32 25.24 0.50
N GLY B 49 -7.05 24.67 1.46
CA GLY B 49 -7.88 25.46 2.34
C GLY B 49 -7.11 26.05 3.51
N LEU B 50 -7.80 26.33 4.61
CA LEU B 50 -7.12 26.90 5.77
C LEU B 50 -6.35 25.82 6.50
N SER B 51 -6.89 24.61 6.52
CA SER B 51 -6.23 23.49 7.19
C SER B 51 -4.83 23.27 6.61
N HIS B 52 -4.71 23.41 5.29
CA HIS B 52 -3.42 23.29 4.62
C HIS B 52 -2.41 24.30 5.13
N THR B 53 -2.72 25.59 4.92
CA THR B 53 -1.81 26.66 5.29
C THR B 53 -1.47 26.65 6.77
N LEU B 54 -2.47 26.45 7.61
CA LEU B 54 -2.25 26.35 9.05
C LEU B 54 -1.28 25.21 9.35
N ARG B 55 -1.48 24.08 8.69
CA ARG B 55 -0.56 22.96 8.84
C ARG B 55 0.85 23.33 8.39
N THR B 56 0.97 24.18 7.39
CA THR B 56 2.28 24.60 6.91
C THR B 56 2.99 25.49 7.93
N MET B 57 2.23 26.40 8.53
CA MET B 57 2.77 27.29 9.56
C MET B 57 3.22 26.47 10.77
N ALA B 58 2.40 25.49 11.14
CA ALA B 58 2.74 24.56 12.20
C ALA B 58 4.02 23.80 11.85
N TYR B 59 4.13 23.39 10.59
CA TYR B 59 5.33 22.72 10.11
C TYR B 59 6.54 23.62 10.30
N ALA B 60 6.35 24.92 10.05
CA ALA B 60 7.42 25.90 10.17
C ALA B 60 7.91 26.01 11.61
N GLU B 61 6.98 26.27 12.53
CA GLU B 61 7.34 26.39 13.94
C GLU B 61 7.99 25.10 14.43
N LEU B 62 7.40 23.97 14.04
CA LEU B 62 7.89 22.66 14.44
C LEU B 62 9.32 22.41 13.96
N ILE B 63 9.57 22.74 12.70
CA ILE B 63 10.89 22.62 12.12
C ILE B 63 11.87 23.45 12.92
N VAL B 64 11.49 24.69 13.22
CA VAL B 64 12.34 25.57 14.02
C VAL B 64 12.67 24.96 15.38
N GLU B 65 11.64 24.45 16.07
CA GLU B 65 11.82 23.86 17.39
C GLU B 65 12.75 22.64 17.37
N GLU B 66 12.54 21.75 16.41
CA GLU B 66 13.36 20.53 16.31
C GLU B 66 14.77 20.87 15.83
N ALA B 67 14.89 22.00 15.14
CA ALA B 67 16.19 22.51 14.75
C ALA B 67 16.93 22.96 16.00
N ARG B 68 16.23 23.68 16.87
CA ARG B 68 16.79 24.12 18.14
C ARG B 68 17.21 22.91 18.98
N LYS B 69 16.37 21.89 19.02
CA LYS B 69 16.68 20.65 19.73
C LYS B 69 17.94 20.00 19.17
N ALA B 70 18.07 20.01 17.84
CA ALA B 70 19.23 19.44 17.18
C ALA B 70 20.47 20.21 17.58
N LYS B 71 20.32 21.52 17.68
CA LYS B 71 21.39 22.41 18.10
C LYS B 71 21.82 22.12 19.54
N LEU B 72 20.84 21.84 20.40
CA LEU B 72 21.10 21.54 21.79
C LEU B 72 21.94 20.28 21.91
N ARG B 73 21.60 19.28 21.10
CA ARG B 73 22.42 18.08 21.00
C ARG B 73 23.71 18.48 20.29
N GLY B 74 24.75 17.66 20.41
CA GLY B 74 26.01 17.96 19.74
C GLY B 74 25.96 17.77 18.24
N GLU B 75 24.85 18.17 17.62
CA GLU B 75 24.65 17.91 16.20
C GLU B 75 25.03 19.10 15.32
N THR B 76 25.86 18.84 14.32
CA THR B 76 26.20 19.81 13.29
C THR B 76 25.03 20.05 12.36
N LEU B 77 24.59 21.30 12.25
CA LEU B 77 23.34 21.59 11.57
C LEU B 77 23.61 22.39 10.31
N GLY B 78 22.74 22.22 9.31
CA GLY B 78 22.88 22.93 8.05
C GLY B 78 22.69 24.43 8.15
N LYS B 79 23.74 25.16 7.80
CA LYS B 79 23.73 26.61 7.85
C LYS B 79 23.71 27.21 6.45
N PHE B 80 23.41 28.51 6.35
CA PHE B 80 23.33 29.17 5.07
C PHE B 80 24.70 29.71 4.70
N LYS B 81 24.77 30.64 3.75
CA LYS B 81 26.06 31.22 3.37
C LYS B 81 26.67 31.98 4.54
N ASP B 82 25.83 32.71 5.27
CA ASP B 82 26.25 33.29 6.54
C ASP B 82 26.26 32.20 7.62
N GLY B 83 26.89 32.50 8.75
CA GLY B 83 27.02 31.54 9.83
C GLY B 83 25.70 31.13 10.45
N ARG B 84 24.63 31.82 10.08
CA ARG B 84 23.31 31.57 10.65
C ARG B 84 22.79 30.20 10.25
N THR B 85 22.01 29.57 11.13
CA THR B 85 21.39 28.30 10.82
C THR B 85 19.88 28.33 11.08
N ILE B 86 19.21 27.21 10.84
CA ILE B 86 17.78 27.11 11.08
C ILE B 86 17.50 27.28 12.56
N ALA B 87 18.43 26.82 13.39
CA ALA B 87 18.29 26.88 14.84
C ALA B 87 18.44 28.31 15.37
N ASP B 88 18.96 29.21 14.54
CA ASP B 88 19.18 30.58 14.97
C ASP B 88 18.03 31.51 14.62
N VAL B 89 16.89 30.94 14.23
CA VAL B 89 15.72 31.73 13.84
C VAL B 89 15.08 32.44 15.04
N THR B 90 14.80 33.72 14.85
CA THR B 90 14.18 34.57 15.86
C THR B 90 12.67 34.35 15.91
N PRO B 91 12.09 34.28 17.13
CA PRO B 91 10.64 34.13 17.30
C PRO B 91 9.82 35.21 16.57
N GLN B 92 10.28 36.45 16.62
CA GLN B 92 9.61 37.53 15.91
C GLN B 92 9.69 37.29 14.41
N GLU B 93 10.88 36.91 13.96
CA GLU B 93 11.12 36.54 12.58
C GLU B 93 10.19 35.40 12.17
N LEU B 94 10.02 34.44 13.07
CA LEU B 94 9.13 33.31 12.83
C LEU B 94 7.70 33.82 12.66
N LYS B 95 7.29 34.80 13.46
CA LYS B 95 5.97 35.41 13.31
C LYS B 95 5.84 36.03 11.93
N LYS B 96 6.90 36.70 11.48
CA LYS B 96 6.94 37.29 10.15
C LYS B 96 6.73 36.22 9.06
N ILE B 97 7.52 35.15 9.14
CA ILE B 97 7.48 34.09 8.14
C ILE B 97 6.11 33.41 8.12
N MET B 98 5.51 33.25 9.28
CA MET B 98 4.23 32.58 9.40
C MET B 98 3.06 33.44 8.91
N ILE B 99 3.07 34.72 9.29
CA ILE B 99 2.03 35.65 8.84
C ILE B 99 2.13 35.85 7.32
N ALA B 100 3.35 35.81 6.80
CA ALA B 100 3.53 35.84 5.36
C ALA B 100 3.03 34.53 4.76
N GLN B 101 3.24 33.44 5.49
CA GLN B 101 2.88 32.09 5.04
C GLN B 101 1.37 31.91 4.92
N ALA B 102 0.62 32.63 5.76
CA ALA B 102 -0.84 32.55 5.77
C ALA B 102 -1.44 32.90 4.41
N PHE B 103 -0.82 33.83 3.71
CA PHE B 103 -1.37 34.34 2.46
C PHE B 103 -0.73 33.70 1.21
N PHE B 104 0.05 32.64 1.43
CA PHE B 104 0.83 32.02 0.36
C PHE B 104 -0.04 31.55 -0.80
N VAL B 105 -1.20 30.97 -0.49
CA VAL B 105 -2.11 30.52 -1.53
C VAL B 105 -3.44 31.27 -1.47
N ALA B 106 -3.96 31.68 -2.62
CA ALA B 106 -5.24 32.40 -2.69
C ALA B 106 -5.86 32.31 -4.08
N GLY B 107 -7.11 31.86 -4.13
CA GLY B 107 -7.81 31.70 -5.40
C GLY B 107 -7.87 30.25 -5.86
N ARG B 108 -8.38 29.37 -4.99
CA ARG B 108 -8.43 27.95 -5.30
C ARG B 108 -9.76 27.56 -5.94
N ASP B 109 -10.54 28.54 -6.39
CA ASP B 109 -11.74 28.27 -7.17
C ASP B 109 -11.31 27.76 -8.55
N ASP B 110 -10.10 28.14 -8.95
CA ASP B 110 -9.43 27.50 -10.07
C ASP B 110 -8.09 26.95 -9.57
N GLU B 111 -7.62 25.86 -10.17
CA GLU B 111 -6.51 25.09 -9.62
C GLU B 111 -5.33 24.97 -10.59
N ALA B 112 -4.18 25.50 -10.20
CA ALA B 112 -2.99 25.43 -11.02
C ALA B 112 -2.54 23.97 -11.13
N SER B 113 -2.18 23.55 -12.34
CA SER B 113 -1.72 22.17 -12.53
C SER B 113 -0.24 22.05 -12.25
N ASP B 114 0.37 20.95 -12.69
CA ASP B 114 1.81 20.80 -12.50
C ASP B 114 2.58 21.65 -13.52
N ALA B 115 1.87 22.09 -14.56
CA ALA B 115 2.44 23.08 -15.47
C ALA B 115 2.32 24.44 -14.80
N LYS B 116 3.28 25.32 -15.02
CA LYS B 116 3.29 26.57 -14.27
C LYS B 116 2.76 27.76 -15.04
N ASN B 117 1.56 28.23 -14.71
CA ASN B 117 1.29 29.62 -15.01
C ASN B 117 2.37 30.31 -14.17
N TYR B 118 3.12 31.23 -14.76
CA TYR B 118 4.28 31.79 -14.06
C TYR B 118 3.89 32.42 -12.72
N GLN B 119 3.62 31.53 -11.76
CA GLN B 119 3.27 31.91 -10.39
C GLN B 119 2.14 32.93 -10.32
N LYS B 120 1.29 32.96 -11.34
CA LYS B 120 0.19 33.93 -11.41
C LYS B 120 -0.63 33.94 -10.13
N TYR B 121 -1.01 32.76 -9.66
CA TYR B 121 -1.71 32.61 -8.39
C TYR B 121 -0.85 33.14 -7.25
N HIS B 122 0.42 32.74 -7.25
CA HIS B 122 1.37 33.17 -6.22
C HIS B 122 1.61 34.67 -6.27
N GLU B 123 1.68 35.24 -7.48
CA GLU B 123 1.82 36.69 -7.63
C GLU B 123 0.60 37.40 -7.06
N GLN B 124 -0.58 36.89 -7.40
CA GLN B 124 -1.85 37.43 -6.89
C GLN B 124 -1.87 37.38 -5.37
N SER B 125 -1.39 36.28 -4.81
CA SER B 125 -1.34 36.09 -3.37
C SER B 125 -0.31 37.04 -2.74
N ARG B 126 0.76 37.31 -3.48
CA ARG B 126 1.81 38.21 -3.01
C ARG B 126 1.27 39.61 -2.91
N ASP B 127 0.47 40.00 -3.89
CA ASP B 127 -0.18 41.31 -3.88
C ASP B 127 -1.25 41.36 -2.79
N ALA B 128 -2.01 40.27 -2.67
CA ALA B 128 -3.06 40.12 -1.66
C ALA B 128 -2.49 40.31 -0.26
N PHE B 129 -1.28 39.79 -0.07
CA PHE B 129 -0.56 39.87 1.19
C PHE B 129 -0.50 41.31 1.72
N LEU B 130 -0.27 42.26 0.81
CA LEU B 130 -0.19 43.66 1.20
C LEU B 130 -1.54 44.15 1.72
N LYS B 131 -1.93 43.63 2.88
CA LYS B 131 -3.19 43.96 3.52
C LYS B 131 -3.20 45.39 4.08
N TYR B 132 -2.02 45.91 4.41
CA TYR B 132 -1.87 47.29 4.90
C TYR B 132 -2.52 47.54 6.25
N VAL B 133 -3.06 46.48 6.86
CA VAL B 133 -3.73 46.51 8.17
C VAL B 133 -5.13 47.09 8.06
N GLU B 149 0.54 48.10 11.71
CA GLU B 149 0.85 47.96 13.13
C GLU B 149 2.27 48.42 13.45
N ASP B 150 3.24 47.88 12.71
CA ASP B 150 4.64 48.27 12.84
C ASP B 150 5.46 47.76 11.65
N VAL B 151 5.04 48.15 10.44
CA VAL B 151 5.64 47.65 9.22
C VAL B 151 7.00 48.28 8.92
N ASN B 152 8.01 47.43 8.76
CA ASN B 152 9.34 47.89 8.38
C ASN B 152 9.55 47.99 6.88
N PHE B 153 10.82 48.10 6.49
CA PHE B 153 11.26 48.15 5.09
C PHE B 153 11.18 46.78 4.40
N TYR B 154 11.47 45.72 5.16
CA TYR B 154 11.63 44.37 4.61
C TYR B 154 10.43 43.76 3.89
N ALA B 155 9.21 44.17 4.24
CA ALA B 155 8.01 43.54 3.70
C ALA B 155 7.98 43.48 2.18
N ARG B 156 8.39 44.57 1.53
CA ARG B 156 8.46 44.59 0.08
C ARG B 156 9.60 43.75 -0.50
N VAL B 157 10.73 43.72 0.19
CA VAL B 157 11.89 42.97 -0.31
C VAL B 157 11.73 41.46 -0.29
N ILE B 158 11.31 40.90 0.84
CA ILE B 158 11.07 39.46 0.94
C ILE B 158 9.68 39.08 0.42
N GLU B 159 9.61 38.41 -0.72
CA GLU B 159 8.32 37.94 -1.22
C GLU B 159 8.37 36.50 -1.73
N ASP B 160 7.21 35.86 -1.74
CA ASP B 160 7.09 34.42 -1.98
C ASP B 160 7.13 34.03 -3.47
N LYS B 161 6.26 34.63 -4.25
CA LYS B 161 6.18 34.35 -5.68
C LYS B 161 7.41 34.81 -6.46
N SER B 162 8.50 34.06 -6.40
CA SER B 162 9.67 34.43 -7.20
C SER B 162 10.56 33.26 -7.60
N HIS B 163 11.08 33.35 -8.82
CA HIS B 163 12.09 32.43 -9.31
C HIS B 163 13.46 32.86 -8.82
N ASP B 164 14.41 31.94 -8.76
CA ASP B 164 15.76 32.21 -8.25
C ASP B 164 15.72 32.93 -6.90
N TRP B 165 14.94 32.40 -5.96
CA TRP B 165 14.86 32.95 -4.62
C TRP B 165 16.17 32.80 -3.87
N GLU B 166 16.33 33.55 -2.79
CA GLU B 166 17.57 33.57 -2.03
C GLU B 166 17.59 32.51 -0.92
N SER B 167 18.77 32.26 -0.37
CA SER B 167 18.95 31.24 0.66
C SER B 167 18.76 31.83 2.05
N THR B 168 17.49 31.94 2.46
CA THR B 168 17.12 32.52 3.73
C THR B 168 16.32 31.52 4.55
N PRO B 169 16.24 31.73 5.88
CA PRO B 169 15.35 30.89 6.70
C PRO B 169 13.91 30.97 6.19
N ALA B 170 13.55 32.10 5.60
CA ALA B 170 12.16 32.33 5.18
C ALA B 170 11.89 31.41 4.00
N HIS B 171 12.75 31.50 2.99
CA HIS B 171 12.60 30.73 1.74
C HIS B 171 12.49 29.25 2.06
N VAL B 172 13.43 28.77 2.86
CA VAL B 172 13.49 27.37 3.26
C VAL B 172 12.21 26.96 3.99
N LEU B 173 11.81 27.72 5.01
CA LEU B 173 10.62 27.35 5.78
C LEU B 173 9.34 27.36 4.95
N ILE B 174 9.20 28.32 4.03
CA ILE B 174 7.97 28.35 3.24
C ILE B 174 7.96 27.21 2.22
N ASN B 175 9.02 27.03 1.45
CA ASN B 175 8.99 25.99 0.42
C ASN B 175 8.96 24.59 1.02
N GLN B 176 9.82 24.32 2.00
CA GLN B 176 9.87 23.00 2.63
C GLN B 176 8.59 22.77 3.41
N GLY B 177 8.17 23.78 4.18
CA GLY B 177 6.94 23.70 4.94
C GLY B 177 5.75 23.38 4.06
N HIS B 178 5.76 23.91 2.84
CA HIS B 178 4.70 23.64 1.88
C HIS B 178 4.81 22.21 1.35
N MET B 179 6.00 21.84 0.87
CA MET B 179 6.19 20.56 0.20
C MET B 179 5.95 19.39 1.15
N VAL B 180 6.06 19.67 2.45
CA VAL B 180 5.80 18.62 3.43
C VAL B 180 4.33 18.22 3.42
N ASP B 181 3.44 19.21 3.39
CA ASP B 181 2.01 18.92 3.53
C ASP B 181 1.41 18.17 2.35
N LEU B 182 2.16 18.02 1.27
CA LEU B 182 1.63 17.33 0.09
C LEU B 182 2.09 15.88 0.02
N VAL B 183 2.61 15.37 1.12
CA VAL B 183 2.93 13.93 1.22
C VAL B 183 1.61 13.17 1.16
N ARG B 184 0.55 13.81 1.63
CA ARG B 184 -0.78 13.24 1.71
C ARG B 184 -1.35 12.83 0.34
N VAL B 185 -0.83 13.41 -0.74
CA VAL B 185 -1.38 13.16 -2.07
C VAL B 185 -0.40 12.50 -3.05
N LYS B 186 0.90 12.62 -2.81
CA LYS B 186 1.90 12.13 -3.75
C LYS B 186 1.85 10.60 -3.88
N GLN B 187 1.77 10.12 -5.12
CA GLN B 187 1.30 8.76 -5.39
C GLN B 187 2.22 7.64 -4.88
N PRO B 188 3.53 7.64 -5.22
CA PRO B 188 4.32 6.61 -4.55
C PRO B 188 5.01 7.16 -3.28
N PRO B 189 4.41 6.95 -2.12
CA PRO B 189 4.78 7.68 -0.91
C PRO B 189 6.22 7.39 -0.44
N GLU B 190 6.74 6.22 -0.74
CA GLU B 190 8.07 5.86 -0.28
C GLU B 190 9.16 6.73 -0.90
N SER B 191 9.11 6.89 -2.21
CA SER B 191 10.11 7.69 -2.93
C SER B 191 10.01 9.17 -2.57
N PHE B 192 8.78 9.67 -2.40
CA PHE B 192 8.58 11.05 -2.02
C PHE B 192 9.06 11.32 -0.60
N LEU B 193 8.75 10.41 0.31
CA LEU B 193 9.22 10.52 1.68
C LEU B 193 10.75 10.48 1.71
N GLN B 194 11.33 9.59 0.91
CA GLN B 194 12.79 9.52 0.83
C GLN B 194 13.35 10.85 0.34
N ARG B 195 12.66 11.49 -0.61
CA ARG B 195 13.12 12.78 -1.11
C ARG B 195 13.07 13.89 -0.07
N TYR B 196 11.89 14.11 0.50
CA TYR B 196 11.69 15.20 1.45
C TYR B 196 12.57 15.00 2.68
N PHE B 197 12.66 13.74 3.12
CA PHE B 197 13.53 13.40 4.23
C PHE B 197 14.97 13.69 3.86
N SER B 198 15.36 13.41 2.63
CA SER B 198 16.74 13.66 2.22
C SER B 198 17.05 15.16 2.25
N SER B 199 16.17 15.97 1.67
CA SER B 199 16.36 17.42 1.65
C SER B 199 16.44 18.00 3.06
N MET B 200 15.46 17.67 3.89
CA MET B 200 15.43 18.24 5.23
C MET B 200 16.58 17.69 6.07
N GLN B 201 17.02 16.47 5.77
CA GLN B 201 18.20 15.90 6.42
C GLN B 201 19.43 16.71 6.06
N ARG B 202 19.50 17.14 4.81
CA ARG B 202 20.59 18.00 4.39
C ARG B 202 20.50 19.36 5.09
N TRP B 203 19.28 19.78 5.46
CA TRP B 203 19.15 21.06 6.18
C TRP B 203 19.26 20.90 7.70
N ILE B 204 18.57 19.92 8.27
CA ILE B 204 18.56 19.69 9.72
C ILE B 204 18.88 18.22 9.97
N GLY B 205 19.21 17.85 11.21
CA GLY B 205 19.59 16.47 11.50
C GLY B 205 18.56 15.41 11.14
N SER B 206 19.00 14.16 11.08
CA SER B 206 18.13 13.04 10.72
C SER B 206 17.03 12.87 11.76
N GLN B 207 17.43 12.80 13.02
CA GLN B 207 16.51 12.59 14.13
C GLN B 207 15.41 13.64 14.13
N ALA B 208 15.81 14.90 13.99
CA ALA B 208 14.86 15.99 14.05
C ALA B 208 13.88 15.95 12.88
N THR B 209 14.35 15.51 11.72
CA THR B 209 13.45 15.38 10.58
C THR B 209 12.46 14.23 10.77
N GLU B 210 12.98 13.11 11.28
CA GLU B 210 12.11 12.01 11.68
C GLU B 210 11.04 12.53 12.64
N ALA B 211 11.44 13.40 13.55
CA ALA B 211 10.51 14.02 14.49
C ALA B 211 9.47 14.89 13.78
N VAL B 212 9.90 15.70 12.80
CA VAL B 212 8.94 16.60 12.15
C VAL B 212 7.92 15.83 11.30
N PHE B 213 8.35 14.76 10.64
CA PHE B 213 7.40 13.95 9.87
C PHE B 213 6.51 13.18 10.81
N GLY B 214 7.12 12.66 11.88
CA GLY B 214 6.40 11.92 12.90
C GLY B 214 5.29 12.73 13.52
N ILE B 215 5.55 14.01 13.73
CA ILE B 215 4.53 14.88 14.27
C ILE B 215 3.57 15.30 13.17
N GLN B 216 4.06 15.33 11.94
CA GLN B 216 3.22 15.66 10.79
C GLN B 216 2.07 14.68 10.63
N ARG B 217 2.34 13.39 10.82
CA ARG B 217 1.30 12.37 10.75
C ARG B 217 0.19 12.68 11.76
N GLN B 218 0.60 13.07 12.97
CA GLN B 218 -0.36 13.39 14.02
C GLN B 218 -1.13 14.67 13.71
N PHE B 219 -0.48 15.61 13.03
CA PHE B 219 -1.17 16.81 12.56
C PHE B 219 -2.28 16.41 11.59
N PHE B 220 -1.93 15.53 10.66
CA PHE B 220 -2.88 15.01 9.69
C PHE B 220 -4.07 14.36 10.38
N HIS B 221 -3.79 13.48 11.34
CA HIS B 221 -4.84 12.85 12.13
C HIS B 221 -5.72 13.90 12.81
N ALA B 222 -5.08 14.92 13.36
CA ALA B 222 -5.79 15.96 14.11
C ALA B 222 -6.68 16.84 13.23
N THR B 223 -6.18 17.17 12.05
CA THR B 223 -6.93 18.01 11.11
C THR B 223 -7.80 17.18 10.19
N TYR B 224 -7.90 15.88 10.49
CA TYR B 224 -8.75 14.95 9.74
C TYR B 224 -8.38 14.89 8.26
N GLU B 225 -7.11 14.76 7.96
CA GLU B 225 -6.65 14.56 6.60
C GLU B 225 -5.89 13.24 6.51
N VAL B 226 -5.79 12.69 5.31
CA VAL B 226 -5.18 11.38 5.10
C VAL B 226 -3.70 11.29 5.48
N VAL B 227 -3.37 10.23 6.20
CA VAL B 227 -1.99 9.92 6.54
C VAL B 227 -1.53 8.73 5.69
N ALA B 228 -0.57 8.97 4.80
CA ALA B 228 -0.17 7.94 3.86
C ALA B 228 0.68 6.89 4.53
N GLY B 229 0.61 5.66 4.03
CA GLY B 229 1.43 4.58 4.55
C GLY B 229 2.83 4.61 3.98
N PHE B 230 3.64 3.62 4.38
CA PHE B 230 4.99 3.50 3.88
C PHE B 230 5.41 2.04 3.89
N ASP B 231 5.55 1.45 2.71
CA ASP B 231 5.93 0.05 2.62
C ASP B 231 7.31 -0.06 1.98
N SER B 232 8.26 -0.55 2.78
CA SER B 232 9.62 -0.74 2.31
C SER B 232 9.66 -1.83 1.25
N ASP B 233 8.68 -2.73 1.31
CA ASP B 233 8.59 -3.83 0.37
C ASP B 233 7.60 -3.54 -0.74
N ASN B 234 7.30 -2.27 -0.95
CA ASN B 234 6.37 -1.86 -2.00
C ASN B 234 6.90 -2.30 -3.35
N LYS B 235 6.00 -2.79 -4.21
CA LYS B 235 6.42 -3.36 -5.48
C LYS B 235 6.06 -2.47 -6.66
N GLU B 236 5.43 -1.34 -6.38
CA GLU B 236 5.12 -0.36 -7.42
C GLU B 236 6.40 0.10 -8.11
N PRO B 237 6.31 0.50 -9.38
CA PRO B 237 7.51 1.01 -10.06
C PRO B 237 8.00 2.27 -9.36
N HIS B 238 9.23 2.23 -8.85
CA HIS B 238 9.79 3.39 -8.19
C HIS B 238 9.91 4.56 -9.15
N LEU B 239 9.62 5.75 -8.63
CA LEU B 239 9.64 6.97 -9.41
C LEU B 239 10.79 7.85 -8.95
N VAL B 240 11.67 8.22 -9.87
CA VAL B 240 12.75 9.16 -9.55
C VAL B 240 12.14 10.53 -9.29
N VAL B 241 12.26 10.98 -8.06
CA VAL B 241 11.62 12.19 -7.59
C VAL B 241 12.41 13.47 -7.94
N SER B 242 13.73 13.38 -7.99
CA SER B 242 14.53 14.52 -8.43
C SER B 242 14.26 14.79 -9.90
N GLY B 243 13.08 15.32 -10.18
CA GLY B 243 12.59 15.44 -11.54
C GLY B 243 11.56 14.34 -11.70
N LEU B 244 11.09 14.12 -12.90
CA LEU B 244 10.21 12.98 -13.16
C LEU B 244 10.97 11.98 -14.01
N GLY B 245 10.56 10.72 -13.96
CA GLY B 245 11.31 9.68 -14.63
C GLY B 245 11.51 8.49 -13.71
N ARG B 246 12.01 7.38 -14.26
CA ARG B 246 12.21 6.18 -13.46
C ARG B 246 13.54 5.50 -13.78
N TYR B 247 14.14 4.85 -12.78
CA TYR B 247 15.33 4.04 -13.02
C TYR B 247 14.93 2.75 -13.72
N VAL B 248 15.76 2.29 -14.64
CA VAL B 248 15.50 1.09 -15.42
C VAL B 248 16.44 -0.05 -15.07
N ILE B 249 15.89 -1.18 -14.63
CA ILE B 249 16.74 -2.31 -14.29
C ILE B 249 17.17 -2.99 -15.58
N GLY B 250 18.42 -3.46 -15.60
CA GLY B 250 19.00 -4.03 -16.80
C GLY B 250 18.41 -5.36 -17.24
N GLU B 251 18.98 -5.90 -18.32
CA GLU B 251 18.59 -7.21 -18.84
C GLU B 251 18.78 -8.27 -17.78
N ASP B 252 20.00 -8.31 -17.21
CA ASP B 252 20.29 -9.21 -16.10
C ASP B 252 21.16 -8.50 -15.07
N GLY B 253 20.54 -8.06 -13.98
CA GLY B 253 21.26 -7.40 -12.91
C GLY B 253 21.12 -5.89 -12.86
N GLN B 254 22.26 -5.22 -12.77
CA GLN B 254 22.34 -3.78 -12.49
C GLN B 254 21.59 -2.89 -13.49
N PRO B 255 21.05 -1.76 -12.99
CA PRO B 255 20.34 -0.73 -13.77
C PRO B 255 21.24 0.31 -14.46
N ILE B 256 22.25 0.81 -13.74
CA ILE B 256 23.31 1.71 -14.26
C ILE B 256 22.91 3.17 -14.49
N ARG B 257 21.76 3.43 -15.12
CA ARG B 257 21.42 4.82 -15.49
C ARG B 257 19.98 5.24 -15.20
N GLU B 258 19.74 6.55 -15.27
CA GLU B 258 18.40 7.13 -15.11
C GLU B 258 17.73 7.34 -16.44
N ALA B 259 16.41 7.20 -16.48
CA ALA B 259 15.67 7.23 -17.75
C ALA B 259 14.32 7.91 -17.62
N PRO B 260 13.76 8.37 -18.77
CA PRO B 260 12.45 9.02 -18.86
C PRO B 260 11.33 8.00 -19.03
N LYS B 261 10.10 8.46 -19.25
CA LYS B 261 8.99 7.55 -19.51
C LYS B 261 9.06 7.00 -20.95
N LYS B 262 10.08 6.18 -21.21
CA LYS B 262 10.29 5.55 -22.51
C LYS B 262 11.32 4.43 -22.42
N GLY B 263 10.94 3.23 -22.87
CA GLY B 263 11.81 2.09 -22.79
C GLY B 263 11.46 0.97 -23.74
N GLN B 264 12.19 -0.14 -23.64
CA GLN B 264 12.06 -1.27 -24.56
C GLN B 264 12.84 -2.48 -24.05
N LYS B 265 13.65 -3.07 -24.93
CA LYS B 265 14.60 -4.14 -24.58
C LYS B 265 13.95 -5.41 -24.01
N GLU B 266 14.79 -6.35 -23.61
CA GLU B 266 14.34 -7.60 -23.01
C GLU B 266 14.66 -7.63 -21.52
N GLY B 267 14.58 -6.45 -20.90
CA GLY B 267 14.79 -6.28 -19.48
C GLY B 267 14.04 -5.06 -18.99
N ASP B 268 13.39 -5.19 -17.84
CA ASP B 268 12.46 -4.18 -17.31
C ASP B 268 11.41 -3.80 -18.36
N MET B 285 12.73 -0.49 -12.20
CA MET B 285 13.15 -0.71 -10.82
C MET B 285 11.99 -0.50 -9.87
N ARG B 286 11.78 -1.46 -8.98
CA ARG B 286 10.70 -1.41 -8.00
C ARG B 286 11.05 -0.50 -6.82
N VAL B 287 10.03 -0.12 -6.06
CA VAL B 287 10.23 0.70 -4.87
C VAL B 287 11.13 -0.02 -3.86
N ASP B 288 10.79 -1.27 -3.56
CA ASP B 288 11.57 -2.06 -2.63
C ASP B 288 12.99 -2.25 -3.15
N GLU B 289 13.11 -2.35 -4.48
CA GLU B 289 14.40 -2.46 -5.13
C GLU B 289 15.23 -1.20 -4.92
N PHE B 290 14.57 -0.05 -5.03
CA PHE B 290 15.23 1.23 -4.82
C PHE B 290 15.70 1.37 -3.38
N LEU B 291 14.83 1.04 -2.43
CA LEU B 291 15.14 1.20 -1.02
C LEU B 291 16.25 0.28 -0.55
N LYS B 292 16.56 -0.74 -1.33
CA LYS B 292 17.61 -1.69 -0.97
C LYS B 292 18.99 -1.19 -1.40
N LEU B 293 19.02 -0.15 -2.21
CA LEU B 293 20.28 0.43 -2.65
C LEU B 293 21.08 0.94 -1.46
N PRO B 294 22.35 0.53 -1.36
CA PRO B 294 23.24 0.82 -0.22
C PRO B 294 23.28 2.30 0.16
N GLU B 295 23.39 3.20 -0.81
CA GLU B 295 23.40 4.61 -0.51
C GLU B 295 22.10 5.03 0.16
N ILE B 296 21.00 4.54 -0.38
CA ILE B 296 19.68 4.80 0.20
C ILE B 296 19.58 4.16 1.57
N GLN B 297 19.93 2.89 1.65
CA GLN B 297 19.83 2.11 2.88
C GLN B 297 20.62 2.74 4.02
N ASN B 298 21.69 3.44 3.67
CA ASN B 298 22.52 4.12 4.66
C ASN B 298 22.02 5.52 5.00
N THR B 299 21.56 6.26 4.00
CA THR B 299 21.08 7.62 4.23
C THR B 299 19.67 7.65 4.83
N PHE B 300 18.88 6.63 4.52
CA PHE B 300 17.46 6.62 4.86
C PHE B 300 17.13 5.62 5.96
N PRO B 301 16.48 6.08 7.04
CA PRO B 301 16.06 5.20 8.13
C PRO B 301 14.79 4.43 7.77
N GLY B 302 14.35 4.57 6.52
CA GLY B 302 13.12 3.97 6.07
C GLY B 302 13.29 2.61 5.40
N SER B 303 14.36 1.91 5.75
CA SER B 303 14.49 0.52 5.33
C SER B 303 13.41 -0.34 6.04
N GLY B 304 12.89 0.18 7.15
CA GLY B 304 11.85 -0.50 7.90
C GLY B 304 10.43 -0.37 7.34
N LYS B 305 9.78 -1.50 7.15
CA LYS B 305 8.45 -1.53 6.58
C LYS B 305 7.40 -0.94 7.55
N HIS B 306 7.82 -0.73 8.78
CA HIS B 306 6.89 -0.51 9.90
C HIS B 306 6.02 0.75 9.89
N LEU B 307 5.67 1.26 8.72
CA LEU B 307 4.80 2.44 8.67
C LEU B 307 3.48 2.17 7.94
N GLN B 308 2.39 2.16 8.69
CA GLN B 308 1.09 1.85 8.11
C GLN B 308 0.14 3.04 8.10
N GLY B 309 -0.43 3.30 6.93
CA GLY B 309 -1.32 4.43 6.72
C GLY B 309 -2.64 4.32 7.44
N GLY B 310 -3.36 5.43 7.51
CA GLY B 310 -4.68 5.45 8.10
C GLY B 310 -4.65 5.42 9.61
N MET B 311 -5.81 5.19 10.21
CA MET B 311 -5.92 5.14 11.66
C MET B 311 -5.79 3.69 12.13
N PRO B 312 -5.01 3.48 13.19
CA PRO B 312 -4.84 2.15 13.78
C PRO B 312 -6.15 1.59 14.32
N GLY B 313 -7.03 2.49 14.76
CA GLY B 313 -8.25 2.10 15.43
C GLY B 313 -9.22 1.30 14.60
N MET B 314 -9.76 1.91 13.56
CA MET B 314 -10.80 1.26 12.75
C MET B 314 -10.45 1.17 11.28
N ASN B 315 -11.40 0.65 10.51
CA ASN B 315 -11.27 0.53 9.07
C ASN B 315 -12.64 0.56 8.41
N GLU B 316 -13.63 0.04 9.13
CA GLU B 316 -15.02 0.12 8.70
C GLU B 316 -15.53 1.54 8.87
N MET B 317 -15.86 2.20 7.76
CA MET B 317 -16.26 3.60 7.73
C MET B 317 -15.20 4.55 8.29
N ASP B 318 -14.01 4.03 8.57
CA ASP B 318 -12.89 4.88 8.96
C ASP B 318 -12.52 5.77 7.78
N TYR B 319 -12.75 5.24 6.58
CA TYR B 319 -12.60 5.98 5.34
C TYR B 319 -13.63 7.10 5.30
N TRP B 320 -14.85 6.77 5.69
CA TRP B 320 -15.92 7.75 5.77
C TRP B 320 -15.56 8.77 6.85
N ASN B 321 -14.88 8.29 7.89
CA ASN B 321 -14.31 9.15 8.92
C ASN B 321 -13.01 9.82 8.48
N ARG B 322 -12.43 9.32 7.39
CA ARG B 322 -11.22 9.94 6.84
C ARG B 322 -11.61 11.19 6.09
N LEU B 323 -12.67 11.09 5.30
CA LEU B 323 -13.26 12.27 4.67
C LEU B 323 -13.87 13.13 5.77
N ASN B 324 -14.61 12.49 6.67
CA ASN B 324 -15.19 13.12 7.85
C ASN B 324 -15.88 14.44 7.53
N SER B 325 -16.71 14.43 6.49
CA SER B 325 -17.38 15.62 5.97
C SER B 325 -17.78 16.64 7.03
N LEU B 326 -18.44 16.18 8.08
CA LEU B 326 -18.85 17.06 9.17
C LEU B 326 -17.63 17.66 9.86
N ASN B 327 -16.85 16.81 10.51
CA ASN B 327 -15.73 17.26 11.33
C ASN B 327 -14.65 17.95 10.51
N ARG B 328 -14.48 17.50 9.27
CA ARG B 328 -13.54 18.09 8.33
C ARG B 328 -13.97 19.49 7.93
N ALA B 329 -15.25 19.67 7.63
CA ALA B 329 -15.76 20.99 7.29
C ALA B 329 -15.63 21.91 8.49
N ARG B 330 -15.89 21.35 9.67
CA ARG B 330 -15.78 22.09 10.93
C ARG B 330 -14.35 22.56 11.14
N CYS B 331 -13.40 21.73 10.77
CA CYS B 331 -11.97 22.05 10.84
C CYS B 331 -11.54 23.05 9.77
N GLU B 332 -12.19 22.98 8.60
CA GLU B 332 -11.91 23.82 7.44
C GLU B 332 -12.56 25.19 7.48
N ASN B 333 -13.53 25.37 8.37
CA ASN B 333 -14.28 26.62 8.42
C ASN B 333 -13.96 27.50 9.62
N ASP B 334 -13.51 26.90 10.71
CA ASP B 334 -13.14 27.65 11.91
C ASP B 334 -11.62 27.62 12.13
N VAL B 335 -10.98 28.77 11.91
CA VAL B 335 -9.52 28.85 12.00
C VAL B 335 -9.04 28.51 13.41
N ASP B 336 -9.71 29.08 14.41
CA ASP B 336 -9.33 28.86 15.80
C ASP B 336 -9.50 27.41 16.24
N PHE B 337 -10.52 26.74 15.72
CA PHE B 337 -10.76 25.34 16.05
C PHE B 337 -9.67 24.47 15.47
N CYS B 338 -9.33 24.71 14.20
CA CYS B 338 -8.27 23.97 13.53
C CYS B 338 -6.94 24.19 14.25
N LEU B 339 -6.68 25.43 14.65
CA LEU B 339 -5.47 25.75 15.40
C LEU B 339 -5.44 25.05 16.74
N LYS B 340 -6.60 24.95 17.39
CA LYS B 340 -6.69 24.23 18.65
C LYS B 340 -6.36 22.75 18.43
N GLN B 341 -6.85 22.19 17.33
CA GLN B 341 -6.53 20.81 16.97
C GLN B 341 -5.03 20.62 16.79
N LEU B 342 -4.42 21.50 15.99
CA LEU B 342 -3.00 21.43 15.70
C LEU B 342 -2.13 21.58 16.94
N GLN B 343 -2.45 22.54 17.78
CA GLN B 343 -1.64 22.80 18.96
C GLN B 343 -1.84 21.72 20.01
N THR B 344 -3.06 21.20 20.15
CA THR B 344 -3.30 20.10 21.08
C THR B 344 -2.51 18.87 20.62
N ALA B 345 -2.52 18.62 19.32
CA ALA B 345 -1.74 17.55 18.74
C ALA B 345 -0.26 17.77 19.04
N HIS B 346 0.15 19.04 19.01
CA HIS B 346 1.54 19.42 19.24
C HIS B 346 1.98 19.11 20.67
N ASP B 347 1.15 19.51 21.64
CA ASP B 347 1.42 19.22 23.04
C ASP B 347 1.45 17.72 23.27
N LYS B 348 0.51 17.02 22.65
CA LYS B 348 0.50 15.56 22.68
C LYS B 348 1.84 15.02 22.22
N ALA B 349 2.39 15.64 21.18
CA ALA B 349 3.68 15.24 20.65
C ALA B 349 4.82 15.61 21.60
N LYS B 350 4.59 16.61 22.46
CA LYS B 350 5.59 16.99 23.45
C LYS B 350 5.64 16.03 24.64
N ILE B 351 4.50 15.41 24.96
CA ILE B 351 4.43 14.52 26.12
C ILE B 351 4.66 13.05 25.79
N GLU B 352 4.07 12.61 24.68
CA GLU B 352 4.05 11.20 24.27
C GLU B 352 5.42 10.48 24.29
N PRO B 353 6.49 11.09 23.74
CA PRO B 353 7.78 10.38 23.75
C PRO B 353 8.36 10.17 25.14
N ILE B 354 8.14 11.13 26.03
CA ILE B 354 8.56 10.99 27.42
C ILE B 354 7.89 9.76 28.00
N LYS B 355 6.61 9.59 27.69
CA LYS B 355 5.85 8.45 28.15
C LYS B 355 6.33 7.17 27.47
N GLN B 356 6.92 7.32 26.29
CA GLN B 356 7.43 6.17 25.56
C GLN B 356 8.80 5.71 26.07
N ALA B 357 9.51 6.56 26.78
CA ALA B 357 10.83 6.19 27.29
C ALA B 357 10.75 5.14 28.40
N PHE B 358 9.82 5.34 29.32
CA PHE B 358 9.60 4.40 30.41
C PHE B 358 8.19 3.88 30.22
N GLN B 359 7.81 2.80 30.90
CA GLN B 359 6.41 2.41 30.88
C GLN B 359 5.99 1.93 32.26
N SER B 360 4.70 2.04 32.55
CA SER B 360 4.20 1.83 33.90
C SER B 360 2.74 1.43 33.99
N SER B 361 2.40 0.80 35.12
CA SER B 361 1.02 0.53 35.47
C SER B 361 0.37 1.84 35.86
N LYS B 362 -0.56 2.31 35.03
CA LYS B 362 -1.23 3.58 35.27
C LYS B 362 -2.25 3.47 36.40
N GLY B 363 -1.74 3.39 37.63
CA GLY B 363 -2.58 3.23 38.80
C GLY B 363 -3.03 4.56 39.39
N LYS B 364 -2.36 5.63 38.98
CA LYS B 364 -2.66 7.00 39.42
C LYS B 364 -2.99 7.13 40.91
N GLU B 365 -2.08 6.67 41.75
CA GLU B 365 -2.31 6.65 43.20
C GLU B 365 -1.03 6.83 43.99
N ARG B 366 -1.06 6.36 45.23
CA ARG B 366 0.12 6.28 46.07
C ARG B 366 0.31 4.83 46.51
N ARG B 367 1.56 4.41 46.61
CA ARG B 367 1.88 3.01 46.89
C ARG B 367 1.42 2.62 48.29
N GLN B 368 1.38 1.32 48.54
CA GLN B 368 1.04 0.81 49.85
C GLN B 368 2.33 0.67 50.67
N PRO B 369 2.30 1.08 51.94
CA PRO B 369 3.49 1.13 52.79
C PRO B 369 4.23 -0.19 52.87
N ASN B 370 5.56 -0.13 52.87
CA ASN B 370 6.38 -1.31 53.09
C ASN B 370 6.70 -1.47 54.56
N VAL B 371 7.42 -2.54 54.88
CA VAL B 371 7.76 -2.86 56.27
C VAL B 371 8.46 -1.69 56.95
N ASP B 372 9.41 -1.10 56.24
CA ASP B 372 10.22 -0.03 56.80
C ASP B 372 9.44 1.24 57.07
N GLU B 373 8.53 1.59 56.18
CA GLU B 373 7.72 2.80 56.36
C GLU B 373 6.69 2.61 57.47
N ILE B 374 6.18 1.39 57.61
CA ILE B 374 5.29 1.07 58.72
C ILE B 374 6.00 1.17 60.06
N ALA B 375 7.09 0.41 60.18
CA ALA B 375 7.90 0.40 61.39
C ALA B 375 8.35 1.81 61.76
N ALA B 376 8.75 2.58 60.75
CA ALA B 376 9.17 3.96 60.94
C ALA B 376 8.00 4.80 61.44
N ALA B 377 6.83 4.61 60.85
CA ALA B 377 5.64 5.36 61.24
C ALA B 377 5.32 5.11 62.71
N ARG B 378 5.47 3.86 63.13
CA ARG B 378 5.20 3.50 64.52
C ARG B 378 6.29 4.02 65.45
N ILE B 379 7.54 4.02 65.00
CA ILE B 379 8.63 4.60 65.78
C ILE B 379 8.35 6.08 66.03
N ILE B 380 7.97 6.78 64.96
CA ILE B 380 7.58 8.18 65.05
C ILE B 380 6.43 8.32 66.05
N GLN B 381 5.49 7.38 65.97
CA GLN B 381 4.33 7.36 66.84
C GLN B 381 4.73 7.24 68.32
N GLN B 382 5.72 6.42 68.61
CA GLN B 382 6.21 6.23 69.98
C GLN B 382 7.04 7.40 70.48
N ILE B 383 7.95 7.90 69.65
CA ILE B 383 8.78 9.05 70.00
C ILE B 383 7.88 10.26 70.27
N LEU B 384 6.79 10.35 69.51
CA LEU B 384 5.76 11.34 69.76
C LEU B 384 5.06 11.05 71.09
N ALA B 385 4.74 9.78 71.31
CA ALA B 385 4.01 9.35 72.50
C ALA B 385 4.79 9.64 73.78
N ASN B 386 6.08 9.31 73.79
CA ASN B 386 6.91 9.52 74.97
C ASN B 386 8.08 10.44 74.64
N PRO B 387 7.83 11.76 74.61
CA PRO B 387 8.87 12.71 74.22
C PRO B 387 10.01 12.80 75.23
N ASP B 388 9.88 12.13 76.37
CA ASP B 388 10.98 12.08 77.34
C ASP B 388 12.13 11.25 76.79
N CYS B 389 11.81 10.37 75.84
CA CYS B 389 12.79 9.51 75.20
C CYS B 389 13.86 10.29 74.46
N ILE B 390 13.49 11.46 73.95
CA ILE B 390 14.41 12.26 73.17
C ILE B 390 15.40 13.01 74.06
N HIS B 391 16.65 13.07 73.61
CA HIS B 391 17.66 13.87 74.29
C HIS B 391 18.22 14.88 73.30
N ASP B 392 19.05 15.78 73.77
CA ASP B 392 19.63 16.82 72.92
C ASP B 392 20.53 16.22 71.84
N ASP B 393 21.03 15.02 72.10
CA ASP B 393 21.97 14.38 71.20
C ASP B 393 21.35 13.19 70.47
N HIS B 394 20.60 12.36 71.21
CA HIS B 394 20.07 11.12 70.65
C HIS B 394 18.65 10.84 71.13
N VAL B 395 18.06 9.77 70.57
CA VAL B 395 16.79 9.24 71.07
C VAL B 395 17.05 7.81 71.53
N LEU B 396 16.98 7.58 72.84
CA LEU B 396 17.28 6.28 73.43
C LEU B 396 16.12 5.28 73.37
N ILE B 397 14.89 5.81 73.38
CA ILE B 397 13.64 5.03 73.41
C ILE B 397 13.71 3.72 74.22
N ASN B 398 14.07 2.59 73.60
CA ASN B 398 14.06 1.31 74.28
C ASN B 398 15.41 0.60 74.24
N GLY B 399 16.44 1.29 74.74
CA GLY B 399 17.78 0.74 74.72
C GLY B 399 18.35 0.72 73.32
N GLN B 400 17.81 1.57 72.45
CA GLN B 400 18.30 1.68 71.09
C GLN B 400 18.77 3.10 70.79
N LYS B 401 20.03 3.21 70.35
CA LYS B 401 20.61 4.51 70.02
C LYS B 401 20.13 4.99 68.66
N LEU B 402 19.52 6.17 68.63
CA LEU B 402 19.05 6.76 67.39
C LEU B 402 19.78 8.07 67.14
N GLU B 403 20.68 8.05 66.16
CA GLU B 403 21.47 9.23 65.83
C GLU B 403 20.65 10.12 64.90
N GLN B 404 21.19 11.30 64.58
CA GLN B 404 20.49 12.19 63.66
C GLN B 404 20.44 11.55 62.29
N GLN B 405 21.48 10.80 61.95
CA GLN B 405 21.58 10.14 60.65
C GLN B 405 20.46 9.13 60.42
N PHE B 406 19.93 8.55 61.50
CA PHE B 406 18.82 7.61 61.38
C PHE B 406 17.55 8.33 60.91
N PHE B 407 17.28 9.49 61.50
CA PHE B 407 16.10 10.27 61.14
C PHE B 407 16.27 10.93 59.76
N ARG B 408 17.51 11.29 59.44
CA ARG B 408 17.81 11.81 58.10
C ARG B 408 17.53 10.72 57.08
N ASP B 409 18.02 9.52 57.37
CA ASP B 409 17.77 8.35 56.54
C ASP B 409 16.27 8.07 56.44
N LEU B 410 15.54 8.37 57.51
CA LEU B 410 14.09 8.20 57.49
C LEU B 410 13.44 9.18 56.52
N LEU B 411 13.86 10.44 56.58
CA LEU B 411 13.34 11.46 55.68
C LEU B 411 13.67 11.13 54.22
N ALA B 412 14.83 10.50 54.00
CA ALA B 412 15.26 10.18 52.65
C ALA B 412 14.56 8.95 52.08
N LYS B 413 14.66 7.82 52.79
CA LYS B 413 14.17 6.54 52.28
C LYS B 413 12.65 6.43 52.28
N CYS B 414 12.04 6.74 53.42
CA CYS B 414 10.59 6.63 53.59
C CYS B 414 9.82 7.69 52.81
N GLU B 415 8.62 7.33 52.36
CA GLU B 415 7.71 8.31 51.79
C GLU B 415 6.78 8.85 52.86
N MET B 416 7.08 10.04 53.35
CA MET B 416 6.42 10.58 54.53
C MET B 416 4.94 10.91 54.28
N ALA B 417 4.51 10.86 53.02
CA ALA B 417 3.10 11.10 52.71
C ALA B 417 2.27 9.86 53.06
N VAL B 418 2.80 8.70 52.69
CA VAL B 418 2.21 7.41 53.04
C VAL B 418 2.30 7.19 54.54
N VAL B 419 3.48 7.45 55.09
CA VAL B 419 3.70 7.41 56.53
C VAL B 419 2.67 8.28 57.23
N GLY B 420 2.41 9.46 56.66
CA GLY B 420 1.40 10.36 57.17
C GLY B 420 0.02 9.73 57.09
N SER B 421 -0.23 8.96 56.03
CA SER B 421 -1.51 8.28 55.89
C SER B 421 -1.70 7.21 56.96
N LEU B 422 -0.59 6.63 57.44
CA LEU B 422 -0.67 5.59 58.49
C LEU B 422 -1.11 6.11 59.86
N LEU B 423 -0.69 7.33 60.20
CA LEU B 423 -0.93 7.88 61.52
C LEU B 423 -2.39 8.26 61.78
N ASN B 424 -2.73 8.49 63.04
CA ASN B 424 -4.09 8.85 63.43
C ASN B 424 -4.11 10.07 64.32
N ASP B 425 -5.30 10.54 64.66
CA ASP B 425 -5.49 11.80 65.40
C ASP B 425 -4.84 11.82 66.77
N THR B 426 -4.64 10.64 67.36
CA THR B 426 -4.05 10.54 68.70
C THR B 426 -2.65 11.14 68.72
N ASP B 427 -1.91 10.93 67.64
CA ASP B 427 -0.55 11.45 67.51
C ASP B 427 -0.52 12.96 67.32
N ILE B 428 -1.34 13.46 66.39
CA ILE B 428 -1.44 14.89 66.14
C ILE B 428 -1.91 15.61 67.39
N GLY B 429 -2.68 14.91 68.22
CA GLY B 429 -3.07 15.44 69.51
C GLY B 429 -1.88 15.42 70.45
N ASN B 430 -1.08 14.36 70.36
CA ASN B 430 0.08 14.20 71.24
C ASN B 430 1.25 15.11 70.87
N ILE B 431 1.09 15.83 69.76
CA ILE B 431 1.99 16.93 69.44
C ILE B 431 2.07 17.88 70.62
N ASP B 432 0.96 17.99 71.36
CA ASP B 432 0.91 18.74 72.61
C ASP B 432 2.02 18.27 73.54
N THR B 433 2.10 16.97 73.76
CA THR B 433 3.10 16.39 74.66
C THR B 433 4.51 16.60 74.12
N LEU B 434 4.66 16.44 72.80
CA LEU B 434 5.96 16.60 72.17
C LEU B 434 6.51 18.01 72.39
N MET B 435 5.70 19.02 72.06
CA MET B 435 6.12 20.39 72.22
C MET B 435 6.19 20.78 73.69
N ARG B 436 5.49 20.05 74.54
CA ARG B 436 5.60 20.26 75.98
C ARG B 436 7.01 19.94 76.41
N HIS B 437 7.49 18.76 76.01
CA HIS B 437 8.87 18.39 76.33
C HIS B 437 9.85 19.34 75.64
N GLU B 438 9.43 19.89 74.51
CA GLU B 438 10.31 20.71 73.70
C GLU B 438 9.93 22.20 73.73
N LYS B 439 9.57 22.69 74.91
CA LYS B 439 9.35 24.13 75.07
C LYS B 439 10.70 24.81 75.20
N ASP B 440 11.53 24.27 76.09
CA ASP B 440 12.88 24.75 76.29
C ASP B 440 13.82 24.10 75.28
N THR B 441 13.28 23.66 74.16
CA THR B 441 14.07 22.96 73.15
C THR B 441 15.03 23.94 72.48
N GLU B 442 16.18 23.42 72.06
CA GLU B 442 17.12 24.21 71.28
C GLU B 442 16.34 24.73 70.08
N PHE B 443 16.47 26.03 69.82
CA PHE B 443 15.50 26.74 68.98
C PHE B 443 15.78 26.65 67.48
N HIS B 444 14.71 26.57 66.70
CA HIS B 444 14.77 26.51 65.25
C HIS B 444 15.35 27.75 64.61
N SER B 445 16.64 27.70 64.28
CA SER B 445 17.29 28.77 63.56
C SER B 445 17.24 28.52 62.05
N THR B 446 16.43 29.30 61.36
CA THR B 446 16.30 29.17 59.91
C THR B 446 17.60 29.53 59.19
N ASN B 447 17.64 29.26 57.88
CA ASN B 447 18.88 29.39 57.11
C ASN B 447 19.45 30.81 56.97
N PRO B 448 18.62 31.87 57.06
CA PRO B 448 19.34 33.15 57.17
C PRO B 448 19.88 33.36 58.57
N GLU B 449 21.16 33.66 58.70
CA GLU B 449 21.76 33.87 60.01
C GLU B 449 21.50 35.29 60.50
N ALA B 450 20.91 36.11 59.63
CA ALA B 450 20.59 37.50 59.98
C ALA B 450 19.50 37.54 61.03
N VAL B 451 18.41 36.81 60.77
CA VAL B 451 17.24 36.78 61.63
C VAL B 451 17.53 36.06 62.96
N PRO B 452 16.98 36.58 64.07
CA PRO B 452 17.12 35.91 65.36
C PRO B 452 16.33 34.60 65.39
N VAL B 453 16.44 33.85 66.48
CA VAL B 453 15.88 32.51 66.51
C VAL B 453 14.75 32.35 67.54
N LYS B 454 13.75 31.55 67.18
CA LYS B 454 12.57 31.33 68.01
C LYS B 454 12.49 29.89 68.52
N ILE B 455 11.89 29.70 69.70
CA ILE B 455 11.78 28.38 70.31
C ILE B 455 10.50 27.66 69.91
N GLY B 456 10.18 26.58 70.63
CA GLY B 456 9.04 25.73 70.29
C GLY B 456 7.80 25.90 71.16
N GLU B 457 7.89 26.71 72.21
CA GLU B 457 6.75 26.98 73.07
C GLU B 457 5.69 27.78 72.32
N TYR B 458 6.16 28.48 71.29
CA TYR B 458 5.33 29.08 70.25
C TYR B 458 4.02 28.37 69.96
N TRP B 459 4.12 27.08 69.66
CA TRP B 459 2.97 26.25 69.30
C TRP B 459 2.06 26.02 70.51
N ILE B 460 2.66 25.69 71.65
CA ILE B 460 1.94 25.44 72.89
C ILE B 460 1.04 26.60 73.29
N ASN B 461 1.60 27.80 73.29
CA ASN B 461 0.83 28.99 73.66
C ASN B 461 -0.41 29.18 72.77
N ASP B 462 -0.21 29.11 71.46
CA ASP B 462 -1.30 29.21 70.49
C ASP B 462 -2.38 28.17 70.77
N GLN B 463 -1.93 26.94 71.07
CA GLN B 463 -2.84 25.84 71.35
C GLN B 463 -3.62 26.14 72.63
N ARG B 464 -2.97 26.85 73.55
CA ARG B 464 -3.58 27.25 74.81
C ARG B 464 -4.57 28.37 74.55
N ILE B 465 -4.39 29.06 73.43
CA ILE B 465 -5.30 30.13 73.01
C ILE B 465 -6.52 29.49 72.35
N ASN B 466 -6.35 28.29 71.79
CA ASN B 466 -7.48 27.63 71.15
C ASN B 466 -8.09 26.48 71.95
N ASN B 467 -7.26 25.57 72.45
CA ASN B 467 -7.75 24.45 73.26
C ASN B 467 -6.66 23.83 74.11
N THR B 473 -10.98 21.14 67.68
CA THR B 473 -10.04 21.10 68.80
C THR B 473 -8.67 20.61 68.33
N GLN B 474 -8.68 19.69 67.36
CA GLN B 474 -7.44 19.18 66.79
C GLN B 474 -6.69 20.30 66.06
N LYS B 475 -7.45 21.17 65.39
CA LYS B 475 -6.90 22.33 64.69
C LYS B 475 -5.60 22.05 63.96
N LYS B 476 -5.68 21.21 62.94
CA LYS B 476 -4.54 20.88 62.09
C LYS B 476 -4.23 22.12 61.25
N HIS B 477 -5.28 22.90 61.03
CA HIS B 477 -5.22 24.14 60.27
C HIS B 477 -4.20 25.12 60.81
N ASP B 478 -4.02 25.15 62.13
CA ASP B 478 -3.01 26.03 62.68
C ASP B 478 -1.60 25.53 62.31
N LEU B 479 -1.41 24.21 62.31
CA LEU B 479 -0.11 23.62 61.92
C LEU B 479 0.22 23.87 60.45
N ILE B 480 -0.77 23.60 59.60
CA ILE B 480 -0.61 23.88 58.19
C ILE B 480 -0.36 25.38 58.00
N PHE B 481 -1.06 26.20 58.77
CA PHE B 481 -0.81 27.64 58.81
C PHE B 481 0.62 27.96 59.24
N LEU B 482 1.18 27.10 60.11
CA LEU B 482 2.55 27.25 60.55
C LEU B 482 3.47 27.03 59.37
N MET B 483 3.10 26.09 58.50
CA MET B 483 3.83 25.94 57.24
C MET B 483 3.61 27.20 56.37
N GLN B 484 2.41 27.76 56.44
CA GLN B 484 2.04 28.94 55.66
C GLN B 484 2.77 30.19 56.15
N ASN B 485 2.53 30.54 57.41
CA ASN B 485 3.24 31.65 58.03
C ASN B 485 4.56 31.16 58.63
N ASP B 486 5.12 31.95 59.55
CA ASP B 486 6.34 31.58 60.28
C ASP B 486 7.45 31.01 59.39
N ALA B 487 8.22 31.89 58.78
CA ALA B 487 9.27 31.50 57.86
C ALA B 487 10.35 30.63 58.51
N TRP B 488 10.76 31.04 59.70
CA TRP B 488 11.84 30.40 60.45
C TRP B 488 11.66 28.89 60.60
N TYR B 489 10.42 28.43 60.67
CA TYR B 489 10.13 27.02 60.83
C TYR B 489 10.23 26.27 59.50
N PHE B 490 9.42 26.66 58.53
CA PHE B 490 9.30 25.88 57.31
C PHE B 490 10.56 25.97 56.47
N SER B 491 11.36 27.00 56.70
CA SER B 491 12.65 27.07 56.05
C SER B 491 13.56 25.93 56.51
N ARG B 492 13.69 25.79 57.82
CA ARG B 492 14.47 24.70 58.41
C ARG B 492 13.91 23.35 57.98
N VAL B 493 12.59 23.21 58.04
CA VAL B 493 11.96 21.95 57.67
C VAL B 493 12.30 21.57 56.23
N ASN B 494 11.99 22.47 55.30
CA ASN B 494 12.24 22.24 53.88
C ASN B 494 13.70 21.94 53.61
N ALA B 495 14.59 22.67 54.28
CA ALA B 495 16.02 22.47 54.09
C ALA B 495 16.46 21.09 54.55
N ILE B 496 16.12 20.74 55.80
CA ILE B 496 16.53 19.46 56.38
C ILE B 496 15.95 18.28 55.60
N ALA B 497 14.69 18.39 55.19
CA ALA B 497 14.03 17.32 54.46
C ALA B 497 14.70 17.06 53.12
N GLN B 498 15.01 18.14 52.40
CA GLN B 498 15.60 18.01 51.07
C GLN B 498 17.11 17.87 51.14
N ASN B 499 17.64 17.83 52.36
CA ASN B 499 19.07 17.66 52.58
C ASN B 499 19.93 18.72 51.89
N ARG B 500 19.64 19.99 52.16
CA ARG B 500 20.49 21.07 51.66
C ARG B 500 20.78 22.03 52.80
N ASP B 501 20.53 21.57 54.02
CA ASP B 501 20.62 22.42 55.20
C ASP B 501 22.05 22.66 55.68
N LYS B 502 22.26 23.79 56.34
CA LYS B 502 23.53 24.12 56.96
C LYS B 502 23.67 23.41 58.31
N GLY B 503 24.51 23.97 59.19
CA GLY B 503 24.67 23.42 60.52
C GLY B 503 23.40 23.54 61.34
N SER B 504 22.74 22.42 61.57
CA SER B 504 21.47 22.41 62.29
C SER B 504 21.48 21.37 63.41
N THR B 505 20.88 21.72 64.54
CA THR B 505 20.89 20.86 65.72
C THR B 505 20.14 19.55 65.48
N PHE B 506 20.53 18.51 66.21
CA PHE B 506 19.89 17.20 66.10
C PHE B 506 18.38 17.29 66.32
N LYS B 507 17.98 18.10 67.29
CA LYS B 507 16.56 18.20 67.62
C LYS B 507 15.77 18.83 66.47
N GLU B 508 16.41 19.69 65.71
CA GLU B 508 15.78 20.26 64.52
C GLU B 508 15.50 19.15 63.51
N VAL B 509 16.50 18.31 63.28
CA VAL B 509 16.35 17.17 62.39
C VAL B 509 15.21 16.28 62.85
N LEU B 510 15.22 15.94 64.14
CA LEU B 510 14.18 15.11 64.72
C LEU B 510 12.80 15.73 64.51
N ILE B 511 12.68 17.01 64.81
CA ILE B 511 11.41 17.72 64.69
C ILE B 511 10.89 17.68 63.26
N THR B 512 11.76 18.00 62.30
CA THR B 512 11.35 17.96 60.89
C THR B 512 10.91 16.56 60.49
N THR B 513 11.66 15.57 60.95
CA THR B 513 11.37 14.16 60.66
C THR B 513 10.00 13.76 61.16
N LEU B 514 9.65 14.22 62.36
CA LEU B 514 8.35 13.93 62.93
C LEU B 514 7.24 14.68 62.21
N MET B 515 7.52 15.95 61.90
CA MET B 515 6.49 16.88 61.44
C MET B 515 6.12 16.74 59.96
N THR B 516 7.04 16.24 59.13
CA THR B 516 6.74 16.11 57.71
C THR B 516 5.55 15.15 57.42
N PRO B 517 5.46 14.01 58.11
CA PRO B 517 4.24 13.24 57.88
C PRO B 517 3.02 13.90 58.52
N LEU B 518 3.22 14.52 59.68
CA LEU B 518 2.15 15.21 60.37
C LEU B 518 1.61 16.36 59.52
N THR B 519 2.50 17.13 58.92
CA THR B 519 2.06 18.18 58.02
C THR B 519 1.48 17.56 56.76
N SER B 520 1.95 16.36 56.42
CA SER B 520 1.40 15.62 55.27
C SER B 520 0.04 15.04 55.62
N LYS B 521 -0.39 15.22 56.86
CA LYS B 521 -1.77 14.98 57.25
C LYS B 521 -2.62 16.20 56.89
N ALA B 522 -2.22 16.92 55.84
CA ALA B 522 -3.04 17.96 55.23
C ALA B 522 -4.09 17.33 54.32
N LEU B 523 -3.97 16.02 54.11
CA LEU B 523 -4.91 15.28 53.28
C LEU B 523 -6.28 15.13 53.95
N VAL B 524 -6.27 15.08 55.28
CA VAL B 524 -7.50 14.82 56.04
C VAL B 524 -8.51 15.97 55.98
N ASP B 525 -8.02 17.21 56.00
CA ASP B 525 -8.91 18.37 56.04
C ASP B 525 -9.44 18.79 54.67
N THR B 526 -8.97 18.12 53.62
CA THR B 526 -9.38 18.45 52.25
C THR B 526 -9.48 17.17 51.42
N SER B 527 -10.50 16.38 51.70
CA SER B 527 -10.68 15.09 51.02
C SER B 527 -11.21 15.25 49.60
N GLN B 528 -10.41 14.78 48.64
CA GLN B 528 -10.72 14.88 47.22
C GLN B 528 -11.00 16.32 46.76
N ALA B 529 -10.42 17.28 47.48
CA ALA B 529 -10.41 18.66 47.02
C ALA B 529 -9.52 18.63 45.78
N LYS B 530 -10.17 18.78 44.62
CA LYS B 530 -9.56 18.44 43.34
C LYS B 530 -8.20 19.06 43.07
N PRO B 531 -7.22 18.19 42.76
CA PRO B 531 -5.85 18.58 42.41
C PRO B 531 -5.79 19.33 41.09
N PRO B 532 -5.21 20.52 41.10
CA PRO B 532 -5.29 21.37 39.90
C PRO B 532 -4.35 20.84 38.82
N THR B 533 -4.64 21.15 37.56
CA THR B 533 -3.84 20.67 36.44
C THR B 533 -2.62 21.55 36.14
N ARG B 534 -2.61 22.77 36.67
CA ARG B 534 -1.50 23.68 36.46
C ARG B 534 -1.09 24.28 37.80
N LEU B 535 0.19 24.12 38.15
CA LEU B 535 0.65 24.51 39.47
C LEU B 535 2.06 25.10 39.42
N PHE B 536 2.26 26.23 40.08
CA PHE B 536 3.54 26.94 40.01
C PHE B 536 4.35 26.98 41.31
N ARG B 537 5.66 27.05 41.17
CA ARG B 537 6.55 27.27 42.30
C ARG B 537 7.60 28.32 41.99
N GLY B 538 7.99 29.07 43.02
CA GLY B 538 8.98 30.11 42.84
C GLY B 538 10.26 29.79 43.59
N LEU B 539 11.39 30.10 42.97
CA LEU B 539 12.69 29.85 43.58
C LEU B 539 13.65 30.99 43.25
N ASN B 540 14.36 31.47 44.27
CA ASN B 540 15.42 32.44 44.05
C ASN B 540 16.76 31.73 44.15
N LEU B 541 17.46 31.67 43.03
CA LEU B 541 18.69 30.89 42.94
C LEU B 541 19.82 31.71 42.33
N SER B 542 21.05 31.30 42.60
CA SER B 542 22.21 31.93 41.98
C SER B 542 22.13 31.76 40.46
N GLU B 543 22.70 32.71 39.73
CA GLU B 543 22.60 32.66 38.27
C GLU B 543 23.35 31.48 37.68
N GLU B 544 24.37 31.02 38.40
CA GLU B 544 25.13 29.84 37.97
C GLU B 544 24.33 28.57 38.13
N PHE B 545 23.70 28.41 39.28
CA PHE B 545 22.83 27.26 39.51
C PHE B 545 21.69 27.28 38.50
N THR B 546 21.16 28.48 38.24
CA THR B 546 20.11 28.66 37.24
C THR B 546 20.58 28.21 35.87
N LYS B 547 21.81 28.59 35.51
CA LYS B 547 22.41 28.16 34.25
C LYS B 547 22.50 26.65 34.21
N GLY B 548 22.86 26.05 35.33
CA GLY B 548 22.93 24.61 35.43
C GLY B 548 21.58 23.98 35.15
N LEU B 549 20.55 24.54 35.79
CA LEU B 549 19.18 24.10 35.61
C LEU B 549 18.80 24.13 34.14
N ILE B 550 19.12 25.24 33.48
CA ILE B 550 18.85 25.40 32.06
C ILE B 550 19.56 24.32 31.25
N ASP B 551 20.83 24.08 31.54
CA ASP B 551 21.61 23.09 30.80
C ASP B 551 21.02 21.69 30.94
N GLN B 552 20.61 21.34 32.15
CA GLN B 552 20.06 20.01 32.42
C GLN B 552 18.69 19.83 31.77
N ALA B 553 17.81 20.79 32.01
CA ALA B 553 16.48 20.78 31.42
C ALA B 553 16.59 20.63 29.91
N ASN B 554 17.46 21.43 29.30
CA ASN B 554 17.71 21.33 27.88
C ASN B 554 18.26 19.98 27.47
N ALA B 555 19.11 19.39 28.30
CA ALA B 555 19.66 18.08 28.01
C ALA B 555 18.54 17.04 27.91
N MET B 556 17.56 17.13 28.80
CA MET B 556 16.42 16.21 28.75
C MET B 556 15.52 16.52 27.57
N ILE B 557 15.23 17.80 27.36
CA ILE B 557 14.31 18.24 26.30
C ILE B 557 14.79 17.86 24.91
N ALA B 558 16.07 18.11 24.65
CA ALA B 558 16.67 17.88 23.34
C ALA B 558 16.66 16.41 22.92
N ASN B 559 16.58 15.51 23.91
CA ASN B 559 16.59 14.09 23.61
C ASN B 559 15.21 13.45 23.72
N THR B 560 14.18 14.29 23.68
CA THR B 560 12.82 13.81 23.59
C THR B 560 12.23 14.16 22.23
N THR B 561 12.19 13.18 21.34
CA THR B 561 11.73 13.40 19.96
C THR B 561 10.81 12.29 19.44
N GLU B 562 9.88 12.67 18.57
CA GLU B 562 8.93 11.72 17.99
C GLU B 562 9.65 10.67 17.17
N ARG B 563 9.03 9.49 17.07
CA ARG B 563 9.70 8.29 16.56
C ARG B 563 9.87 8.19 15.05
N LEU B 564 8.76 8.07 14.33
CA LEU B 564 8.74 7.78 12.89
C LEU B 564 9.48 6.49 12.53
N PHE B 565 10.78 6.58 12.31
CA PHE B 565 11.55 5.38 12.00
C PHE B 565 12.42 4.85 13.14
N THR B 566 13.37 5.65 13.60
CA THR B 566 14.33 5.14 14.58
C THR B 566 13.89 5.36 16.02
N ASP B 567 14.39 4.49 16.91
CA ASP B 567 14.01 4.51 18.32
C ASP B 567 14.93 5.40 19.13
N HIS B 568 14.36 6.33 19.89
CA HIS B 568 15.16 7.26 20.68
C HIS B 568 14.73 7.24 22.14
N SER B 569 13.97 6.21 22.50
CA SER B 569 13.53 6.02 23.89
C SER B 569 14.67 5.70 24.85
N PRO B 570 15.65 4.87 24.45
CA PRO B 570 16.71 4.62 25.42
C PRO B 570 17.54 5.86 25.72
N GLU B 571 17.79 6.69 24.72
CA GLU B 571 18.53 7.92 24.94
C GLU B 571 17.73 8.88 25.82
N ALA B 572 16.43 8.96 25.59
CA ALA B 572 15.56 9.82 26.40
C ALA B 572 15.57 9.38 27.85
N PHE B 573 15.34 8.08 28.05
CA PHE B 573 15.41 7.46 29.36
C PHE B 573 16.72 7.79 30.04
N LYS B 574 17.82 7.59 29.32
CA LYS B 574 19.15 7.85 29.85
C LYS B 574 19.29 9.31 30.31
N GLN B 575 19.03 10.26 29.41
CA GLN B 575 19.20 11.68 29.72
C GLN B 575 18.31 12.14 30.87
N ILE B 576 17.09 11.62 30.94
CA ILE B 576 16.19 11.94 32.03
C ILE B 576 16.73 11.36 33.32
N LYS B 577 17.24 10.14 33.24
CA LYS B 577 17.79 9.44 34.39
C LYS B 577 18.99 10.18 34.98
N LEU B 578 19.88 10.67 34.12
CA LEU B 578 21.06 11.39 34.58
C LEU B 578 20.74 12.80 35.08
N ASN B 579 19.98 13.55 34.30
CA ASN B 579 19.71 14.94 34.63
C ASN B 579 18.58 15.05 35.65
N ASP B 580 18.40 16.24 36.20
CA ASP B 580 17.81 16.42 37.54
C ASP B 580 16.69 15.44 37.91
N LEU B 581 15.85 15.07 36.94
CA LEU B 581 14.72 14.18 37.20
C LEU B 581 13.78 14.82 38.24
N SER B 582 14.02 16.11 38.51
CA SER B 582 13.33 16.87 39.54
C SER B 582 13.53 16.24 40.91
N LYS B 583 14.78 16.17 41.36
CA LYS B 583 15.09 15.75 42.72
C LYS B 583 14.68 16.89 43.64
N MET B 584 14.68 18.10 43.07
CA MET B 584 14.15 19.27 43.74
C MET B 584 12.64 19.04 43.85
N SER B 585 11.94 19.87 44.60
CA SER B 585 10.48 19.74 44.77
C SER B 585 10.05 18.42 45.41
N GLY B 586 10.99 17.65 45.93
CA GLY B 586 10.66 16.37 46.52
C GLY B 586 11.11 16.24 47.97
N ARG B 587 10.76 15.11 48.57
CA ARG B 587 11.16 14.76 49.95
C ARG B 587 10.60 15.73 50.99
N THR B 588 9.65 16.57 50.59
CA THR B 588 9.03 17.51 51.52
C THR B 588 7.66 17.98 51.05
N ASN B 589 6.98 18.73 51.90
CA ASN B 589 5.69 19.31 51.55
C ASN B 589 5.89 20.61 50.79
N ALA B 590 6.00 20.51 49.47
CA ALA B 590 6.29 21.66 48.65
C ALA B 590 5.09 22.58 48.50
N SER B 591 5.34 23.87 48.70
CA SER B 591 4.31 24.89 48.57
C SER B 591 4.20 25.35 47.11
N THR B 592 2.95 25.37 46.64
CA THR B 592 2.63 25.69 45.26
C THR B 592 1.40 26.59 45.19
N THR B 593 1.19 27.24 44.04
CA THR B 593 0.00 28.06 43.85
C THR B 593 -0.62 27.80 42.48
N THR B 594 -1.95 27.80 42.44
CA THR B 594 -2.67 27.56 41.20
C THR B 594 -3.18 28.83 40.53
N GLU B 595 -3.37 29.89 41.31
CA GLU B 595 -4.01 31.09 40.80
C GLU B 595 -3.15 31.71 39.71
N ILE B 596 -1.87 31.88 40.01
CA ILE B 596 -0.86 32.17 39.00
C ILE B 596 -1.24 33.26 38.02
N LYS B 597 -1.17 34.51 38.46
CA LYS B 597 -1.29 35.63 37.53
C LYS B 597 -0.14 36.65 37.55
N LEU B 598 1.14 36.23 37.52
CA LEU B 598 1.62 34.86 37.67
C LEU B 598 1.75 34.55 39.15
N VAL B 599 1.39 35.55 39.96
CA VAL B 599 1.56 35.54 41.41
C VAL B 599 3.05 35.35 41.68
N LYS B 600 3.86 36.09 40.91
CA LYS B 600 5.24 36.28 41.28
C LYS B 600 5.21 37.03 42.59
N GLU B 601 4.27 37.96 42.68
CA GLU B 601 3.92 38.71 43.90
C GLU B 601 5.10 39.15 44.76
N THR B 602 4.96 38.98 46.07
CA THR B 602 5.98 39.38 47.02
C THR B 602 7.30 38.65 46.81
N TRP B 603 7.22 37.37 46.46
CA TRP B 603 8.43 36.59 46.20
C TRP B 603 9.09 37.11 44.94
N ASP B 604 10.42 37.20 44.93
CA ASP B 604 11.09 37.69 43.73
C ASP B 604 11.85 36.53 43.11
N SER B 605 11.08 35.59 42.58
CA SER B 605 11.60 34.34 42.04
C SER B 605 12.25 34.51 40.68
N ASN B 606 13.54 34.25 40.59
CA ASN B 606 14.26 34.34 39.33
C ASN B 606 14.17 33.04 38.56
N VAL B 607 13.74 31.98 39.24
CA VAL B 607 13.44 30.72 38.58
C VAL B 607 12.05 30.26 38.95
N ILE B 608 11.23 29.95 37.94
CA ILE B 608 9.85 29.54 38.18
C ILE B 608 9.55 28.16 37.58
N PHE B 609 8.95 27.30 38.39
CA PHE B 609 8.57 25.96 37.95
C PHE B 609 7.10 25.92 37.60
N GLU B 610 6.81 25.68 36.33
CA GLU B 610 5.45 25.40 35.90
C GLU B 610 5.27 23.89 35.81
N MET B 611 4.29 23.39 36.56
CA MET B 611 4.04 21.96 36.64
C MET B 611 2.66 21.63 36.10
N LEU B 612 2.60 20.67 35.19
CA LEU B 612 1.33 20.29 34.58
C LEU B 612 1.03 18.84 34.89
N ASP B 613 -0.03 18.64 35.66
CA ASP B 613 -0.46 17.30 36.02
C ASP B 613 -1.92 17.04 35.65
N PRO B 614 -2.17 16.77 34.36
CA PRO B 614 -3.52 16.48 33.90
C PRO B 614 -4.01 15.12 34.38
N ASP B 615 -3.08 14.22 34.69
CA ASP B 615 -3.41 12.88 35.17
C ASP B 615 -3.68 12.86 36.67
N GLY B 616 -3.48 14.00 37.32
CA GLY B 616 -3.72 14.12 38.75
C GLY B 616 -2.80 13.27 39.61
N LEU B 617 -1.63 12.95 39.07
CA LEU B 617 -0.65 12.10 39.76
C LEU B 617 -0.12 12.76 41.01
N LEU B 618 0.10 14.07 40.95
CA LEU B 618 0.49 14.84 42.13
C LEU B 618 -0.68 14.86 43.11
N HIS B 619 -0.57 14.09 44.18
CA HIS B 619 -1.62 14.08 45.18
C HIS B 619 -1.44 15.29 46.08
N SER B 620 -1.89 16.44 45.59
CA SER B 620 -1.69 17.71 46.27
C SER B 620 -2.99 18.17 46.91
N LYS B 621 -2.88 18.77 48.09
CA LYS B 621 -4.08 19.21 48.80
C LYS B 621 -4.02 20.71 49.06
N GLN B 622 -5.19 21.34 49.14
CA GLN B 622 -5.24 22.79 49.34
C GLN B 622 -5.14 23.15 50.82
N VAL B 623 -4.28 24.10 51.12
CA VAL B 623 -4.05 24.52 52.51
C VAL B 623 -4.97 25.67 52.90
N THR B 630 -4.55 34.70 49.74
CA THR B 630 -5.45 34.00 50.65
C THR B 630 -6.36 33.05 49.91
N GLU B 631 -6.36 33.15 48.58
CA GLU B 631 -7.22 32.30 47.74
C GLU B 631 -6.70 30.86 47.68
N SER B 632 -6.83 30.23 46.52
CA SER B 632 -6.46 28.83 46.39
C SER B 632 -4.99 28.60 46.03
N GLU B 633 -4.31 27.94 46.96
CA GLU B 633 -2.92 27.52 46.81
C GLU B 633 -2.87 26.04 47.22
N PHE B 634 -1.85 25.31 46.81
CA PHE B 634 -1.82 23.88 47.10
C PHE B 634 -0.45 23.41 47.56
N SER B 635 -0.42 22.31 48.32
CA SER B 635 0.84 21.70 48.75
C SER B 635 0.95 20.25 48.29
N VAL B 636 2.16 19.86 47.89
CA VAL B 636 2.40 18.54 47.32
C VAL B 636 3.63 17.83 47.90
N TYR B 637 3.44 16.60 48.33
CA TYR B 637 4.57 15.74 48.67
C TYR B 637 4.72 14.68 47.59
N LEU B 638 5.66 14.95 46.68
CA LEU B 638 5.84 14.16 45.47
C LEU B 638 6.20 12.69 45.74
N PRO B 639 5.36 11.76 45.25
CA PRO B 639 5.60 10.32 45.38
C PRO B 639 6.83 9.89 44.58
N GLU B 640 7.49 8.82 45.01
CA GLU B 640 8.76 8.42 44.39
C GLU B 640 8.62 7.97 42.94
N ASP B 641 7.45 7.45 42.57
CA ASP B 641 7.21 7.00 41.20
C ASP B 641 6.96 8.15 40.23
N VAL B 642 6.27 9.19 40.69
CA VAL B 642 5.96 10.32 39.83
C VAL B 642 7.17 11.25 39.70
N ALA B 643 7.50 11.59 38.46
CA ALA B 643 8.61 12.48 38.19
C ALA B 643 8.15 13.72 37.42
N LEU B 644 8.90 14.80 37.56
CA LEU B 644 8.63 16.01 36.82
C LEU B 644 9.65 16.17 35.69
N VAL B 645 9.21 15.88 34.47
CA VAL B 645 10.09 15.96 33.30
C VAL B 645 9.83 17.25 32.53
N PRO B 646 10.90 18.02 32.25
CA PRO B 646 10.79 19.27 31.50
C PRO B 646 10.40 19.05 30.04
N VAL B 647 9.50 19.88 29.54
CA VAL B 647 9.12 19.85 28.14
C VAL B 647 9.61 21.11 27.43
N LYS B 648 9.41 22.27 28.06
CA LYS B 648 9.94 23.52 27.51
C LYS B 648 10.45 24.45 28.60
N VAL B 649 11.41 25.30 28.24
CA VAL B 649 11.96 26.32 29.12
C VAL B 649 11.95 27.67 28.43
N THR B 650 11.17 28.62 28.94
CA THR B 650 11.04 29.93 28.28
C THR B 650 11.52 31.09 29.16
N LEU B 651 11.87 32.21 28.53
CA LEU B 651 12.45 33.34 29.24
C LEU B 651 11.43 34.11 30.07
N ASP B 652 10.46 34.72 29.39
CA ASP B 652 9.40 35.50 30.04
C ASP B 652 9.90 36.67 30.88
N GLY B 653 10.55 37.64 30.24
CA GLY B 653 10.94 38.87 30.91
C GLY B 653 11.87 38.78 32.12
N LYS B 654 12.26 39.95 32.62
CA LYS B 654 13.09 40.04 33.80
C LYS B 654 12.26 40.38 35.03
N THR B 655 12.76 40.04 36.20
CA THR B 655 12.09 40.34 37.46
C THR B 655 12.38 41.78 37.87
N GLN B 656 11.85 42.19 39.02
CA GLN B 656 11.97 43.57 39.45
C GLN B 656 13.35 43.85 40.01
N LYS B 657 14.06 42.81 40.44
CA LYS B 657 15.38 42.97 41.03
C LYS B 657 16.46 43.13 39.95
N GLY B 658 16.07 42.96 38.69
CA GLY B 658 17.02 43.10 37.60
C GLY B 658 17.46 41.73 37.11
N GLU B 659 17.06 40.71 37.85
CA GLU B 659 17.41 39.32 37.56
C GLU B 659 16.63 38.76 36.38
N ASN B 660 17.33 38.06 35.50
CA ASN B 660 16.67 37.33 34.41
C ASN B 660 15.85 36.18 34.95
N ARG B 661 14.55 36.18 34.65
CA ARG B 661 13.69 35.13 35.17
C ARG B 661 13.52 34.05 34.10
N TYR B 662 13.34 32.81 34.54
CA TYR B 662 13.14 31.70 33.63
C TYR B 662 11.97 30.87 34.12
N VAL B 663 11.20 30.31 33.19
CA VAL B 663 10.14 29.39 33.56
C VAL B 663 10.36 28.01 32.94
N PHE B 664 10.39 27.01 33.80
CA PHE B 664 10.52 25.62 33.39
C PHE B 664 9.17 24.92 33.47
N THR B 665 8.72 24.35 32.36
CA THR B 665 7.49 23.57 32.37
C THR B 665 7.77 22.07 32.48
N PHE B 666 7.18 21.45 33.49
CA PHE B 666 7.31 20.02 33.73
C PHE B 666 6.02 19.28 33.49
N VAL B 667 6.11 17.99 33.19
CA VAL B 667 4.91 17.14 33.09
C VAL B 667 5.02 15.95 34.04
N ALA B 668 4.00 15.75 34.87
CA ALA B 668 4.02 14.66 35.83
C ALA B 668 4.01 13.31 35.11
N VAL B 669 5.01 12.49 35.38
CA VAL B 669 5.13 11.18 34.75
C VAL B 669 5.36 10.08 35.79
N LYS B 670 4.44 9.13 35.84
CA LYS B 670 4.51 8.04 36.81
C LYS B 670 5.11 6.77 36.19
N SER B 671 6.13 6.22 36.85
CA SER B 671 6.79 5.00 36.40
C SER B 671 7.65 4.37 37.49
N PRO B 672 7.68 3.03 37.56
CA PRO B 672 8.54 2.35 38.53
C PRO B 672 10.01 2.63 38.24
N ASP B 673 10.29 3.12 37.03
CA ASP B 673 11.64 3.53 36.66
C ASP B 673 12.11 4.71 37.52
N PHE B 674 11.17 5.41 38.15
CA PHE B 674 11.54 6.55 38.98
C PHE B 674 11.66 6.20 40.46
N THR B 675 11.06 5.08 40.88
CA THR B 675 11.20 4.65 42.26
C THR B 675 12.61 4.12 42.52
N PRO B 676 13.30 4.72 43.50
CA PRO B 676 14.69 4.37 43.78
C PRO B 676 14.80 3.16 44.69
N ARG B 677 15.76 2.28 44.44
CA ARG B 677 15.93 1.09 45.26
C ARG B 677 16.58 1.43 46.59
N HIS B 678 16.02 0.87 47.66
CA HIS B 678 16.52 1.09 49.00
C HIS B 678 16.69 -0.24 49.72
N GLU B 679 17.79 -0.40 50.44
CA GLU B 679 18.01 -1.60 51.23
C GLU B 679 17.00 -1.70 52.37
N SER B 680 16.27 -2.80 52.42
CA SER B 680 15.26 -3.00 53.44
C SER B 680 15.86 -3.29 54.82
N GLY B 681 15.21 -2.79 55.86
CA GLY B 681 15.61 -3.05 57.23
C GLY B 681 16.46 -1.98 57.89
N TYR B 682 16.30 -0.74 57.46
CA TYR B 682 16.98 0.38 58.10
C TYR B 682 16.17 0.86 59.30
N ALA B 683 14.87 0.65 59.25
CA ALA B 683 13.98 1.10 60.31
C ALA B 683 13.39 -0.06 61.12
N VAL B 684 13.15 -1.19 60.45
CA VAL B 684 12.46 -2.30 61.09
C VAL B 684 13.37 -3.07 62.04
N GLU B 685 14.65 -3.14 61.69
CA GLU B 685 15.62 -3.86 62.53
C GLU B 685 15.76 -3.23 63.92
N PRO B 686 16.05 -1.91 63.99
CA PRO B 686 16.14 -1.33 65.34
C PRO B 686 14.80 -1.37 66.05
N PHE B 687 13.72 -1.36 65.28
CA PHE B 687 12.39 -1.46 65.85
C PHE B 687 12.17 -2.81 66.54
N LEU B 688 12.60 -3.88 65.87
CA LEU B 688 12.52 -5.21 66.45
C LEU B 688 13.37 -5.28 67.70
N ARG B 689 14.53 -4.63 67.66
CA ARG B 689 15.36 -4.55 68.85
C ARG B 689 14.57 -3.88 69.99
N MET B 690 13.88 -2.81 69.65
CA MET B 690 13.05 -2.08 70.61
C MET B 690 11.97 -2.96 71.22
N GLN B 691 11.28 -3.72 70.38
CA GLN B 691 10.25 -4.63 70.84
C GLN B 691 10.81 -5.68 71.77
N ALA B 692 11.93 -6.30 71.38
CA ALA B 692 12.57 -7.31 72.22
C ALA B 692 12.99 -6.75 73.58
N ALA B 693 13.48 -5.52 73.59
CA ALA B 693 13.85 -4.86 74.84
C ALA B 693 12.63 -4.62 75.71
N LYS B 694 11.56 -4.13 75.07
CA LYS B 694 10.29 -3.90 75.76
C LYS B 694 9.80 -5.19 76.41
N LEU B 695 9.96 -6.30 75.68
CA LEU B 695 9.55 -7.60 76.19
C LEU B 695 10.45 -8.06 77.33
N ALA B 696 11.71 -7.67 77.29
CA ALA B 696 12.63 -7.95 78.39
C ALA B 696 12.15 -7.24 79.66
N GLU B 697 11.73 -5.99 79.49
CA GLU B 697 11.21 -5.20 80.60
C GLU B 697 9.92 -5.82 81.14
N VAL B 698 9.06 -6.27 80.23
CA VAL B 698 7.82 -6.94 80.61
C VAL B 698 8.14 -8.20 81.41
N LYS B 699 9.16 -8.93 80.97
CA LYS B 699 9.63 -10.13 81.66
C LYS B 699 10.08 -9.77 83.07
N SER B 700 10.76 -8.63 83.20
CA SER B 700 11.14 -8.11 84.52
C SER B 700 9.90 -7.83 85.38
N SER B 701 8.85 -7.30 84.74
CA SER B 701 7.61 -6.99 85.43
C SER B 701 6.94 -8.25 85.96
N ILE B 702 6.90 -9.29 85.13
CA ILE B 702 6.32 -10.57 85.51
C ILE B 702 7.10 -11.19 86.66
N GLU B 703 8.43 -11.15 86.57
CA GLU B 703 9.28 -11.69 87.62
C GLU B 703 9.08 -10.91 88.92
N LYS B 704 8.81 -9.62 88.78
CA LYS B 704 8.50 -8.76 89.92
C LYS B 704 7.14 -9.11 90.53
N ALA B 705 6.20 -9.53 89.69
CA ALA B 705 4.87 -9.92 90.15
C ALA B 705 4.92 -11.15 91.05
N GLN B 706 5.88 -12.04 90.79
CA GLN B 706 6.02 -13.25 91.59
C GLN B 706 7.50 -13.52 91.89
N GLU B 712 5.72 -27.37 94.49
CA GLU B 712 5.10 -26.38 95.37
C GLU B 712 3.64 -26.73 95.66
N THR B 713 3.43 -27.55 96.70
CA THR B 713 2.10 -27.89 97.21
C THR B 713 1.21 -28.69 96.24
N ILE B 714 1.63 -28.79 94.98
CA ILE B 714 0.89 -29.55 93.99
C ILE B 714 0.99 -31.07 94.21
N PHE B 715 2.16 -31.53 94.64
CA PHE B 715 2.39 -32.95 94.86
C PHE B 715 1.42 -33.52 95.90
N ASN B 716 1.05 -32.68 96.87
CA ASN B 716 0.03 -33.04 97.85
C ASN B 716 -1.30 -33.32 97.15
N LEU B 717 -1.65 -32.43 96.23
CA LEU B 717 -2.87 -32.56 95.44
C LEU B 717 -2.83 -33.86 94.66
N GLN B 718 -1.67 -34.17 94.08
CA GLN B 718 -1.46 -35.46 93.42
C GLN B 718 -1.79 -36.62 94.35
N ASN B 719 -1.21 -36.57 95.55
CA ASN B 719 -1.43 -37.60 96.57
C ASN B 719 -2.91 -37.80 96.86
N GLU B 720 -3.63 -36.70 97.02
CA GLU B 720 -5.06 -36.75 97.28
C GLU B 720 -5.79 -37.37 96.08
N VAL B 721 -5.32 -37.06 94.88
CA VAL B 721 -5.90 -37.60 93.66
C VAL B 721 -5.72 -39.12 93.56
N GLU B 722 -4.63 -39.61 94.11
CA GLU B 722 -4.32 -41.04 94.05
C GLU B 722 -5.01 -41.84 95.15
N ALA B 723 -5.64 -41.16 96.09
CA ALA B 723 -6.24 -41.82 97.24
C ALA B 723 -7.71 -42.19 97.01
N VAL B 724 -7.95 -42.88 95.90
CA VAL B 724 -9.30 -43.31 95.50
C VAL B 724 -9.87 -44.36 96.46
N GLN B 725 -8.98 -45.02 97.20
CA GLN B 725 -9.34 -46.18 98.03
C GLN B 725 -10.33 -45.96 99.17
N TYR B 726 -10.45 -44.75 99.69
CA TYR B 726 -11.29 -44.54 100.87
C TYR B 726 -12.67 -43.95 100.56
N SER B 727 -13.00 -43.83 99.28
CA SER B 727 -14.28 -43.28 98.86
C SER B 727 -15.28 -44.37 98.47
N HIS B 728 -16.20 -44.70 99.38
CA HIS B 728 -17.26 -45.66 99.09
C HIS B 728 -18.49 -44.96 98.52
N LEU B 729 -18.27 -43.76 98.00
CA LEU B 729 -19.35 -42.93 97.47
C LEU B 729 -19.79 -43.40 96.09
N SER B 730 -18.94 -43.20 95.10
CA SER B 730 -19.27 -43.57 93.72
C SER B 730 -18.31 -44.66 93.23
N THR B 731 -18.89 -45.82 92.90
CA THR B 731 -18.12 -46.99 92.53
C THR B 731 -17.26 -46.83 91.29
N GLY B 732 -17.72 -46.04 90.32
CA GLY B 732 -17.00 -45.92 89.07
C GLY B 732 -16.57 -44.55 88.57
N TYR B 733 -17.41 -43.54 88.78
CA TYR B 733 -17.14 -42.21 88.20
C TYR B 733 -15.90 -41.51 88.77
N LYS B 734 -15.80 -41.42 90.09
CA LYS B 734 -14.69 -40.71 90.72
C LYS B 734 -13.32 -41.26 90.34
N ASN B 735 -13.13 -42.56 90.47
CA ASN B 735 -11.82 -43.16 90.20
C ASN B 735 -11.29 -42.87 88.81
N PHE B 736 -12.09 -43.18 87.80
CA PHE B 736 -11.67 -43.03 86.41
C PHE B 736 -11.64 -41.57 85.97
N LEU B 737 -12.50 -40.74 86.56
CA LEU B 737 -12.50 -39.31 86.26
C LEU B 737 -11.19 -38.75 86.81
N LYS B 738 -10.76 -39.27 87.94
CA LYS B 738 -9.49 -38.88 88.56
C LYS B 738 -8.34 -39.48 87.75
N ASN B 739 -8.64 -40.53 86.98
CA ASN B 739 -7.66 -41.20 86.13
C ASN B 739 -7.55 -40.49 84.79
N THR B 740 -8.46 -39.53 84.58
CA THR B 740 -8.43 -38.70 83.38
C THR B 740 -7.87 -37.32 83.73
N VAL B 741 -8.31 -36.79 84.87
CA VAL B 741 -7.87 -35.48 85.36
C VAL B 741 -6.44 -35.56 85.90
N GLY B 742 -6.10 -36.70 86.49
CA GLY B 742 -4.76 -36.96 86.98
C GLY B 742 -3.67 -36.65 85.95
N PRO B 743 -3.77 -37.23 84.75
CA PRO B 743 -2.84 -36.93 83.66
C PRO B 743 -2.70 -35.44 83.38
N VAL B 744 -3.75 -34.65 83.60
CA VAL B 744 -3.66 -33.20 83.44
C VAL B 744 -2.68 -32.64 84.46
N LEU B 745 -2.73 -33.15 85.68
CA LEU B 745 -1.79 -32.77 86.72
C LEU B 745 -0.38 -33.18 86.33
N GLU B 746 -0.25 -34.41 85.85
CA GLU B 746 1.06 -34.95 85.45
C GLU B 746 1.70 -34.11 84.36
N ASN B 747 0.94 -33.77 83.33
CA ASN B 747 1.47 -33.02 82.20
C ASN B 747 1.68 -31.54 82.53
N SER B 748 0.85 -30.98 83.40
CA SER B 748 1.05 -29.60 83.82
C SER B 748 2.29 -29.46 84.70
N LEU B 749 2.56 -30.50 85.49
CA LEU B 749 3.75 -30.50 86.35
C LEU B 749 4.99 -30.71 85.50
N SER B 750 4.95 -31.69 84.62
CA SER B 750 6.06 -31.97 83.71
C SER B 750 6.34 -30.78 82.81
N GLY B 751 5.28 -30.04 82.48
CA GLY B 751 5.40 -28.84 81.68
C GLY B 751 6.07 -27.73 82.47
N LEU B 752 5.64 -27.55 83.72
CA LEU B 752 6.24 -26.54 84.57
C LEU B 752 7.73 -26.81 84.78
N MET B 753 8.08 -28.08 84.92
CA MET B 753 9.46 -28.47 85.10
C MET B 753 10.26 -28.35 83.80
N GLU B 754 9.76 -28.93 82.73
CA GLU B 754 10.47 -28.98 81.44
C GLU B 754 10.46 -27.64 80.71
N SER B 755 11.23 -27.57 79.62
CA SER B 755 11.42 -26.37 78.82
C SER B 755 10.21 -25.92 78.01
N ASP B 756 10.45 -24.88 77.20
CA ASP B 756 9.46 -24.26 76.32
C ASP B 756 8.96 -25.19 75.20
N THR B 757 7.73 -24.93 74.76
CA THR B 757 6.98 -25.69 73.75
C THR B 757 6.40 -26.98 74.30
N ASP B 758 6.92 -27.44 75.43
CA ASP B 758 6.27 -28.53 76.13
C ASP B 758 5.22 -27.90 77.03
N THR B 759 5.48 -26.65 77.41
CA THR B 759 4.58 -25.88 78.25
C THR B 759 3.29 -25.56 77.51
N LEU B 760 3.41 -25.17 76.25
CA LEU B 760 2.25 -24.78 75.45
C LEU B 760 1.48 -26.00 75.00
N SER B 761 2.20 -27.09 74.79
CA SER B 761 1.57 -28.35 74.40
C SER B 761 0.79 -28.92 75.58
N LYS B 762 1.36 -28.80 76.77
CA LYS B 762 0.68 -29.28 77.97
C LYS B 762 -0.39 -28.31 78.42
N ALA B 763 -0.31 -27.07 77.93
CA ALA B 763 -1.37 -26.09 78.14
C ALA B 763 -2.55 -26.40 77.24
N LEU B 764 -2.26 -26.86 76.03
CA LEU B 764 -3.30 -27.32 75.11
C LEU B 764 -3.89 -28.61 75.66
N ALA B 765 -3.04 -29.36 76.37
CA ALA B 765 -3.47 -30.58 77.05
C ALA B 765 -4.26 -30.21 78.29
N ALA B 766 -3.97 -29.04 78.84
CA ALA B 766 -4.66 -28.56 80.04
C ALA B 766 -6.08 -28.14 79.67
N PHE B 767 -7.01 -29.07 79.83
CA PHE B 767 -8.39 -28.83 79.48
C PHE B 767 -9.36 -29.46 80.49
N PRO B 768 -9.35 -28.98 81.75
CA PRO B 768 -10.31 -29.50 82.73
C PRO B 768 -11.73 -29.01 82.46
N SER B 769 -12.67 -29.94 82.27
CA SER B 769 -14.05 -29.58 81.94
C SER B 769 -14.88 -29.29 83.18
N ASP B 770 -16.10 -28.82 82.96
CA ASP B 770 -17.00 -28.49 84.07
C ASP B 770 -17.58 -29.73 84.72
N PHE B 778 -25.24 -31.73 97.87
CA PHE B 778 -24.60 -32.75 98.68
C PHE B 778 -23.10 -32.79 98.41
N GLU B 779 -22.68 -32.13 97.34
CA GLU B 779 -21.29 -32.14 96.93
C GLU B 779 -20.42 -31.25 97.81
N GLU B 780 -19.48 -31.88 98.52
CA GLU B 780 -18.59 -31.19 99.46
C GLU B 780 -17.16 -31.25 98.95
N ALA B 781 -16.96 -32.06 97.92
CA ALA B 781 -15.67 -32.23 97.25
C ALA B 781 -15.37 -31.08 96.29
N ARG B 782 -16.25 -30.07 96.25
CA ARG B 782 -16.06 -28.90 95.41
C ARG B 782 -14.67 -28.30 95.54
N GLN B 783 -14.22 -28.16 96.78
CA GLN B 783 -12.94 -27.54 97.09
C GLN B 783 -11.78 -28.27 96.42
N ALA B 784 -11.98 -29.53 96.05
CA ALA B 784 -10.97 -30.26 95.31
C ALA B 784 -10.72 -29.65 93.93
N LYS B 785 -11.78 -29.37 93.17
CA LYS B 785 -11.60 -28.72 91.87
C LYS B 785 -10.93 -27.36 92.00
N ARG B 786 -11.47 -26.53 92.89
CA ARG B 786 -10.99 -25.16 93.10
C ARG B 786 -9.48 -25.10 93.27
N GLN B 787 -8.96 -25.84 94.24
CA GLN B 787 -7.52 -25.86 94.49
C GLN B 787 -6.76 -26.05 93.20
N MET B 788 -7.19 -27.00 92.38
CA MET B 788 -6.49 -27.30 91.15
C MET B 788 -6.45 -26.11 90.20
N ASP B 789 -7.57 -25.41 90.05
CA ASP B 789 -7.59 -24.28 89.13
C ASP B 789 -6.72 -23.17 89.70
N ALA B 790 -6.58 -23.14 91.03
CA ALA B 790 -5.71 -22.15 91.64
C ALA B 790 -4.27 -22.34 91.14
N ILE B 791 -3.88 -23.60 90.95
CA ILE B 791 -2.56 -23.88 90.41
C ILE B 791 -2.55 -23.72 88.89
N LYS B 792 -3.72 -23.87 88.27
CA LYS B 792 -3.86 -23.71 86.82
C LYS B 792 -3.32 -22.36 86.37
N GLN B 793 -3.72 -21.31 87.08
CA GLN B 793 -3.26 -19.96 86.76
C GLN B 793 -1.75 -19.87 86.82
N MET B 794 -1.14 -20.59 87.77
CA MET B 794 0.32 -20.63 87.87
C MET B 794 0.87 -21.08 86.53
N VAL B 795 0.33 -22.20 86.03
CA VAL B 795 0.71 -22.72 84.72
C VAL B 795 0.37 -21.67 83.67
N GLY B 796 -0.81 -21.07 83.82
CA GLY B 796 -1.26 -19.99 82.96
C GLY B 796 -0.19 -18.91 82.89
N ASN B 797 0.41 -18.59 84.03
CA ASN B 797 1.51 -17.65 84.03
C ASN B 797 2.70 -18.21 83.25
N LYS B 798 3.09 -19.43 83.61
CA LYS B 798 4.30 -20.06 83.07
C LYS B 798 4.34 -20.04 81.54
N VAL B 799 3.30 -20.58 80.92
CA VAL B 799 3.21 -20.60 79.47
C VAL B 799 3.49 -19.20 78.93
N VAL B 800 2.78 -18.21 79.47
CA VAL B 800 2.96 -16.83 79.05
C VAL B 800 4.43 -16.46 79.14
N LEU B 801 5.01 -16.62 80.32
CA LEU B 801 6.37 -16.16 80.55
C LEU B 801 7.32 -16.90 79.61
N ASP B 802 6.97 -18.13 79.26
CA ASP B 802 7.83 -18.90 78.39
C ASP B 802 7.74 -18.40 76.95
N ALA B 803 6.51 -18.14 76.50
CA ALA B 803 6.29 -17.64 75.14
C ALA B 803 7.14 -16.42 74.89
N LEU B 804 7.01 -15.44 75.79
CA LEU B 804 7.80 -14.22 75.74
C LEU B 804 9.27 -14.53 75.56
N THR B 805 9.80 -15.43 76.39
CA THR B 805 11.22 -15.76 76.33
C THR B 805 11.59 -16.20 74.92
N GLN B 806 10.80 -17.14 74.38
CA GLN B 806 11.04 -17.61 73.03
C GLN B 806 11.13 -16.44 72.07
N CYS B 807 10.10 -15.59 72.14
CA CYS B 807 10.01 -14.44 71.27
C CYS B 807 11.26 -13.60 71.38
N GLN B 808 11.70 -13.36 72.62
CA GLN B 808 12.87 -12.53 72.84
C GLN B 808 14.05 -13.14 72.11
N ASP B 809 14.30 -14.43 72.33
CA ASP B 809 15.41 -15.09 71.67
C ASP B 809 15.15 -15.10 70.17
N ALA B 810 13.88 -15.29 69.79
CA ALA B 810 13.52 -15.27 68.38
C ALA B 810 13.86 -13.91 67.82
N LEU B 811 13.56 -12.87 68.58
CA LEU B 811 13.78 -11.51 68.12
C LEU B 811 15.27 -11.22 68.00
N GLU B 812 16.09 -11.98 68.74
CA GLU B 812 17.54 -11.81 68.67
C GLU B 812 18.00 -12.08 67.24
N LYS B 813 17.31 -13.01 66.60
CA LYS B 813 17.46 -13.24 65.17
C LYS B 813 16.69 -12.16 64.42
N GLN B 814 17.35 -11.52 63.46
CA GLN B 814 16.82 -10.32 62.84
C GLN B 814 15.55 -10.53 62.00
N ASN B 815 15.41 -11.70 61.39
CA ASN B 815 14.34 -11.89 60.41
C ASN B 815 13.32 -13.00 60.74
N ILE B 816 13.80 -14.22 60.98
CA ILE B 816 12.92 -15.38 61.09
C ILE B 816 11.92 -15.26 62.25
N ALA B 817 12.12 -14.25 63.08
CA ALA B 817 11.18 -13.96 64.15
C ALA B 817 9.99 -13.17 63.65
N GLY B 818 10.12 -12.59 62.45
CA GLY B 818 9.09 -11.72 61.92
C GLY B 818 7.71 -12.33 61.98
N ALA B 819 7.58 -13.58 61.54
CA ALA B 819 6.33 -14.31 61.66
C ALA B 819 6.29 -15.20 62.91
N LEU B 820 7.40 -15.85 63.23
CA LEU B 820 7.43 -16.83 64.32
C LEU B 820 7.15 -16.24 65.69
N ASP B 821 7.54 -14.99 65.89
CA ASP B 821 7.26 -14.30 67.15
C ASP B 821 5.78 -13.99 67.22
N ALA B 822 5.25 -13.44 66.14
CA ALA B 822 3.84 -13.06 66.07
C ALA B 822 2.98 -14.29 66.35
N LEU B 823 3.40 -15.43 65.82
CA LEU B 823 2.70 -16.69 66.06
C LEU B 823 2.88 -17.14 67.51
N LYS B 824 4.08 -16.89 68.04
CA LYS B 824 4.45 -17.35 69.39
C LYS B 824 3.61 -16.71 70.49
N LYS B 825 3.18 -15.47 70.26
CA LYS B 825 2.37 -14.75 71.25
C LYS B 825 0.91 -15.20 71.22
N ILE B 826 0.51 -15.81 70.10
CA ILE B 826 -0.88 -16.15 69.86
C ILE B 826 -1.52 -17.18 70.83
N PRO B 827 -0.77 -18.21 71.28
CA PRO B 827 -1.47 -19.18 72.13
C PRO B 827 -1.82 -18.64 73.52
N SER B 828 -0.91 -17.89 74.13
CA SER B 828 -1.08 -17.43 75.51
C SER B 828 -2.22 -16.42 75.64
N GLU B 829 -2.75 -15.99 74.50
CA GLU B 829 -3.71 -14.89 74.41
C GLU B 829 -4.95 -15.04 75.30
N LYS B 830 -5.54 -16.23 75.30
CA LYS B 830 -6.89 -16.43 75.83
C LYS B 830 -7.00 -16.14 77.32
N GLU B 831 -6.01 -16.55 78.11
CA GLU B 831 -6.09 -16.37 79.56
C GLU B 831 -5.28 -15.13 79.96
N MET B 832 -5.68 -14.48 81.05
CA MET B 832 -4.98 -13.28 81.53
C MET B 832 -4.75 -13.30 83.03
N GLY B 833 -4.16 -12.22 83.55
CA GLY B 833 -3.84 -12.14 84.97
C GLY B 833 -3.59 -10.76 85.54
N THR B 834 -3.03 -9.85 84.74
CA THR B 834 -2.71 -8.50 85.23
C THR B 834 -2.88 -7.44 84.12
N ILE B 835 -3.60 -6.38 84.45
CA ILE B 835 -4.13 -5.45 83.45
C ILE B 835 -3.13 -4.62 82.64
N ARG B 836 -2.20 -3.94 83.30
CA ARG B 836 -1.21 -3.11 82.61
C ARG B 836 -0.31 -3.90 81.66
N ARG B 837 0.14 -5.06 82.13
CA ARG B 837 0.96 -5.95 81.32
C ARG B 837 0.18 -6.43 80.10
N GLU B 838 -1.10 -6.73 80.33
CA GLU B 838 -1.99 -7.11 79.25
C GLU B 838 -2.15 -6.01 78.21
N LEU B 839 -2.35 -4.76 78.64
CA LEU B 839 -2.51 -3.67 77.69
C LEU B 839 -1.23 -3.47 76.90
N ARG B 840 -0.08 -3.60 77.56
CA ARG B 840 1.19 -3.45 76.85
C ARG B 840 1.36 -4.53 75.78
N GLU B 841 1.28 -5.79 76.19
CA GLU B 841 1.48 -6.90 75.26
C GLU B 841 0.43 -6.96 74.17
N GLN B 842 -0.81 -6.63 74.50
CA GLN B 842 -1.88 -6.60 73.50
C GLN B 842 -1.68 -5.49 72.48
N ILE B 843 -1.31 -4.31 72.94
CA ILE B 843 -1.04 -3.21 72.01
C ILE B 843 0.11 -3.57 71.07
N GLN B 844 1.24 -3.99 71.63
CA GLN B 844 2.40 -4.32 70.81
C GLN B 844 2.13 -5.48 69.84
N SER B 845 1.52 -6.54 70.34
CA SER B 845 1.12 -7.67 69.50
C SER B 845 0.17 -7.24 68.39
N ALA B 846 -0.72 -6.31 68.71
CA ALA B 846 -1.66 -5.78 67.73
C ALA B 846 -0.92 -5.06 66.62
N ARG B 847 0.06 -4.23 67.01
CA ARG B 847 0.86 -3.50 66.04
C ARG B 847 1.59 -4.47 65.11
N GLN B 848 2.33 -5.41 65.71
CA GLN B 848 3.04 -6.42 64.93
C GLN B 848 2.11 -7.19 63.98
N GLU B 849 0.95 -7.56 64.50
CA GLU B 849 -0.04 -8.31 63.74
C GLU B 849 -0.53 -7.53 62.53
N LEU B 850 -0.86 -6.26 62.74
CA LEU B 850 -1.25 -5.38 61.63
C LEU B 850 -0.15 -5.30 60.59
N GLU B 851 1.07 -5.05 61.04
CA GLU B 851 2.23 -4.90 60.17
C GLU B 851 2.54 -6.12 59.29
N SER B 852 2.65 -7.28 59.94
CA SER B 852 3.07 -8.51 59.25
C SER B 852 2.20 -8.84 58.05
N LEU B 853 0.92 -8.51 58.15
CA LEU B 853 -0.03 -8.85 57.09
C LEU B 853 -0.30 -7.69 56.14
N GLN B 854 -0.25 -6.46 56.62
CA GLN B 854 -0.59 -5.31 55.78
C GLN B 854 0.63 -4.76 55.03
N ARG B 855 1.78 -5.38 55.24
CA ARG B 855 3.00 -4.99 54.53
C ARG B 855 2.88 -5.33 53.05
N ALA B 856 3.42 -4.46 52.21
CA ALA B 856 3.43 -4.69 50.76
C ALA B 856 4.72 -4.15 50.15
N VAL B 857 5.31 -4.91 49.23
CA VAL B 857 6.57 -4.52 48.61
C VAL B 857 6.39 -4.18 47.13
N VAL B 858 6.68 -2.93 46.78
CA VAL B 858 6.54 -2.48 45.40
C VAL B 858 7.74 -2.95 44.57
N THR B 859 7.55 -3.00 43.26
CA THR B 859 8.56 -3.57 42.39
C THR B 859 8.99 -2.61 41.27
N PRO B 860 10.28 -2.63 40.92
CA PRO B 860 10.76 -1.70 39.89
C PRO B 860 10.86 -2.26 38.48
N VAL B 861 10.59 -3.54 38.26
CA VAL B 861 10.77 -4.11 36.93
C VAL B 861 9.60 -4.94 36.38
N VAL B 862 8.89 -5.63 37.28
CA VAL B 862 7.88 -6.62 36.90
C VAL B 862 6.88 -6.15 35.83
N THR B 863 6.59 -4.85 35.83
CA THR B 863 5.58 -4.29 34.93
C THR B 863 5.84 -4.58 33.45
N ASP B 864 7.09 -4.47 33.01
CA ASP B 864 7.44 -4.71 31.61
C ASP B 864 8.89 -5.16 31.49
N GLU B 865 9.20 -6.36 31.96
CA GLU B 865 10.58 -6.84 31.94
C GLU B 865 11.17 -6.84 30.54
N LYS B 866 10.35 -7.16 29.54
CA LYS B 866 10.79 -7.12 28.15
C LYS B 866 11.35 -5.76 27.85
N LYS B 867 10.57 -4.73 28.13
CA LYS B 867 10.99 -3.37 27.86
C LYS B 867 12.28 -3.06 28.61
N VAL B 868 12.36 -3.55 29.84
CA VAL B 868 13.52 -3.26 30.66
C VAL B 868 14.74 -3.92 30.08
N ARG B 869 14.56 -5.13 29.54
CA ARG B 869 15.68 -5.86 28.97
C ARG B 869 16.08 -5.24 27.63
N GLU B 870 15.11 -5.10 26.74
CA GLU B 870 15.39 -4.58 25.41
C GLU B 870 16.04 -3.21 25.47
N ARG B 871 15.45 -2.29 26.23
CA ARG B 871 16.01 -0.96 26.34
C ARG B 871 17.40 -1.03 26.92
N TYR B 872 17.59 -1.92 27.90
CA TYR B 872 18.90 -2.05 28.51
C TYR B 872 19.90 -2.41 27.43
N ASP B 873 19.52 -3.37 26.60
CA ASP B 873 20.40 -3.80 25.52
C ASP B 873 20.80 -2.59 24.71
N ALA B 874 19.81 -1.83 24.26
CA ALA B 874 20.07 -0.67 23.41
C ALA B 874 21.05 0.24 24.12
N LEU B 875 20.76 0.49 25.39
CA LEU B 875 21.58 1.37 26.19
C LEU B 875 23.02 0.87 26.14
N ILE B 876 23.21 -0.37 26.60
CA ILE B 876 24.57 -0.86 26.76
C ILE B 876 25.24 -0.98 25.40
N GLU B 877 24.44 -1.11 24.34
CA GLU B 877 25.05 -1.13 23.02
C GLU B 877 25.65 0.23 22.73
N ASN B 878 24.78 1.24 22.76
CA ASN B 878 25.16 2.58 22.35
C ASN B 878 26.32 3.08 23.16
N THR B 879 26.18 2.96 24.47
CA THR B 879 27.22 3.39 25.40
C THR B 879 28.53 2.71 25.09
N SER B 880 28.48 1.39 24.91
CA SER B 880 29.68 0.64 24.61
C SER B 880 30.33 1.18 23.36
N LYS B 881 29.49 1.41 22.34
CA LYS B 881 29.98 1.92 21.06
C LYS B 881 30.76 3.19 21.32
N LYS B 882 30.16 4.09 22.09
CA LYS B 882 30.80 5.37 22.33
C LYS B 882 32.10 5.18 23.08
N ILE B 883 32.08 4.33 24.10
CA ILE B 883 33.24 4.23 24.98
C ILE B 883 34.45 3.73 24.19
N THR B 884 34.24 2.64 23.46
CA THR B 884 35.30 2.08 22.63
C THR B 884 35.66 3.06 21.51
N GLU B 885 34.67 3.81 21.05
CA GLU B 885 34.90 4.81 20.01
C GLU B 885 35.83 5.89 20.57
N LEU B 886 35.72 6.12 21.88
CA LEU B 886 36.52 7.13 22.54
C LEU B 886 37.98 6.66 22.66
N GLU B 887 38.22 5.39 22.38
CA GLU B 887 39.57 4.83 22.41
C GLU B 887 40.32 5.00 21.09
N THR B 888 39.95 5.98 20.29
CA THR B 888 40.62 6.22 19.01
C THR B 888 41.20 7.65 18.87
N GLY B 889 42.50 7.69 18.55
CA GLY B 889 43.31 8.89 18.40
C GLY B 889 42.74 10.29 18.19
N LYS B 890 43.33 11.25 18.89
CA LYS B 890 42.93 12.65 18.84
C LYS B 890 44.12 13.56 19.16
N LEU B 891 44.56 14.34 18.16
CA LEU B 891 45.74 15.19 18.30
C LEU B 891 45.46 16.67 18.61
N PRO B 892 44.51 17.31 17.89
CA PRO B 892 44.27 18.73 18.20
C PRO B 892 43.81 18.95 19.64
N ASN B 893 44.58 19.72 20.40
CA ASN B 893 44.37 19.86 21.84
C ASN B 893 42.95 20.21 22.25
N LEU B 894 42.57 21.48 22.11
CA LEU B 894 41.37 21.98 22.76
C LEU B 894 40.12 21.21 22.37
N ASP B 895 39.85 21.07 21.08
CA ASP B 895 38.58 20.48 20.69
C ASP B 895 38.53 19.00 20.99
N ALA B 896 39.53 18.26 20.51
CA ALA B 896 39.50 16.82 20.67
C ALA B 896 39.61 16.37 22.12
N VAL B 897 40.53 16.97 22.87
CA VAL B 897 40.72 16.53 24.25
C VAL B 897 39.58 17.01 25.15
N LYS B 898 39.07 18.22 24.93
CA LYS B 898 37.94 18.68 25.75
C LYS B 898 36.69 17.85 25.49
N LYS B 899 36.38 17.65 24.22
CA LYS B 899 35.21 16.84 23.89
C LYS B 899 35.40 15.42 24.41
N GLY B 900 36.61 14.90 24.29
CA GLY B 900 36.92 13.59 24.83
C GLY B 900 36.73 13.46 26.32
N ILE B 901 37.06 14.52 27.06
CA ILE B 901 36.92 14.51 28.50
C ILE B 901 35.45 14.63 28.93
N SER B 902 34.70 15.54 28.33
CA SER B 902 33.28 15.66 28.67
C SER B 902 32.55 14.36 28.33
N ASN B 903 32.83 13.84 27.15
CA ASN B 903 32.30 12.55 26.74
C ASN B 903 32.66 11.48 27.76
N LEU B 904 33.90 11.49 28.21
CA LEU B 904 34.35 10.55 29.23
C LEU B 904 33.49 10.61 30.48
N SER B 905 33.31 11.81 31.02
CA SER B 905 32.57 11.96 32.27
C SER B 905 31.12 11.47 32.11
N ASN B 906 30.49 11.91 31.03
CA ASN B 906 29.12 11.51 30.79
C ASN B 906 29.04 10.00 30.61
N LEU B 907 30.08 9.41 30.03
CA LEU B 907 30.13 7.97 29.86
C LEU B 907 30.23 7.26 31.21
N LYS B 908 30.95 7.86 32.15
CA LYS B 908 31.02 7.33 33.51
C LYS B 908 29.62 7.24 34.08
N GLN B 909 28.90 8.36 34.04
CA GLN B 909 27.55 8.37 34.59
C GLN B 909 26.60 7.42 33.83
N GLU B 910 26.85 7.25 32.53
CA GLU B 910 26.10 6.29 31.73
C GLU B 910 26.29 4.86 32.23
N VAL B 911 27.54 4.49 32.50
CA VAL B 911 27.87 3.18 33.02
C VAL B 911 27.19 2.97 34.36
N THR B 912 27.19 4.00 35.20
CA THR B 912 26.45 3.91 36.45
C THR B 912 24.97 3.62 36.19
N VAL B 913 24.39 4.30 35.21
CA VAL B 913 23.00 4.05 34.85
C VAL B 913 22.75 2.59 34.45
N LEU B 914 23.59 2.09 33.54
CA LEU B 914 23.51 0.68 33.13
C LEU B 914 23.57 -0.24 34.32
N ARG B 915 24.51 0.03 35.22
CA ARG B 915 24.68 -0.78 36.42
C ARG B 915 23.40 -0.82 37.25
N ASN B 916 22.87 0.35 37.55
CA ASN B 916 21.62 0.47 38.31
C ASN B 916 20.46 -0.26 37.64
N GLU B 917 20.39 -0.14 36.33
CA GLU B 917 19.34 -0.81 35.58
C GLU B 917 19.49 -2.32 35.71
N LYS B 918 20.71 -2.83 35.62
CA LYS B 918 20.92 -4.26 35.76
C LYS B 918 20.61 -4.75 37.18
N ILE B 919 20.94 -3.94 38.17
CA ILE B 919 20.57 -4.27 39.56
C ILE B 919 19.06 -4.37 39.71
N ARG B 920 18.35 -3.35 39.23
CA ARG B 920 16.90 -3.30 39.35
C ARG B 920 16.25 -4.42 38.52
N MET B 921 16.95 -4.80 37.46
CA MET B 921 16.51 -5.87 36.58
C MET B 921 16.51 -7.20 37.31
N HIS B 922 17.68 -7.58 37.81
CA HIS B 922 17.81 -8.86 38.49
C HIS B 922 17.78 -8.72 40.01
N VAL B 923 16.97 -7.79 40.49
CA VAL B 923 16.74 -7.65 41.93
C VAL B 923 15.77 -8.72 42.38
N GLY B 924 14.83 -9.05 41.50
CA GLY B 924 13.85 -10.07 41.77
C GLY B 924 14.46 -11.46 41.76
N THR B 925 15.47 -11.65 40.91
CA THR B 925 16.15 -12.95 40.81
C THR B 925 17.22 -13.10 41.88
N ASP B 926 16.84 -12.83 43.13
CA ASP B 926 17.74 -12.94 44.27
C ASP B 926 19.01 -12.12 44.08
N LYS B 927 20.16 -12.74 44.33
CA LYS B 927 21.44 -12.06 44.23
C LYS B 927 21.84 -11.83 42.77
N VAL B 928 21.84 -10.57 42.36
CA VAL B 928 22.21 -10.21 40.99
C VAL B 928 23.72 -10.16 40.82
N ASP B 929 24.26 -11.09 40.03
CA ASP B 929 25.68 -11.07 39.68
C ASP B 929 25.83 -10.83 38.19
N PHE B 930 26.84 -11.45 37.59
CA PHE B 930 27.03 -11.44 36.14
C PHE B 930 27.28 -10.05 35.54
N SER B 931 27.52 -9.05 36.40
CA SER B 931 27.73 -7.69 35.91
C SER B 931 29.13 -7.56 35.30
N ASP B 932 29.42 -8.46 34.36
CA ASP B 932 30.72 -8.53 33.70
C ASP B 932 30.85 -7.49 32.58
N VAL B 933 29.77 -7.26 31.85
CA VAL B 933 29.79 -6.31 30.74
C VAL B 933 30.11 -4.91 31.23
N GLU B 934 29.45 -4.51 32.31
CA GLU B 934 29.67 -3.21 32.92
C GLU B 934 31.09 -3.15 33.46
N LYS B 935 31.58 -4.29 33.95
CA LYS B 935 32.94 -4.37 34.46
C LYS B 935 33.97 -4.08 33.35
N LEU B 936 33.75 -4.66 32.17
CA LEU B 936 34.64 -4.42 31.05
C LEU B 936 34.58 -2.96 30.62
N GLU B 937 33.37 -2.42 30.57
CA GLU B 937 33.19 -1.03 30.19
C GLU B 937 33.94 -0.12 31.16
N GLN B 938 33.95 -0.53 32.43
CA GLN B 938 34.68 0.20 33.45
C GLN B 938 36.18 0.13 33.25
N GLN B 939 36.70 -1.05 32.90
CA GLN B 939 38.14 -1.17 32.65
C GLN B 939 38.56 -0.28 31.47
N ILE B 940 37.73 -0.28 30.44
CA ILE B 940 37.97 0.59 29.30
C ILE B 940 37.97 2.05 29.75
N GLN B 941 37.01 2.40 30.60
CA GLN B 941 36.87 3.79 31.04
C GLN B 941 38.09 4.22 31.86
N VAL B 942 38.66 3.31 32.65
CA VAL B 942 39.87 3.61 33.40
C VAL B 942 41.02 3.86 32.42
N ILE B 943 41.08 3.00 31.40
CA ILE B 943 42.14 3.10 30.40
C ILE B 943 42.11 4.45 29.69
N ASP B 944 40.96 4.87 29.19
CA ASP B 944 40.94 6.14 28.48
C ASP B 944 40.89 7.33 29.44
N THR B 945 40.62 7.07 30.73
CA THR B 945 40.78 8.12 31.73
C THR B 945 42.27 8.48 31.79
N LYS B 946 43.10 7.46 31.98
CA LYS B 946 44.55 7.69 32.02
C LYS B 946 45.05 8.25 30.69
N LEU B 947 44.50 7.72 29.59
CA LEU B 947 44.87 8.20 28.25
C LEU B 947 44.59 9.67 28.08
N ALA B 948 43.32 10.06 28.21
CA ALA B 948 42.90 11.44 27.99
C ALA B 948 43.60 12.41 28.94
N ASP B 949 43.85 11.98 30.18
CA ASP B 949 44.58 12.81 31.12
C ASP B 949 46.02 13.06 30.66
N ALA B 950 46.72 11.98 30.36
CA ALA B 950 48.09 12.06 29.90
C ALA B 950 48.20 12.93 28.64
N TYR B 951 47.26 12.73 27.72
CA TYR B 951 47.24 13.47 26.46
C TYR B 951 46.98 14.94 26.68
N LEU B 952 46.09 15.25 27.62
CA LEU B 952 45.87 16.65 28.00
C LEU B 952 47.18 17.26 28.48
N LEU B 953 47.87 16.57 29.38
CA LEU B 953 49.18 17.03 29.84
C LEU B 953 50.14 17.31 28.68
N GLU B 954 50.21 16.37 27.74
CA GLU B 954 51.12 16.48 26.60
C GLU B 954 50.80 17.66 25.69
N VAL B 955 49.62 17.64 25.08
CA VAL B 955 49.29 18.66 24.08
C VAL B 955 49.02 20.02 24.73
N THR B 956 48.94 20.07 26.05
CA THR B 956 48.92 21.37 26.72
C THR B 956 50.34 21.82 27.02
N LYS B 957 51.26 20.87 27.15
CA LYS B 957 52.66 21.22 27.29
C LYS B 957 53.20 21.72 25.95
N GLN B 958 52.54 21.29 24.88
CA GLN B 958 52.92 21.73 23.53
C GLN B 958 52.54 23.20 23.28
N ILE B 959 51.38 23.61 23.78
CA ILE B 959 50.90 24.98 23.59
C ILE B 959 51.30 25.87 24.77
#